data_2DG9
# 
_entry.id   2DG9 
# 
_audit_conform.dict_name       mmcif_pdbx.dic 
_audit_conform.dict_version    5.392 
_audit_conform.dict_location   http://mmcif.pdb.org/dictionaries/ascii/mmcif_pdbx.dic 
# 
loop_
_database_2.database_id 
_database_2.database_code 
_database_2.pdbx_database_accession 
_database_2.pdbx_DOI 
PDB   2DG9         pdb_00002dg9 10.2210/pdb2dg9/pdb 
RCSB  RCSB025382   ?            ?                   
WWPDB D_1000025382 ?            ?                   
# 
loop_
_pdbx_audit_revision_history.ordinal 
_pdbx_audit_revision_history.data_content_type 
_pdbx_audit_revision_history.major_revision 
_pdbx_audit_revision_history.minor_revision 
_pdbx_audit_revision_history.revision_date 
1 'Structure model' 1 0 2006-04-25 
2 'Structure model' 1 1 2008-04-30 
3 'Structure model' 1 2 2011-07-13 
4 'Structure model' 1 3 2021-11-10 
5 'Structure model' 1 4 2024-05-29 
# 
_pdbx_audit_revision_details.ordinal             1 
_pdbx_audit_revision_details.revision_ordinal    1 
_pdbx_audit_revision_details.data_content_type   'Structure model' 
_pdbx_audit_revision_details.provider            repository 
_pdbx_audit_revision_details.type                'Initial release' 
_pdbx_audit_revision_details.description         ? 
_pdbx_audit_revision_details.details             ? 
# 
loop_
_pdbx_audit_revision_group.ordinal 
_pdbx_audit_revision_group.revision_ordinal 
_pdbx_audit_revision_group.data_content_type 
_pdbx_audit_revision_group.group 
1 2 'Structure model' 'Version format compliance' 
2 3 'Structure model' 'Non-polymer description'   
3 3 'Structure model' 'Version format compliance' 
4 4 'Structure model' 'Database references'       
5 4 'Structure model' 'Derived calculations'      
6 5 'Structure model' 'Data collection'           
# 
loop_
_pdbx_audit_revision_category.ordinal 
_pdbx_audit_revision_category.revision_ordinal 
_pdbx_audit_revision_category.data_content_type 
_pdbx_audit_revision_category.category 
1 4 'Structure model' database_2         
2 4 'Structure model' struct_ref_seq_dif 
3 4 'Structure model' struct_site        
4 5 'Structure model' chem_comp_atom     
5 5 'Structure model' chem_comp_bond     
# 
loop_
_pdbx_audit_revision_item.ordinal 
_pdbx_audit_revision_item.revision_ordinal 
_pdbx_audit_revision_item.data_content_type 
_pdbx_audit_revision_item.item 
1 4 'Structure model' '_database_2.pdbx_DOI'                
2 4 'Structure model' '_database_2.pdbx_database_accession' 
3 4 'Structure model' '_struct_ref_seq_dif.details'         
4 4 'Structure model' '_struct_site.pdbx_auth_asym_id'      
5 4 'Structure model' '_struct_site.pdbx_auth_comp_id'      
6 4 'Structure model' '_struct_site.pdbx_auth_seq_id'       
# 
_pdbx_database_status.status_code                     REL 
_pdbx_database_status.entry_id                        2DG9 
_pdbx_database_status.recvd_initial_deposition_date   2006-03-09 
_pdbx_database_status.deposit_site                    PDBJ 
_pdbx_database_status.process_site                    PDBJ 
_pdbx_database_status.status_code_sf                  REL 
_pdbx_database_status.status_code_mr                  ? 
_pdbx_database_status.SG_entry                        ? 
_pdbx_database_status.pdb_format_compatible           Y 
_pdbx_database_status.status_code_cs                  ? 
_pdbx_database_status.status_code_nmr_data            ? 
_pdbx_database_status.methods_development_category    ? 
# 
loop_
_pdbx_database_related.db_name 
_pdbx_database_related.db_id 
_pdbx_database_related.details 
_pdbx_database_related.content_type 
PDB 2DG3 'The wildtype FBP12' unspecified 
PDB 2DG4 .                    unspecified 
# 
loop_
_audit_author.name 
_audit_author.pdbx_ordinal 
'Fulton, K.F.'  1 
'Jackson, S.E.' 2 
'Buckle, A.M.'  3 
# 
_citation.id                        primary 
_citation.title                     'Energetic and structural analysis of the role of tryptophan 59 in FKBP12' 
_citation.journal_abbrev            Biochemistry 
_citation.journal_volume            42 
_citation.page_first                2364 
_citation.page_last                 2372 
_citation.year                      2003 
_citation.journal_id_ASTM           BICHAW 
_citation.country                   US 
_citation.journal_id_ISSN           0006-2960 
_citation.journal_id_CSD            0033 
_citation.book_publisher            ? 
_citation.pdbx_database_id_PubMed   12600203 
_citation.pdbx_database_id_DOI      10.1021/bi020564a 
# 
loop_
_citation_author.citation_id 
_citation_author.name 
_citation_author.ordinal 
_citation_author.identifier_ORCID 
primary 'Fulton, K.F.'  1 ? 
primary 'Jackson, S.E.' 2 ? 
primary 'Buckle, A.M.'  3 ? 
# 
loop_
_entity.id 
_entity.type 
_entity.src_method 
_entity.pdbx_description 
_entity.formula_weight 
_entity.pdbx_number_of_molecules 
_entity.pdbx_ec 
_entity.pdbx_mutation 
_entity.pdbx_fragment 
_entity.details 
1 polymer     man 'FK506-binding protein 1A'         11763.455 1   5.2.1.8 W59L ? ? 
2 non-polymer syn 'RAPAMYCIN IMMUNOSUPPRESSANT DRUG' 914.172   1   ?       ?    ? ? 
3 non-polymer syn GLYCEROL                           92.094    1   ?       ?    ? ? 
4 water       nat water                              18.015    140 ?       ?    ? ? 
# 
_entity_name_com.entity_id   1 
_entity_name_com.name        'Peptidyl-prolyl cis-trans isomerase, PPIase, Rotamase, 12 kDa FKBP, FKBP-12, Immunophilin FKBP12' 
# 
_entity_poly.entity_id                      1 
_entity_poly.type                           'polypeptide(L)' 
_entity_poly.nstd_linkage                   no 
_entity_poly.nstd_monomer                   no 
_entity_poly.pdbx_seq_one_letter_code       
;GVQVETISPGDGRTFPKRGQTCVVHYTGMLEDGKKFDSSRDRNKPFKFMLGKQEVIRGLEEGVAQMSVGQRAKLTISPDY
AYGATGHPGIIPPHATLVFDVELLKLE
;
_entity_poly.pdbx_seq_one_letter_code_can   
;GVQVETISPGDGRTFPKRGQTCVVHYTGMLEDGKKFDSSRDRNKPFKFMLGKQEVIRGLEEGVAQMSVGQRAKLTISPDY
AYGATGHPGIIPPHATLVFDVELLKLE
;
_entity_poly.pdbx_strand_id                 A 
_entity_poly.pdbx_target_identifier         ? 
# 
loop_
_pdbx_entity_nonpoly.entity_id 
_pdbx_entity_nonpoly.name 
_pdbx_entity_nonpoly.comp_id 
2 'RAPAMYCIN IMMUNOSUPPRESSANT DRUG' RAP 
3 GLYCEROL                           GOL 
4 water                              HOH 
# 
loop_
_entity_poly_seq.entity_id 
_entity_poly_seq.num 
_entity_poly_seq.mon_id 
_entity_poly_seq.hetero 
1 1   GLY n 
1 2   VAL n 
1 3   GLN n 
1 4   VAL n 
1 5   GLU n 
1 6   THR n 
1 7   ILE n 
1 8   SER n 
1 9   PRO n 
1 10  GLY n 
1 11  ASP n 
1 12  GLY n 
1 13  ARG n 
1 14  THR n 
1 15  PHE n 
1 16  PRO n 
1 17  LYS n 
1 18  ARG n 
1 19  GLY n 
1 20  GLN n 
1 21  THR n 
1 22  CYS n 
1 23  VAL n 
1 24  VAL n 
1 25  HIS n 
1 26  TYR n 
1 27  THR n 
1 28  GLY n 
1 29  MET n 
1 30  LEU n 
1 31  GLU n 
1 32  ASP n 
1 33  GLY n 
1 34  LYS n 
1 35  LYS n 
1 36  PHE n 
1 37  ASP n 
1 38  SER n 
1 39  SER n 
1 40  ARG n 
1 41  ASP n 
1 42  ARG n 
1 43  ASN n 
1 44  LYS n 
1 45  PRO n 
1 46  PHE n 
1 47  LYS n 
1 48  PHE n 
1 49  MET n 
1 50  LEU n 
1 51  GLY n 
1 52  LYS n 
1 53  GLN n 
1 54  GLU n 
1 55  VAL n 
1 56  ILE n 
1 57  ARG n 
1 58  GLY n 
1 59  LEU n 
1 60  GLU n 
1 61  GLU n 
1 62  GLY n 
1 63  VAL n 
1 64  ALA n 
1 65  GLN n 
1 66  MET n 
1 67  SER n 
1 68  VAL n 
1 69  GLY n 
1 70  GLN n 
1 71  ARG n 
1 72  ALA n 
1 73  LYS n 
1 74  LEU n 
1 75  THR n 
1 76  ILE n 
1 77  SER n 
1 78  PRO n 
1 79  ASP n 
1 80  TYR n 
1 81  ALA n 
1 82  TYR n 
1 83  GLY n 
1 84  ALA n 
1 85  THR n 
1 86  GLY n 
1 87  HIS n 
1 88  PRO n 
1 89  GLY n 
1 90  ILE n 
1 91  ILE n 
1 92  PRO n 
1 93  PRO n 
1 94  HIS n 
1 95  ALA n 
1 96  THR n 
1 97  LEU n 
1 98  VAL n 
1 99  PHE n 
1 100 ASP n 
1 101 VAL n 
1 102 GLU n 
1 103 LEU n 
1 104 LEU n 
1 105 LYS n 
1 106 LEU n 
1 107 GLU n 
# 
_entity_src_gen.entity_id                          1 
_entity_src_gen.pdbx_src_id                        1 
_entity_src_gen.pdbx_alt_source_flag               sample 
_entity_src_gen.pdbx_seq_type                      ? 
_entity_src_gen.pdbx_beg_seq_num                   ? 
_entity_src_gen.pdbx_end_seq_num                   ? 
_entity_src_gen.gene_src_common_name               human 
_entity_src_gen.gene_src_genus                     Homo 
_entity_src_gen.pdbx_gene_src_gene                 ? 
_entity_src_gen.gene_src_species                   ? 
_entity_src_gen.gene_src_strain                    ? 
_entity_src_gen.gene_src_tissue                    ? 
_entity_src_gen.gene_src_tissue_fraction           ? 
_entity_src_gen.gene_src_details                   ? 
_entity_src_gen.pdbx_gene_src_fragment             ? 
_entity_src_gen.pdbx_gene_src_scientific_name      'Homo sapiens' 
_entity_src_gen.pdbx_gene_src_ncbi_taxonomy_id     9606 
_entity_src_gen.pdbx_gene_src_variant              ? 
_entity_src_gen.pdbx_gene_src_cell_line            ? 
_entity_src_gen.pdbx_gene_src_atcc                 ? 
_entity_src_gen.pdbx_gene_src_organ                ? 
_entity_src_gen.pdbx_gene_src_organelle            ? 
_entity_src_gen.pdbx_gene_src_cell                 ? 
_entity_src_gen.pdbx_gene_src_cellular_location    ? 
_entity_src_gen.host_org_common_name               ? 
_entity_src_gen.pdbx_host_org_scientific_name      'Escherichia coli BL21' 
_entity_src_gen.pdbx_host_org_ncbi_taxonomy_id     511693 
_entity_src_gen.host_org_genus                     Escherichia 
_entity_src_gen.pdbx_host_org_gene                 ? 
_entity_src_gen.pdbx_host_org_organ                ? 
_entity_src_gen.host_org_species                   'Escherichia coli' 
_entity_src_gen.pdbx_host_org_tissue               ? 
_entity_src_gen.pdbx_host_org_tissue_fraction      ? 
_entity_src_gen.pdbx_host_org_strain               BL21 
_entity_src_gen.pdbx_host_org_variant              ? 
_entity_src_gen.pdbx_host_org_cell_line            ? 
_entity_src_gen.pdbx_host_org_atcc                 ? 
_entity_src_gen.pdbx_host_org_culture_collection   ? 
_entity_src_gen.pdbx_host_org_cell                 ? 
_entity_src_gen.pdbx_host_org_organelle            ? 
_entity_src_gen.pdbx_host_org_cellular_location    ? 
_entity_src_gen.pdbx_host_org_vector_type          plasmid 
_entity_src_gen.pdbx_host_org_vector               ? 
_entity_src_gen.host_org_details                   ? 
_entity_src_gen.expression_system_id               ? 
_entity_src_gen.plasmid_name                       pTrcGST 
_entity_src_gen.plasmid_details                    ? 
_entity_src_gen.pdbx_description                   ? 
# 
loop_
_chem_comp.id 
_chem_comp.type 
_chem_comp.mon_nstd_flag 
_chem_comp.name 
_chem_comp.pdbx_synonyms 
_chem_comp.formula 
_chem_comp.formula_weight 
ALA 'L-peptide linking' y ALANINE                            ?                               'C3 H7 N O2'     89.093  
ARG 'L-peptide linking' y ARGININE                           ?                               'C6 H15 N4 O2 1' 175.209 
ASN 'L-peptide linking' y ASPARAGINE                         ?                               'C4 H8 N2 O3'    132.118 
ASP 'L-peptide linking' y 'ASPARTIC ACID'                    ?                               'C4 H7 N O4'     133.103 
CYS 'L-peptide linking' y CYSTEINE                           ?                               'C3 H7 N O2 S'   121.158 
GLN 'L-peptide linking' y GLUTAMINE                          ?                               'C5 H10 N2 O3'   146.144 
GLU 'L-peptide linking' y 'GLUTAMIC ACID'                    ?                               'C5 H9 N O4'     147.129 
GLY 'peptide linking'   y GLYCINE                            ?                               'C2 H5 N O2'     75.067  
GOL non-polymer         . GLYCEROL                           'GLYCERIN; PROPANE-1,2,3-TRIOL' 'C3 H8 O3'       92.094  
HIS 'L-peptide linking' y HISTIDINE                          ?                               'C6 H10 N3 O2 1' 156.162 
HOH non-polymer         . WATER                              ?                               'H2 O'           18.015  
ILE 'L-peptide linking' y ISOLEUCINE                         ?                               'C6 H13 N O2'    131.173 
LEU 'L-peptide linking' y LEUCINE                            ?                               'C6 H13 N O2'    131.173 
LYS 'L-peptide linking' y LYSINE                             ?                               'C6 H15 N2 O2 1' 147.195 
MET 'L-peptide linking' y METHIONINE                         ?                               'C5 H11 N O2 S'  149.211 
PHE 'L-peptide linking' y PHENYLALANINE                      ?                               'C9 H11 N O2'    165.189 
PRO 'L-peptide linking' y PROLINE                            ?                               'C5 H9 N O2'     115.130 
RAP non-polymer         . 'RAPAMYCIN IMMUNOSUPPRESSANT DRUG' ?                               'C51 H79 N O13'  914.172 
SER 'L-peptide linking' y SERINE                             ?                               'C3 H7 N O3'     105.093 
THR 'L-peptide linking' y THREONINE                          ?                               'C4 H9 N O3'     119.119 
TRP 'L-peptide linking' y TRYPTOPHAN                         ?                               'C11 H12 N2 O2'  204.225 
TYR 'L-peptide linking' y TYROSINE                           ?                               'C9 H11 N O3'    181.189 
VAL 'L-peptide linking' y VALINE                             ?                               'C5 H11 N O2'    117.146 
# 
loop_
_pdbx_poly_seq_scheme.asym_id 
_pdbx_poly_seq_scheme.entity_id 
_pdbx_poly_seq_scheme.seq_id 
_pdbx_poly_seq_scheme.mon_id 
_pdbx_poly_seq_scheme.ndb_seq_num 
_pdbx_poly_seq_scheme.pdb_seq_num 
_pdbx_poly_seq_scheme.auth_seq_num 
_pdbx_poly_seq_scheme.pdb_mon_id 
_pdbx_poly_seq_scheme.auth_mon_id 
_pdbx_poly_seq_scheme.pdb_strand_id 
_pdbx_poly_seq_scheme.pdb_ins_code 
_pdbx_poly_seq_scheme.hetero 
A 1 1   GLY 1   1   1   GLY GLY A . n 
A 1 2   VAL 2   2   2   VAL VAL A . n 
A 1 3   GLN 3   3   3   GLN GLN A . n 
A 1 4   VAL 4   4   4   VAL VAL A . n 
A 1 5   GLU 5   5   5   GLU GLU A . n 
A 1 6   THR 6   6   6   THR THR A . n 
A 1 7   ILE 7   7   7   ILE ILE A . n 
A 1 8   SER 8   8   8   SER SER A . n 
A 1 9   PRO 9   9   9   PRO PRO A . n 
A 1 10  GLY 10  10  10  GLY GLY A . n 
A 1 11  ASP 11  11  11  ASP ASP A . n 
A 1 12  GLY 12  12  12  GLY GLY A . n 
A 1 13  ARG 13  13  13  ARG ARG A . n 
A 1 14  THR 14  14  14  THR THR A . n 
A 1 15  PHE 15  15  15  PHE PHE A . n 
A 1 16  PRO 16  16  16  PRO PRO A . n 
A 1 17  LYS 17  17  17  LYS LYS A . n 
A 1 18  ARG 18  18  18  ARG ARG A . n 
A 1 19  GLY 19  19  19  GLY GLY A . n 
A 1 20  GLN 20  20  20  GLN GLN A . n 
A 1 21  THR 21  21  21  THR THR A . n 
A 1 22  CYS 22  22  22  CYS CYS A . n 
A 1 23  VAL 23  23  23  VAL VAL A . n 
A 1 24  VAL 24  24  24  VAL VAL A . n 
A 1 25  HIS 25  25  25  HIS HIS A . n 
A 1 26  TYR 26  26  26  TYR TYR A . n 
A 1 27  THR 27  27  27  THR THR A . n 
A 1 28  GLY 28  28  28  GLY GLY A . n 
A 1 29  MET 29  29  29  MET MET A . n 
A 1 30  LEU 30  30  30  LEU LEU A . n 
A 1 31  GLU 31  31  31  GLU GLU A . n 
A 1 32  ASP 32  32  32  ASP ASP A . n 
A 1 33  GLY 33  33  33  GLY GLY A . n 
A 1 34  LYS 34  34  34  LYS LYS A . n 
A 1 35  LYS 35  35  35  LYS LYS A . n 
A 1 36  PHE 36  36  36  PHE PHE A . n 
A 1 37  ASP 37  37  37  ASP ASP A . n 
A 1 38  SER 38  38  38  SER SER A . n 
A 1 39  SER 39  39  39  SER SER A . n 
A 1 40  ARG 40  40  40  ARG ARG A . n 
A 1 41  ASP 41  41  41  ASP ASP A . n 
A 1 42  ARG 42  42  42  ARG ARG A . n 
A 1 43  ASN 43  43  43  ASN ASN A . n 
A 1 44  LYS 44  44  44  LYS LYS A . n 
A 1 45  PRO 45  45  45  PRO PRO A . n 
A 1 46  PHE 46  46  46  PHE PHE A . n 
A 1 47  LYS 47  47  47  LYS LYS A . n 
A 1 48  PHE 48  48  48  PHE PHE A . n 
A 1 49  MET 49  49  49  MET MET A . n 
A 1 50  LEU 50  50  50  LEU LEU A . n 
A 1 51  GLY 51  51  51  GLY GLY A . n 
A 1 52  LYS 52  52  52  LYS LYS A . n 
A 1 53  GLN 53  53  53  GLN GLN A . n 
A 1 54  GLU 54  54  54  GLU GLU A . n 
A 1 55  VAL 55  55  55  VAL VAL A . n 
A 1 56  ILE 56  56  56  ILE ILE A . n 
A 1 57  ARG 57  57  57  ARG ARG A . n 
A 1 58  GLY 58  58  58  GLY GLY A . n 
A 1 59  LEU 59  59  59  LEU LEU A . n 
A 1 60  GLU 60  60  60  GLU GLU A . n 
A 1 61  GLU 61  61  61  GLU GLU A . n 
A 1 62  GLY 62  62  62  GLY GLY A . n 
A 1 63  VAL 63  63  63  VAL VAL A . n 
A 1 64  ALA 64  64  64  ALA ALA A . n 
A 1 65  GLN 65  65  65  GLN GLN A . n 
A 1 66  MET 66  66  66  MET MET A . n 
A 1 67  SER 67  67  67  SER SER A . n 
A 1 68  VAL 68  68  68  VAL VAL A . n 
A 1 69  GLY 69  69  69  GLY GLY A . n 
A 1 70  GLN 70  70  70  GLN GLN A . n 
A 1 71  ARG 71  71  71  ARG ARG A . n 
A 1 72  ALA 72  72  72  ALA ALA A . n 
A 1 73  LYS 73  73  73  LYS LYS A . n 
A 1 74  LEU 74  74  74  LEU LEU A . n 
A 1 75  THR 75  75  75  THR THR A . n 
A 1 76  ILE 76  76  76  ILE ILE A . n 
A 1 77  SER 77  77  77  SER SER A . n 
A 1 78  PRO 78  78  78  PRO PRO A . n 
A 1 79  ASP 79  79  79  ASP ASP A . n 
A 1 80  TYR 80  80  80  TYR TYR A . n 
A 1 81  ALA 81  81  81  ALA ALA A . n 
A 1 82  TYR 82  82  82  TYR TYR A . n 
A 1 83  GLY 83  83  83  GLY GLY A . n 
A 1 84  ALA 84  84  84  ALA ALA A . n 
A 1 85  THR 85  85  85  THR THR A . n 
A 1 86  GLY 86  86  86  GLY GLY A . n 
A 1 87  HIS 87  87  87  HIS HIS A . n 
A 1 88  PRO 88  88  88  PRO PRO A . n 
A 1 89  GLY 89  89  89  GLY GLY A . n 
A 1 90  ILE 90  90  90  ILE ILE A . n 
A 1 91  ILE 91  91  91  ILE ILE A . n 
A 1 92  PRO 92  92  92  PRO PRO A . n 
A 1 93  PRO 93  93  93  PRO PRO A . n 
A 1 94  HIS 94  94  94  HIS HIS A . n 
A 1 95  ALA 95  95  95  ALA ALA A . n 
A 1 96  THR 96  96  96  THR THR A . n 
A 1 97  LEU 97  97  97  LEU LEU A . n 
A 1 98  VAL 98  98  98  VAL VAL A . n 
A 1 99  PHE 99  99  99  PHE PHE A . n 
A 1 100 ASP 100 100 100 ASP ASP A . n 
A 1 101 VAL 101 101 101 VAL VAL A . n 
A 1 102 GLU 102 102 102 GLU GLU A . n 
A 1 103 LEU 103 103 103 LEU LEU A . n 
A 1 104 LEU 104 104 104 LEU LEU A . n 
A 1 105 LYS 105 105 105 LYS LYS A . n 
A 1 106 LEU 106 106 106 LEU LEU A . n 
A 1 107 GLU 107 107 107 GLU GLU A . n 
# 
loop_
_pdbx_nonpoly_scheme.asym_id 
_pdbx_nonpoly_scheme.entity_id 
_pdbx_nonpoly_scheme.mon_id 
_pdbx_nonpoly_scheme.ndb_seq_num 
_pdbx_nonpoly_scheme.pdb_seq_num 
_pdbx_nonpoly_scheme.auth_seq_num 
_pdbx_nonpoly_scheme.pdb_mon_id 
_pdbx_nonpoly_scheme.auth_mon_id 
_pdbx_nonpoly_scheme.pdb_strand_id 
_pdbx_nonpoly_scheme.pdb_ins_code 
B 2 RAP 1   501  1   RAP RAP A . 
C 3 GOL 1   1001 1   GOL GOL A . 
D 4 HOH 1   1002 1   HOH HOH A . 
D 4 HOH 2   1003 2   HOH HOH A . 
D 4 HOH 3   1004 3   HOH HOH A . 
D 4 HOH 4   1005 4   HOH HOH A . 
D 4 HOH 5   1006 5   HOH HOH A . 
D 4 HOH 6   1007 6   HOH HOH A . 
D 4 HOH 7   1008 7   HOH HOH A . 
D 4 HOH 8   1009 8   HOH HOH A . 
D 4 HOH 9   1010 9   HOH HOH A . 
D 4 HOH 10  1011 10  HOH HOH A . 
D 4 HOH 11  1012 11  HOH HOH A . 
D 4 HOH 12  1013 12  HOH HOH A . 
D 4 HOH 13  1014 13  HOH HOH A . 
D 4 HOH 14  1015 14  HOH HOH A . 
D 4 HOH 15  1016 15  HOH HOH A . 
D 4 HOH 16  1017 16  HOH HOH A . 
D 4 HOH 17  1018 17  HOH HOH A . 
D 4 HOH 18  1019 18  HOH HOH A . 
D 4 HOH 19  1020 19  HOH HOH A . 
D 4 HOH 20  1021 20  HOH HOH A . 
D 4 HOH 21  1022 21  HOH HOH A . 
D 4 HOH 22  1023 22  HOH HOH A . 
D 4 HOH 23  1024 23  HOH HOH A . 
D 4 HOH 24  1025 24  HOH HOH A . 
D 4 HOH 25  1026 25  HOH HOH A . 
D 4 HOH 26  1027 26  HOH HOH A . 
D 4 HOH 27  1028 27  HOH HOH A . 
D 4 HOH 28  1029 28  HOH HOH A . 
D 4 HOH 29  1030 29  HOH HOH A . 
D 4 HOH 30  1031 30  HOH HOH A . 
D 4 HOH 31  1032 31  HOH HOH A . 
D 4 HOH 32  1033 32  HOH HOH A . 
D 4 HOH 33  1034 33  HOH HOH A . 
D 4 HOH 34  1035 34  HOH HOH A . 
D 4 HOH 35  1036 35  HOH HOH A . 
D 4 HOH 36  1037 36  HOH HOH A . 
D 4 HOH 37  1038 37  HOH HOH A . 
D 4 HOH 38  1039 38  HOH HOH A . 
D 4 HOH 39  1040 39  HOH HOH A . 
D 4 HOH 40  1041 40  HOH HOH A . 
D 4 HOH 41  1042 41  HOH HOH A . 
D 4 HOH 42  1043 42  HOH HOH A . 
D 4 HOH 43  1044 43  HOH HOH A . 
D 4 HOH 44  1045 45  HOH HOH A . 
D 4 HOH 45  1046 46  HOH HOH A . 
D 4 HOH 46  1047 47  HOH HOH A . 
D 4 HOH 47  1048 48  HOH HOH A . 
D 4 HOH 48  1049 49  HOH HOH A . 
D 4 HOH 49  1050 50  HOH HOH A . 
D 4 HOH 50  1051 51  HOH HOH A . 
D 4 HOH 51  1052 52  HOH HOH A . 
D 4 HOH 52  1053 53  HOH HOH A . 
D 4 HOH 53  1054 54  HOH HOH A . 
D 4 HOH 54  1055 55  HOH HOH A . 
D 4 HOH 55  1056 56  HOH HOH A . 
D 4 HOH 56  1057 57  HOH HOH A . 
D 4 HOH 57  1058 58  HOH HOH A . 
D 4 HOH 58  1059 59  HOH HOH A . 
D 4 HOH 59  1060 60  HOH HOH A . 
D 4 HOH 60  1061 61  HOH HOH A . 
D 4 HOH 61  1062 62  HOH HOH A . 
D 4 HOH 62  1063 63  HOH HOH A . 
D 4 HOH 63  1064 64  HOH HOH A . 
D 4 HOH 64  1065 65  HOH HOH A . 
D 4 HOH 65  1066 66  HOH HOH A . 
D 4 HOH 66  1067 67  HOH HOH A . 
D 4 HOH 67  1068 68  HOH HOH A . 
D 4 HOH 68  1069 69  HOH HOH A . 
D 4 HOH 69  1070 70  HOH HOH A . 
D 4 HOH 70  1071 71  HOH HOH A . 
D 4 HOH 71  1072 72  HOH HOH A . 
D 4 HOH 72  1073 74  HOH HOH A . 
D 4 HOH 73  1074 75  HOH HOH A . 
D 4 HOH 74  1075 76  HOH HOH A . 
D 4 HOH 75  1076 77  HOH HOH A . 
D 4 HOH 76  1077 78  HOH HOH A . 
D 4 HOH 77  1078 79  HOH HOH A . 
D 4 HOH 78  1079 80  HOH HOH A . 
D 4 HOH 79  1080 81  HOH HOH A . 
D 4 HOH 80  1081 82  HOH HOH A . 
D 4 HOH 81  1082 83  HOH HOH A . 
D 4 HOH 82  1083 84  HOH HOH A . 
D 4 HOH 83  1084 85  HOH HOH A . 
D 4 HOH 84  1085 86  HOH HOH A . 
D 4 HOH 85  1086 87  HOH HOH A . 
D 4 HOH 86  1087 88  HOH HOH A . 
D 4 HOH 87  1088 89  HOH HOH A . 
D 4 HOH 88  1089 90  HOH HOH A . 
D 4 HOH 89  1090 91  HOH HOH A . 
D 4 HOH 90  1091 92  HOH HOH A . 
D 4 HOH 91  1092 93  HOH HOH A . 
D 4 HOH 92  1093 94  HOH HOH A . 
D 4 HOH 93  1094 95  HOH HOH A . 
D 4 HOH 94  1095 96  HOH HOH A . 
D 4 HOH 95  1096 97  HOH HOH A . 
D 4 HOH 96  1097 98  HOH HOH A . 
D 4 HOH 97  1098 99  HOH HOH A . 
D 4 HOH 98  1099 100 HOH HOH A . 
D 4 HOH 99  1100 101 HOH HOH A . 
D 4 HOH 100 1101 102 HOH HOH A . 
D 4 HOH 101 1102 103 HOH HOH A . 
D 4 HOH 102 1103 104 HOH HOH A . 
D 4 HOH 103 1104 105 HOH HOH A . 
D 4 HOH 104 1105 106 HOH HOH A . 
D 4 HOH 105 1106 107 HOH HOH A . 
D 4 HOH 106 1107 108 HOH HOH A . 
D 4 HOH 107 1108 109 HOH HOH A . 
D 4 HOH 108 1109 110 HOH HOH A . 
D 4 HOH 109 1110 111 HOH HOH A . 
D 4 HOH 110 1111 112 HOH HOH A . 
D 4 HOH 111 1112 113 HOH HOH A . 
D 4 HOH 112 1113 114 HOH HOH A . 
D 4 HOH 113 1114 115 HOH HOH A . 
D 4 HOH 114 1115 116 HOH HOH A . 
D 4 HOH 115 1116 117 HOH HOH A . 
D 4 HOH 116 1117 118 HOH HOH A . 
D 4 HOH 117 1118 119 HOH HOH A . 
D 4 HOH 118 1119 120 HOH HOH A . 
D 4 HOH 119 1120 122 HOH HOH A . 
D 4 HOH 120 1121 123 HOH HOH A . 
D 4 HOH 121 1122 125 HOH HOH A . 
D 4 HOH 122 1123 126 HOH HOH A . 
D 4 HOH 123 1124 127 HOH HOH A . 
D 4 HOH 124 1125 128 HOH HOH A . 
D 4 HOH 125 1126 129 HOH HOH A . 
D 4 HOH 126 1127 130 HOH HOH A . 
D 4 HOH 127 1128 132 HOH HOH A . 
D 4 HOH 128 1129 133 HOH HOH A . 
D 4 HOH 129 1130 134 HOH HOH A . 
D 4 HOH 130 1131 135 HOH HOH A . 
D 4 HOH 131 1132 136 HOH HOH A . 
D 4 HOH 132 1133 137 HOH HOH A . 
D 4 HOH 133 1134 138 HOH HOH A . 
D 4 HOH 134 1135 140 HOH HOH A . 
D 4 HOH 135 1136 141 HOH HOH A . 
D 4 HOH 136 1137 142 HOH HOH A . 
D 4 HOH 137 1138 143 HOH HOH A . 
D 4 HOH 138 1139 144 HOH HOH A . 
D 4 HOH 139 1140 145 HOH HOH A . 
D 4 HOH 140 1141 146 HOH HOH A . 
# 
loop_
_pdbx_unobs_or_zero_occ_atoms.id 
_pdbx_unobs_or_zero_occ_atoms.PDB_model_num 
_pdbx_unobs_or_zero_occ_atoms.polymer_flag 
_pdbx_unobs_or_zero_occ_atoms.occupancy_flag 
_pdbx_unobs_or_zero_occ_atoms.auth_asym_id 
_pdbx_unobs_or_zero_occ_atoms.auth_comp_id 
_pdbx_unobs_or_zero_occ_atoms.auth_seq_id 
_pdbx_unobs_or_zero_occ_atoms.PDB_ins_code 
_pdbx_unobs_or_zero_occ_atoms.auth_atom_id 
_pdbx_unobs_or_zero_occ_atoms.label_alt_id 
_pdbx_unobs_or_zero_occ_atoms.label_asym_id 
_pdbx_unobs_or_zero_occ_atoms.label_comp_id 
_pdbx_unobs_or_zero_occ_atoms.label_seq_id 
_pdbx_unobs_or_zero_occ_atoms.label_atom_id 
1  1 Y 1 A GLN 3  ? CG  ? A GLN 3  CG  
2  1 Y 1 A GLN 3  ? CD  ? A GLN 3  CD  
3  1 Y 1 A GLN 3  ? OE1 ? A GLN 3  OE1 
4  1 Y 1 A GLN 3  ? NE2 ? A GLN 3  NE2 
5  1 Y 1 A ARG 13 ? CD  ? A ARG 13 CD  
6  1 Y 1 A ARG 13 ? NE  ? A ARG 13 NE  
7  1 Y 1 A ARG 13 ? CZ  ? A ARG 13 CZ  
8  1 Y 1 A ARG 13 ? NH1 ? A ARG 13 NH1 
9  1 Y 1 A ARG 13 ? NH2 ? A ARG 13 NH2 
10 1 Y 1 A LYS 17 ? CG  ? A LYS 17 CG  
11 1 Y 1 A LYS 17 ? CD  ? A LYS 17 CD  
12 1 Y 1 A LYS 17 ? CE  ? A LYS 17 CE  
13 1 Y 1 A LYS 17 ? NZ  ? A LYS 17 NZ  
14 1 Y 1 A ARG 18 ? CG  ? A ARG 18 CG  
15 1 Y 1 A ARG 18 ? CD  ? A ARG 18 CD  
16 1 Y 1 A ARG 18 ? NE  ? A ARG 18 NE  
17 1 Y 1 A ARG 18 ? CZ  ? A ARG 18 CZ  
18 1 Y 1 A ARG 18 ? NH1 ? A ARG 18 NH1 
19 1 Y 1 A ARG 18 ? NH2 ? A ARG 18 NH2 
20 1 Y 1 A ASP 32 ? CG  ? A ASP 32 CG  
21 1 Y 1 A ASP 32 ? OD1 ? A ASP 32 OD1 
22 1 Y 1 A ASP 32 ? OD2 ? A ASP 32 OD2 
23 1 Y 1 A LYS 44 ? CD  ? A LYS 44 CD  
24 1 Y 1 A LYS 44 ? CE  ? A LYS 44 CE  
25 1 Y 1 A LYS 44 ? NZ  ? A LYS 44 NZ  
26 1 Y 1 A LEU 50 ? CD1 ? A LEU 50 CD1 
27 1 Y 1 A LEU 50 ? CD2 ? A LEU 50 CD2 
28 1 Y 1 A LYS 52 ? CD  ? A LYS 52 CD  
29 1 Y 1 A LYS 52 ? CE  ? A LYS 52 CE  
30 1 Y 1 A LYS 52 ? NZ  ? A LYS 52 NZ  
# 
_software.name             REFMAC 
_software.classification   refinement 
_software.version          5.2.0019 
_software.citation_id      ? 
_software.pdbx_ordinal     1 
# 
_cell.entry_id           2DG9 
_cell.length_a           44.119 
_cell.length_b           49.359 
_cell.length_c           51.605 
_cell.angle_alpha        90.00 
_cell.angle_beta         90.00 
_cell.angle_gamma        90.00 
_cell.Z_PDB              4 
_cell.pdbx_unique_axis   ? 
_cell.length_a_esd       ? 
_cell.length_b_esd       ? 
_cell.length_c_esd       ? 
_cell.angle_alpha_esd    ? 
_cell.angle_beta_esd     ? 
_cell.angle_gamma_esd    ? 
# 
_symmetry.entry_id                         2DG9 
_symmetry.space_group_name_H-M             'P 21 21 21' 
_symmetry.pdbx_full_space_group_name_H-M   ? 
_symmetry.cell_setting                     ? 
_symmetry.Int_Tables_number                19 
_symmetry.space_group_name_Hall            ? 
# 
_exptl.entry_id          2DG9 
_exptl.method            'X-RAY DIFFRACTION' 
_exptl.crystals_number   1 
# 
_exptl_crystal.id                    1 
_exptl_crystal.density_meas          ? 
_exptl_crystal.density_Matthews      2.39 
_exptl_crystal.density_percent_sol   48.47 
_exptl_crystal.description           ? 
_exptl_crystal.F_000                 ? 
_exptl_crystal.preparation           ? 
# 
_exptl_crystal_grow.crystal_id      1 
_exptl_crystal_grow.method          'VAPOR DIFFUSION, HANGING DROP' 
_exptl_crystal_grow.temp            298 
_exptl_crystal_grow.temp_details    ? 
_exptl_crystal_grow.pH              4.6 
_exptl_crystal_grow.pdbx_details    
'30% PEG MME 2000, 0.2M Ammonium Sulphate, pH 4.6, VAPOR DIFFUSION, HANGING DROP, temperature 298K' 
_exptl_crystal_grow.pdbx_pH_range   . 
# 
_diffrn.id                     1 
_diffrn.ambient_temp           100 
_diffrn.ambient_temp_details   ? 
_diffrn.crystal_id             1 
# 
_diffrn_detector.diffrn_id              1 
_diffrn_detector.detector               'IMAGE PLATE' 
_diffrn_detector.type                   MARRESEARCH 
_diffrn_detector.pdbx_collection_date   2003-08-29 
_diffrn_detector.details                ? 
# 
_diffrn_radiation.diffrn_id                        1 
_diffrn_radiation.wavelength_id                    1 
_diffrn_radiation.pdbx_monochromatic_or_laue_m_l   M 
_diffrn_radiation.monochromator                    GRAPHITE 
_diffrn_radiation.pdbx_diffrn_protocol             'SINGLE WAVELENGTH' 
_diffrn_radiation.pdbx_scattering_type             x-ray 
# 
_diffrn_radiation_wavelength.id           1 
_diffrn_radiation_wavelength.wavelength   1.5418 
_diffrn_radiation_wavelength.wt           1.0 
# 
_diffrn_source.diffrn_id                   1 
_diffrn_source.source                      'ROTATING ANODE' 
_diffrn_source.type                        'ELLIOTT GX-13' 
_diffrn_source.pdbx_synchrotron_site       ? 
_diffrn_source.pdbx_synchrotron_beamline   ? 
_diffrn_source.pdbx_wavelength             ? 
_diffrn_source.pdbx_wavelength_list        1.5418 
# 
_reflns.entry_id                     2DG9 
_reflns.observed_criterion_sigma_I   0 
_reflns.observed_criterion_sigma_F   0 
_reflns.d_resolution_low             35.6 
_reflns.d_resolution_high            1.7 
_reflns.number_obs                   10805 
_reflns.number_all                   10805 
_reflns.percent_possible_obs         88.48 
_reflns.pdbx_Rmerge_I_obs            0.052 
_reflns.pdbx_Rsym_value              ? 
_reflns.pdbx_netI_over_sigmaI        20.3 
_reflns.B_iso_Wilson_estimate        ? 
_reflns.pdbx_redundancy              3.7 
_reflns.R_free_details               ? 
_reflns.limit_h_max                  ? 
_reflns.limit_h_min                  ? 
_reflns.limit_k_max                  ? 
_reflns.limit_k_min                  ? 
_reflns.limit_l_max                  ? 
_reflns.limit_l_min                  ? 
_reflns.observed_criterion_F_max     ? 
_reflns.observed_criterion_F_min     ? 
_reflns.pdbx_chi_squared             ? 
_reflns.pdbx_scaling_rejects         ? 
_reflns.pdbx_ordinal                 1 
_reflns.pdbx_diffrn_id               1 
# 
_reflns_shell.d_res_high             1.7 
_reflns_shell.d_res_low              35.6 
_reflns_shell.percent_possible_all   91.2 
_reflns_shell.Rmerge_I_obs           0.272 
_reflns_shell.pdbx_Rsym_value        ? 
_reflns_shell.meanI_over_sigI_obs    2.6 
_reflns_shell.pdbx_redundancy        3.3 
_reflns_shell.percent_possible_obs   ? 
_reflns_shell.number_unique_all      ? 
_reflns_shell.number_measured_all    ? 
_reflns_shell.number_measured_obs    ? 
_reflns_shell.number_unique_obs      ? 
_reflns_shell.pdbx_chi_squared       ? 
_reflns_shell.pdbx_ordinal           1 
_reflns_shell.pdbx_diffrn_id         1 
# 
_refine.entry_id                                 2DG9 
_refine.ls_number_reflns_obs                     10805 
_refine.ls_number_reflns_all                     10805 
_refine.pdbx_ls_sigma_I                          0 
_refine.pdbx_ls_sigma_F                          0 
_refine.pdbx_data_cutoff_high_absF               ? 
_refine.pdbx_data_cutoff_low_absF                ? 
_refine.pdbx_data_cutoff_high_rms_absF           ? 
_refine.ls_d_res_low                             35.58 
_refine.ls_d_res_high                            1.70 
_refine.ls_percent_reflns_obs                    88.48 
_refine.ls_R_factor_obs                          0.20942 
_refine.ls_R_factor_all                          0.20942 
_refine.ls_R_factor_R_work                       0.20791 
_refine.ls_R_factor_R_free                       0.23876 
_refine.ls_R_factor_R_free_error                 ? 
_refine.ls_R_factor_R_free_error_details         ? 
_refine.ls_percent_reflns_R_free                 5.0 
_refine.ls_number_reflns_R_free                  567 
_refine.ls_number_parameters                     ? 
_refine.ls_number_restraints                     ? 
_refine.occupancy_min                            ? 
_refine.occupancy_max                            ? 
_refine.correlation_coeff_Fo_to_Fc               .955 
_refine.correlation_coeff_Fo_to_Fc_free          .933 
_refine.B_iso_mean                               33.680 
_refine.aniso_B[1][1]                            1.75 
_refine.aniso_B[2][2]                            -.95 
_refine.aniso_B[3][3]                            -.80 
_refine.aniso_B[1][2]                            .00 
_refine.aniso_B[1][3]                            .00 
_refine.aniso_B[2][3]                            .00 
_refine.solvent_model_details                    'BABINET MODEL WITH MASK' 
_refine.solvent_model_param_ksol                 ? 
_refine.solvent_model_param_bsol                 ? 
_refine.pdbx_solvent_vdw_probe_radii             1.40 
_refine.pdbx_solvent_ion_probe_radii             .80 
_refine.pdbx_solvent_shrinkage_radii             .80 
_refine.pdbx_ls_cross_valid_method               THROUGHOUT 
_refine.details                                  'HYDROGENS HAVE BEEN ADDED IN THE RIDING POSITIONS' 
_refine.pdbx_starting_model                      ? 
_refine.pdbx_method_to_determine_struct          'FOURIER SYNTHESIS' 
_refine.pdbx_isotropic_thermal_model             ? 
_refine.pdbx_stereochemistry_target_values       'MAXIMUM LIKELIHOOD' 
_refine.pdbx_stereochem_target_val_spec_case     ? 
_refine.pdbx_R_Free_selection_details            RANDOM 
_refine.pdbx_overall_ESU_R                       .146 
_refine.pdbx_overall_ESU_R_Free                  .132 
_refine.overall_SU_ML                            .098 
_refine.overall_SU_B                             5.727 
_refine.ls_redundancy_reflns_obs                 ? 
_refine.B_iso_min                                ? 
_refine.B_iso_max                                ? 
_refine.overall_SU_R_Cruickshank_DPI             ? 
_refine.overall_SU_R_free                        ? 
_refine.ls_wR_factor_R_free                      ? 
_refine.ls_wR_factor_R_work                      ? 
_refine.overall_FOM_free_R_set                   ? 
_refine.overall_FOM_work_R_set                   ? 
_refine.pdbx_refine_id                           'X-RAY DIFFRACTION' 
_refine.pdbx_diffrn_id                           1 
_refine.pdbx_TLS_residual_ADP_flag               ? 
_refine.pdbx_overall_phase_error                 ? 
_refine.pdbx_overall_SU_R_free_Cruickshank_DPI   ? 
_refine.pdbx_overall_SU_R_Blow_DPI               ? 
_refine.pdbx_overall_SU_R_free_Blow_DPI          ? 
# 
_refine_hist.pdbx_refine_id                   'X-RAY DIFFRACTION' 
_refine_hist.cycle_id                         LAST 
_refine_hist.pdbx_number_atoms_protein        795 
_refine_hist.pdbx_number_atoms_nucleic_acid   0 
_refine_hist.pdbx_number_atoms_ligand         71 
_refine_hist.number_atoms_solvent             140 
_refine_hist.number_atoms_total               1006 
_refine_hist.d_res_high                       1.70 
_refine_hist.d_res_low                        35.58 
# 
loop_
_refine_ls_restr.type 
_refine_ls_restr.dev_ideal 
_refine_ls_restr.dev_ideal_target 
_refine_ls_restr.weight 
_refine_ls_restr.number 
_refine_ls_restr.pdbx_refine_id 
_refine_ls_restr.pdbx_restraint_function 
r_bond_refined_d             .006   .022   ? 896  'X-RAY DIFFRACTION' ? 
r_bond_other_d               ?      ?      ? ?    'X-RAY DIFFRACTION' ? 
r_angle_refined_deg          1.072  2.064  ? 1214 'X-RAY DIFFRACTION' ? 
r_angle_other_deg            ?      ?      ? ?    'X-RAY DIFFRACTION' ? 
r_dihedral_angle_1_deg       5.726  5.000  ? 106  'X-RAY DIFFRACTION' ? 
r_dihedral_angle_2_deg       28.543 24.242 ? 33   'X-RAY DIFFRACTION' ? 
r_dihedral_angle_3_deg       12.096 15.000 ? 137  'X-RAY DIFFRACTION' ? 
r_dihedral_angle_4_deg       8.678  15.000 ? 4    'X-RAY DIFFRACTION' ? 
r_chiral_restr               .063   .200   ? 139  'X-RAY DIFFRACTION' ? 
r_gen_planes_refined         .002   .020   ? 663  'X-RAY DIFFRACTION' ? 
r_gen_planes_other           ?      ?      ? ?    'X-RAY DIFFRACTION' ? 
r_nbd_refined                .165   .200   ? 381  'X-RAY DIFFRACTION' ? 
r_nbd_other                  ?      ?      ? ?    'X-RAY DIFFRACTION' ? 
r_nbtor_refined              .311   .200   ? 593  'X-RAY DIFFRACTION' ? 
r_nbtor_other                ?      ?      ? ?    'X-RAY DIFFRACTION' ? 
r_xyhbond_nbd_refined        .079   .200   ? 116  'X-RAY DIFFRACTION' ? 
r_xyhbond_nbd_other          ?      ?      ? ?    'X-RAY DIFFRACTION' ? 
r_metal_ion_refined          ?      ?      ? ?    'X-RAY DIFFRACTION' ? 
r_metal_ion_other            ?      ?      ? ?    'X-RAY DIFFRACTION' ? 
r_symmetry_vdw_refined       .142   .200   ? 29   'X-RAY DIFFRACTION' ? 
r_symmetry_vdw_other         ?      ?      ? ?    'X-RAY DIFFRACTION' ? 
r_symmetry_hbond_refined     .108   .200   ? 16   'X-RAY DIFFRACTION' ? 
r_symmetry_hbond_other       ?      ?      ? ?    'X-RAY DIFFRACTION' ? 
r_symmetry_metal_ion_refined ?      ?      ? ?    'X-RAY DIFFRACTION' ? 
r_symmetry_metal_ion_other   ?      ?      ? ?    'X-RAY DIFFRACTION' ? 
r_mcbond_it                  .244   1.500  ? 555  'X-RAY DIFFRACTION' ? 
r_mcbond_other               ?      ?      ? ?    'X-RAY DIFFRACTION' ? 
r_mcangle_it                 .400   2.000  ? 852  'X-RAY DIFFRACTION' ? 
r_scbond_it                  .513   3.000  ? 383  'X-RAY DIFFRACTION' ? 
r_scangle_it                 .738   4.500  ? 362  'X-RAY DIFFRACTION' ? 
r_rigid_bond_restr           ?      ?      ? ?    'X-RAY DIFFRACTION' ? 
r_sphericity_free            ?      ?      ? ?    'X-RAY DIFFRACTION' ? 
r_sphericity_bonded          ?      ?      ? ?    'X-RAY DIFFRACTION' ? 
# 
_refine_ls_shell.pdbx_total_number_of_bins_used   20 
_refine_ls_shell.d_res_high                       1.702 
_refine_ls_shell.d_res_low                        1.746 
_refine_ls_shell.number_reflns_R_work             795 
_refine_ls_shell.R_factor_R_work                  0.299 
_refine_ls_shell.percent_reflns_obs               90.32 
_refine_ls_shell.R_factor_R_free                  0.371 
_refine_ls_shell.R_factor_R_free_error            ? 
_refine_ls_shell.percent_reflns_R_free            ? 
_refine_ls_shell.number_reflns_R_free             35 
_refine_ls_shell.number_reflns_all                ? 
_refine_ls_shell.R_factor_all                     ? 
_refine_ls_shell.number_reflns_obs                ? 
_refine_ls_shell.redundancy_reflns_obs            ? 
_refine_ls_shell.pdbx_refine_id                   'X-RAY DIFFRACTION' 
# 
_struct.entry_id                  2DG9 
_struct.title                     'FK506-binding protein mutant WL59 complexed with Rapamycin' 
_struct.pdbx_model_details        ? 
_struct.pdbx_CASP_flag            ? 
_struct.pdbx_model_type_details   ? 
# 
_struct_keywords.entry_id        2DG9 
_struct_keywords.pdbx_keywords   ISOMERASE 
_struct_keywords.text            'IMMUNOPHILIN, ISOMERASE, ROTAMASE' 
# 
loop_
_struct_asym.id 
_struct_asym.pdbx_blank_PDB_chainid_flag 
_struct_asym.pdbx_modified 
_struct_asym.entity_id 
_struct_asym.details 
A N N 1 ? 
B N N 2 ? 
C N N 3 ? 
D N N 4 ? 
# 
_struct_ref.id                         1 
_struct_ref.db_name                    UNP 
_struct_ref.db_code                    FKB1A_HUMAN 
_struct_ref.pdbx_db_accession          P62942 
_struct_ref.entity_id                  1 
_struct_ref.pdbx_seq_one_letter_code   
;GVQVETISPGDGRTFPKRGQTCVVHYTGMLEDGKKFDSSRDRNKPFKFMLGKQEVIRGWEEGVAQMSVGQRAKLTISPDY
AYGATGHPGIIPPHATLVFDVELLKLE
;
_struct_ref.pdbx_align_begin           2 
_struct_ref.pdbx_db_isoform            ? 
# 
_struct_ref_seq.align_id                      1 
_struct_ref_seq.ref_id                        1 
_struct_ref_seq.pdbx_PDB_id_code              2DG9 
_struct_ref_seq.pdbx_strand_id                A 
_struct_ref_seq.seq_align_beg                 1 
_struct_ref_seq.pdbx_seq_align_beg_ins_code   ? 
_struct_ref_seq.seq_align_end                 107 
_struct_ref_seq.pdbx_seq_align_end_ins_code   ? 
_struct_ref_seq.pdbx_db_accession             P62942 
_struct_ref_seq.db_align_beg                  2 
_struct_ref_seq.pdbx_db_align_beg_ins_code    ? 
_struct_ref_seq.db_align_end                  108 
_struct_ref_seq.pdbx_db_align_end_ins_code    ? 
_struct_ref_seq.pdbx_auth_seq_align_beg       1 
_struct_ref_seq.pdbx_auth_seq_align_end       107 
# 
_struct_ref_seq_dif.align_id                     1 
_struct_ref_seq_dif.pdbx_pdb_id_code             2DG9 
_struct_ref_seq_dif.mon_id                       LEU 
_struct_ref_seq_dif.pdbx_pdb_strand_id           A 
_struct_ref_seq_dif.seq_num                      59 
_struct_ref_seq_dif.pdbx_pdb_ins_code            ? 
_struct_ref_seq_dif.pdbx_seq_db_name             UNP 
_struct_ref_seq_dif.pdbx_seq_db_accession_code   P62942 
_struct_ref_seq_dif.db_mon_id                    TRP 
_struct_ref_seq_dif.pdbx_seq_db_seq_num          60 
_struct_ref_seq_dif.details                      'engineered mutation' 
_struct_ref_seq_dif.pdbx_auth_seq_num            59 
_struct_ref_seq_dif.pdbx_ordinal                 1 
# 
_pdbx_struct_assembly.id                   1 
_pdbx_struct_assembly.details              author_defined_assembly 
_pdbx_struct_assembly.method_details       ? 
_pdbx_struct_assembly.oligomeric_details   monomeric 
_pdbx_struct_assembly.oligomeric_count     1 
# 
_pdbx_struct_assembly_gen.assembly_id       1 
_pdbx_struct_assembly_gen.oper_expression   1 
_pdbx_struct_assembly_gen.asym_id_list      A,B,C,D 
# 
_pdbx_struct_oper_list.id                   1 
_pdbx_struct_oper_list.type                 'identity operation' 
_pdbx_struct_oper_list.name                 1_555 
_pdbx_struct_oper_list.symmetry_operation   x,y,z 
_pdbx_struct_oper_list.matrix[1][1]         1.0000000000 
_pdbx_struct_oper_list.matrix[1][2]         0.0000000000 
_pdbx_struct_oper_list.matrix[1][3]         0.0000000000 
_pdbx_struct_oper_list.vector[1]            0.0000000000 
_pdbx_struct_oper_list.matrix[2][1]         0.0000000000 
_pdbx_struct_oper_list.matrix[2][2]         1.0000000000 
_pdbx_struct_oper_list.matrix[2][3]         0.0000000000 
_pdbx_struct_oper_list.vector[2]            0.0000000000 
_pdbx_struct_oper_list.matrix[3][1]         0.0000000000 
_pdbx_struct_oper_list.matrix[3][2]         0.0000000000 
_pdbx_struct_oper_list.matrix[3][3]         1.0000000000 
_pdbx_struct_oper_list.vector[3]            0.0000000000 
# 
_struct_biol.id   1 
# 
loop_
_struct_conf.conf_type_id 
_struct_conf.id 
_struct_conf.pdbx_PDB_helix_id 
_struct_conf.beg_label_comp_id 
_struct_conf.beg_label_asym_id 
_struct_conf.beg_label_seq_id 
_struct_conf.pdbx_beg_PDB_ins_code 
_struct_conf.end_label_comp_id 
_struct_conf.end_label_asym_id 
_struct_conf.end_label_seq_id 
_struct_conf.pdbx_end_PDB_ins_code 
_struct_conf.beg_auth_comp_id 
_struct_conf.beg_auth_asym_id 
_struct_conf.beg_auth_seq_id 
_struct_conf.end_auth_comp_id 
_struct_conf.end_auth_asym_id 
_struct_conf.end_auth_seq_id 
_struct_conf.pdbx_PDB_helix_class 
_struct_conf.details 
_struct_conf.pdbx_PDB_helix_length 
HELX_P HELX_P1 1 ILE A 56 ? GLN A 65 ? ILE A 56 GLN A 65 1 ? 10 
HELX_P HELX_P2 2 PRO A 78 ? ALA A 81 ? PRO A 78 ALA A 81 5 ? 4  
# 
_struct_conf_type.id          HELX_P 
_struct_conf_type.criteria    ? 
_struct_conf_type.reference   ? 
# 
loop_
_struct_sheet.id 
_struct_sheet.type 
_struct_sheet.number_strands 
_struct_sheet.details 
A ? 5 ? 
B ? 5 ? 
# 
loop_
_struct_sheet_order.sheet_id 
_struct_sheet_order.range_id_1 
_struct_sheet_order.range_id_2 
_struct_sheet_order.offset 
_struct_sheet_order.sense 
A 1 2 ? anti-parallel 
A 2 3 ? anti-parallel 
A 3 4 ? anti-parallel 
A 4 5 ? anti-parallel 
B 1 2 ? anti-parallel 
B 2 3 ? anti-parallel 
B 3 4 ? anti-parallel 
B 4 5 ? anti-parallel 
# 
loop_
_struct_sheet_range.sheet_id 
_struct_sheet_range.id 
_struct_sheet_range.beg_label_comp_id 
_struct_sheet_range.beg_label_asym_id 
_struct_sheet_range.beg_label_seq_id 
_struct_sheet_range.pdbx_beg_PDB_ins_code 
_struct_sheet_range.end_label_comp_id 
_struct_sheet_range.end_label_asym_id 
_struct_sheet_range.end_label_seq_id 
_struct_sheet_range.pdbx_end_PDB_ins_code 
_struct_sheet_range.beg_auth_comp_id 
_struct_sheet_range.beg_auth_asym_id 
_struct_sheet_range.beg_auth_seq_id 
_struct_sheet_range.end_auth_comp_id 
_struct_sheet_range.end_auth_asym_id 
_struct_sheet_range.end_auth_seq_id 
A 1 VAL A 2  ? SER A 8   ? VAL A 2  SER A 8   
A 2 ARG A 71 ? ILE A 76  ? ARG A 71 ILE A 76  
A 3 LEU A 97 ? GLU A 107 ? LEU A 97 GLU A 107 
A 4 THR A 21 ? LEU A 30  ? THR A 21 LEU A 30  
A 5 LYS A 35 ? SER A 38  ? LYS A 35 SER A 38  
B 1 VAL A 2  ? SER A 8   ? VAL A 2  SER A 8   
B 2 ARG A 71 ? ILE A 76  ? ARG A 71 ILE A 76  
B 3 LEU A 97 ? GLU A 107 ? LEU A 97 GLU A 107 
B 4 THR A 21 ? LEU A 30  ? THR A 21 LEU A 30  
B 5 PHE A 46 ? MET A 49  ? PHE A 46 MET A 49  
# 
loop_
_pdbx_struct_sheet_hbond.sheet_id 
_pdbx_struct_sheet_hbond.range_id_1 
_pdbx_struct_sheet_hbond.range_id_2 
_pdbx_struct_sheet_hbond.range_1_label_atom_id 
_pdbx_struct_sheet_hbond.range_1_label_comp_id 
_pdbx_struct_sheet_hbond.range_1_label_asym_id 
_pdbx_struct_sheet_hbond.range_1_label_seq_id 
_pdbx_struct_sheet_hbond.range_1_PDB_ins_code 
_pdbx_struct_sheet_hbond.range_1_auth_atom_id 
_pdbx_struct_sheet_hbond.range_1_auth_comp_id 
_pdbx_struct_sheet_hbond.range_1_auth_asym_id 
_pdbx_struct_sheet_hbond.range_1_auth_seq_id 
_pdbx_struct_sheet_hbond.range_2_label_atom_id 
_pdbx_struct_sheet_hbond.range_2_label_comp_id 
_pdbx_struct_sheet_hbond.range_2_label_asym_id 
_pdbx_struct_sheet_hbond.range_2_label_seq_id 
_pdbx_struct_sheet_hbond.range_2_PDB_ins_code 
_pdbx_struct_sheet_hbond.range_2_auth_atom_id 
_pdbx_struct_sheet_hbond.range_2_auth_comp_id 
_pdbx_struct_sheet_hbond.range_2_auth_asym_id 
_pdbx_struct_sheet_hbond.range_2_auth_seq_id 
A 1 2 N GLU A 5  ? N GLU A 5  O LYS A 73 ? O LYS A 73 
A 2 3 N LEU A 74 ? N LEU A 74 O PHE A 99 ? O PHE A 99 
A 3 4 O VAL A 98 ? O VAL A 98 N MET A 29 ? N MET A 29 
A 4 5 N GLY A 28 ? N GLY A 28 O ASP A 37 ? O ASP A 37 
B 1 2 N GLU A 5  ? N GLU A 5  O LYS A 73 ? O LYS A 73 
B 2 3 N LEU A 74 ? N LEU A 74 O PHE A 99 ? O PHE A 99 
B 3 4 O VAL A 98 ? O VAL A 98 N MET A 29 ? N MET A 29 
B 4 5 N VAL A 24 ? N VAL A 24 O PHE A 46 ? O PHE A 46 
# 
loop_
_struct_site.id 
_struct_site.pdbx_evidence_code 
_struct_site.pdbx_auth_asym_id 
_struct_site.pdbx_auth_comp_id 
_struct_site.pdbx_auth_seq_id 
_struct_site.pdbx_auth_ins_code 
_struct_site.pdbx_num_residues 
_struct_site.details 
AC1 Software A RAP 501  ? 23 'BINDING SITE FOR RESIDUE RAP A 501'  
AC2 Software A GOL 1001 ? 5  'BINDING SITE FOR RESIDUE GOL A 1001' 
# 
loop_
_struct_site_gen.id 
_struct_site_gen.site_id 
_struct_site_gen.pdbx_num_res 
_struct_site_gen.label_comp_id 
_struct_site_gen.label_asym_id 
_struct_site_gen.label_seq_id 
_struct_site_gen.pdbx_auth_ins_code 
_struct_site_gen.auth_comp_id 
_struct_site_gen.auth_asym_id 
_struct_site_gen.auth_seq_id 
_struct_site_gen.label_atom_id 
_struct_site_gen.label_alt_id 
_struct_site_gen.symmetry 
_struct_site_gen.details 
1  AC1 23 THR A 6   ? THR A 6    . ? 3_555 ? 
2  AC1 23 TYR A 26  ? TYR A 26   . ? 1_555 ? 
3  AC1 23 THR A 27  ? THR A 27   . ? 3_555 ? 
4  AC1 23 MET A 29  ? MET A 29   . ? 3_555 ? 
5  AC1 23 LYS A 35  ? LYS A 35   . ? 3_555 ? 
6  AC1 23 PHE A 36  ? PHE A 36   . ? 1_555 ? 
7  AC1 23 ASP A 37  ? ASP A 37   . ? 1_555 ? 
8  AC1 23 PHE A 46  ? PHE A 46   . ? 1_555 ? 
9  AC1 23 GLN A 53  ? GLN A 53   . ? 1_555 ? 
10 AC1 23 GLU A 54  ? GLU A 54   . ? 1_555 ? 
11 AC1 23 VAL A 55  ? VAL A 55   . ? 1_555 ? 
12 AC1 23 ILE A 56  ? ILE A 56   . ? 1_555 ? 
13 AC1 23 LEU A 59  ? LEU A 59   . ? 1_555 ? 
14 AC1 23 LYS A 73  ? LYS A 73   . ? 3_555 ? 
15 AC1 23 TYR A 82  ? TYR A 82   . ? 1_555 ? 
16 AC1 23 HIS A 87  ? HIS A 87   . ? 1_555 ? 
17 AC1 23 PHE A 99  ? PHE A 99   . ? 1_555 ? 
18 AC1 23 ASP A 100 ? ASP A 100  . ? 3_555 ? 
19 AC1 23 HOH D .   ? HOH A 1009 . ? 1_555 ? 
20 AC1 23 HOH D .   ? HOH A 1044 . ? 1_555 ? 
21 AC1 23 HOH D .   ? HOH A 1069 . ? 1_555 ? 
22 AC1 23 HOH D .   ? HOH A 1072 . ? 1_555 ? 
23 AC1 23 HOH D .   ? HOH A 1108 . ? 1_555 ? 
24 AC2 5  TYR A 82  ? TYR A 82   . ? 1_555 ? 
25 AC2 5  GLY A 83  ? GLY A 83   . ? 1_555 ? 
26 AC2 5  ALA A 84  ? ALA A 84   . ? 1_555 ? 
27 AC2 5  THR A 85  ? THR A 85   . ? 1_555 ? 
28 AC2 5  HOH D .   ? HOH A 1062 . ? 1_555 ? 
# 
loop_
_pdbx_validate_torsion.id 
_pdbx_validate_torsion.PDB_model_num 
_pdbx_validate_torsion.auth_comp_id 
_pdbx_validate_torsion.auth_asym_id 
_pdbx_validate_torsion.auth_seq_id 
_pdbx_validate_torsion.PDB_ins_code 
_pdbx_validate_torsion.label_alt_id 
_pdbx_validate_torsion.phi 
_pdbx_validate_torsion.psi 
1 1 ARG A 13 ? ? -133.55 -35.65  
2 1 ALA A 81 ? ? -124.38 -114.71 
3 1 ILE A 90 ? ? -125.53 -51.52  
# 
loop_
_chem_comp_atom.comp_id 
_chem_comp_atom.atom_id 
_chem_comp_atom.type_symbol 
_chem_comp_atom.pdbx_aromatic_flag 
_chem_comp_atom.pdbx_stereo_config 
_chem_comp_atom.pdbx_ordinal 
ALA N    N N N 1   
ALA CA   C N S 2   
ALA C    C N N 3   
ALA O    O N N 4   
ALA CB   C N N 5   
ALA OXT  O N N 6   
ALA H    H N N 7   
ALA H2   H N N 8   
ALA HA   H N N 9   
ALA HB1  H N N 10  
ALA HB2  H N N 11  
ALA HB3  H N N 12  
ALA HXT  H N N 13  
ARG N    N N N 14  
ARG CA   C N S 15  
ARG C    C N N 16  
ARG O    O N N 17  
ARG CB   C N N 18  
ARG CG   C N N 19  
ARG CD   C N N 20  
ARG NE   N N N 21  
ARG CZ   C N N 22  
ARG NH1  N N N 23  
ARG NH2  N N N 24  
ARG OXT  O N N 25  
ARG H    H N N 26  
ARG H2   H N N 27  
ARG HA   H N N 28  
ARG HB2  H N N 29  
ARG HB3  H N N 30  
ARG HG2  H N N 31  
ARG HG3  H N N 32  
ARG HD2  H N N 33  
ARG HD3  H N N 34  
ARG HE   H N N 35  
ARG HH11 H N N 36  
ARG HH12 H N N 37  
ARG HH21 H N N 38  
ARG HH22 H N N 39  
ARG HXT  H N N 40  
ASN N    N N N 41  
ASN CA   C N S 42  
ASN C    C N N 43  
ASN O    O N N 44  
ASN CB   C N N 45  
ASN CG   C N N 46  
ASN OD1  O N N 47  
ASN ND2  N N N 48  
ASN OXT  O N N 49  
ASN H    H N N 50  
ASN H2   H N N 51  
ASN HA   H N N 52  
ASN HB2  H N N 53  
ASN HB3  H N N 54  
ASN HD21 H N N 55  
ASN HD22 H N N 56  
ASN HXT  H N N 57  
ASP N    N N N 58  
ASP CA   C N S 59  
ASP C    C N N 60  
ASP O    O N N 61  
ASP CB   C N N 62  
ASP CG   C N N 63  
ASP OD1  O N N 64  
ASP OD2  O N N 65  
ASP OXT  O N N 66  
ASP H    H N N 67  
ASP H2   H N N 68  
ASP HA   H N N 69  
ASP HB2  H N N 70  
ASP HB3  H N N 71  
ASP HD2  H N N 72  
ASP HXT  H N N 73  
CYS N    N N N 74  
CYS CA   C N R 75  
CYS C    C N N 76  
CYS O    O N N 77  
CYS CB   C N N 78  
CYS SG   S N N 79  
CYS OXT  O N N 80  
CYS H    H N N 81  
CYS H2   H N N 82  
CYS HA   H N N 83  
CYS HB2  H N N 84  
CYS HB3  H N N 85  
CYS HG   H N N 86  
CYS HXT  H N N 87  
GLN N    N N N 88  
GLN CA   C N S 89  
GLN C    C N N 90  
GLN O    O N N 91  
GLN CB   C N N 92  
GLN CG   C N N 93  
GLN CD   C N N 94  
GLN OE1  O N N 95  
GLN NE2  N N N 96  
GLN OXT  O N N 97  
GLN H    H N N 98  
GLN H2   H N N 99  
GLN HA   H N N 100 
GLN HB2  H N N 101 
GLN HB3  H N N 102 
GLN HG2  H N N 103 
GLN HG3  H N N 104 
GLN HE21 H N N 105 
GLN HE22 H N N 106 
GLN HXT  H N N 107 
GLU N    N N N 108 
GLU CA   C N S 109 
GLU C    C N N 110 
GLU O    O N N 111 
GLU CB   C N N 112 
GLU CG   C N N 113 
GLU CD   C N N 114 
GLU OE1  O N N 115 
GLU OE2  O N N 116 
GLU OXT  O N N 117 
GLU H    H N N 118 
GLU H2   H N N 119 
GLU HA   H N N 120 
GLU HB2  H N N 121 
GLU HB3  H N N 122 
GLU HG2  H N N 123 
GLU HG3  H N N 124 
GLU HE2  H N N 125 
GLU HXT  H N N 126 
GLY N    N N N 127 
GLY CA   C N N 128 
GLY C    C N N 129 
GLY O    O N N 130 
GLY OXT  O N N 131 
GLY H    H N N 132 
GLY H2   H N N 133 
GLY HA2  H N N 134 
GLY HA3  H N N 135 
GLY HXT  H N N 136 
GOL C1   C N N 137 
GOL O1   O N N 138 
GOL C2   C N N 139 
GOL O2   O N N 140 
GOL C3   C N N 141 
GOL O3   O N N 142 
GOL H11  H N N 143 
GOL H12  H N N 144 
GOL HO1  H N N 145 
GOL H2   H N N 146 
GOL HO2  H N N 147 
GOL H31  H N N 148 
GOL H32  H N N 149 
GOL HO3  H N N 150 
HIS N    N N N 151 
HIS CA   C N S 152 
HIS C    C N N 153 
HIS O    O N N 154 
HIS CB   C N N 155 
HIS CG   C Y N 156 
HIS ND1  N Y N 157 
HIS CD2  C Y N 158 
HIS CE1  C Y N 159 
HIS NE2  N Y N 160 
HIS OXT  O N N 161 
HIS H    H N N 162 
HIS H2   H N N 163 
HIS HA   H N N 164 
HIS HB2  H N N 165 
HIS HB3  H N N 166 
HIS HD1  H N N 167 
HIS HD2  H N N 168 
HIS HE1  H N N 169 
HIS HE2  H N N 170 
HIS HXT  H N N 171 
HOH O    O N N 172 
HOH H1   H N N 173 
HOH H2   H N N 174 
ILE N    N N N 175 
ILE CA   C N S 176 
ILE C    C N N 177 
ILE O    O N N 178 
ILE CB   C N S 179 
ILE CG1  C N N 180 
ILE CG2  C N N 181 
ILE CD1  C N N 182 
ILE OXT  O N N 183 
ILE H    H N N 184 
ILE H2   H N N 185 
ILE HA   H N N 186 
ILE HB   H N N 187 
ILE HG12 H N N 188 
ILE HG13 H N N 189 
ILE HG21 H N N 190 
ILE HG22 H N N 191 
ILE HG23 H N N 192 
ILE HD11 H N N 193 
ILE HD12 H N N 194 
ILE HD13 H N N 195 
ILE HXT  H N N 196 
LEU N    N N N 197 
LEU CA   C N S 198 
LEU C    C N N 199 
LEU O    O N N 200 
LEU CB   C N N 201 
LEU CG   C N N 202 
LEU CD1  C N N 203 
LEU CD2  C N N 204 
LEU OXT  O N N 205 
LEU H    H N N 206 
LEU H2   H N N 207 
LEU HA   H N N 208 
LEU HB2  H N N 209 
LEU HB3  H N N 210 
LEU HG   H N N 211 
LEU HD11 H N N 212 
LEU HD12 H N N 213 
LEU HD13 H N N 214 
LEU HD21 H N N 215 
LEU HD22 H N N 216 
LEU HD23 H N N 217 
LEU HXT  H N N 218 
LYS N    N N N 219 
LYS CA   C N S 220 
LYS C    C N N 221 
LYS O    O N N 222 
LYS CB   C N N 223 
LYS CG   C N N 224 
LYS CD   C N N 225 
LYS CE   C N N 226 
LYS NZ   N N N 227 
LYS OXT  O N N 228 
LYS H    H N N 229 
LYS H2   H N N 230 
LYS HA   H N N 231 
LYS HB2  H N N 232 
LYS HB3  H N N 233 
LYS HG2  H N N 234 
LYS HG3  H N N 235 
LYS HD2  H N N 236 
LYS HD3  H N N 237 
LYS HE2  H N N 238 
LYS HE3  H N N 239 
LYS HZ1  H N N 240 
LYS HZ2  H N N 241 
LYS HZ3  H N N 242 
LYS HXT  H N N 243 
MET N    N N N 244 
MET CA   C N S 245 
MET C    C N N 246 
MET O    O N N 247 
MET CB   C N N 248 
MET CG   C N N 249 
MET SD   S N N 250 
MET CE   C N N 251 
MET OXT  O N N 252 
MET H    H N N 253 
MET H2   H N N 254 
MET HA   H N N 255 
MET HB2  H N N 256 
MET HB3  H N N 257 
MET HG2  H N N 258 
MET HG3  H N N 259 
MET HE1  H N N 260 
MET HE2  H N N 261 
MET HE3  H N N 262 
MET HXT  H N N 263 
PHE N    N N N 264 
PHE CA   C N S 265 
PHE C    C N N 266 
PHE O    O N N 267 
PHE CB   C N N 268 
PHE CG   C Y N 269 
PHE CD1  C Y N 270 
PHE CD2  C Y N 271 
PHE CE1  C Y N 272 
PHE CE2  C Y N 273 
PHE CZ   C Y N 274 
PHE OXT  O N N 275 
PHE H    H N N 276 
PHE H2   H N N 277 
PHE HA   H N N 278 
PHE HB2  H N N 279 
PHE HB3  H N N 280 
PHE HD1  H N N 281 
PHE HD2  H N N 282 
PHE HE1  H N N 283 
PHE HE2  H N N 284 
PHE HZ   H N N 285 
PHE HXT  H N N 286 
PRO N    N N N 287 
PRO CA   C N S 288 
PRO C    C N N 289 
PRO O    O N N 290 
PRO CB   C N N 291 
PRO CG   C N N 292 
PRO CD   C N N 293 
PRO OXT  O N N 294 
PRO H    H N N 295 
PRO HA   H N N 296 
PRO HB2  H N N 297 
PRO HB3  H N N 298 
PRO HG2  H N N 299 
PRO HG3  H N N 300 
PRO HD2  H N N 301 
PRO HD3  H N N 302 
PRO HXT  H N N 303 
RAP C1   C N N 304 
RAP O1   O N N 305 
RAP O2   O N N 306 
RAP C2   C N S 307 
RAP C3   C N N 308 
RAP C4   C N N 309 
RAP C5   C N N 310 
RAP C6   C N N 311 
RAP N7   N N N 312 
RAP C8   C N N 313 
RAP O3   O N N 314 
RAP C9   C N N 315 
RAP O4   O N N 316 
RAP C10  C N R 317 
RAP O5   O N N 318 
RAP O6   O N N 319 
RAP C11  C N R 320 
RAP C12  C N N 321 
RAP C13  C N N 322 
RAP C14  C N S 323 
RAP C15  C N N 324 
RAP C16  C N S 325 
RAP O7   O N N 326 
RAP C17  C N N 327 
RAP C18  C N N 328 
RAP C19  C N N 329 
RAP C20  C N N 330 
RAP C21  C N N 331 
RAP C22  C N N 332 
RAP C23  C N S 333 
RAP C24  C N N 334 
RAP C25  C N R 335 
RAP C26  C N N 336 
RAP O8   O N N 337 
RAP C27  C N R 338 
RAP O9   O N N 339 
RAP C28  C N R 340 
RAP O10  O N N 341 
RAP C29  C N N 342 
RAP C30  C N N 343 
RAP C31  C N R 344 
RAP C32  C N N 345 
RAP O11  O N N 346 
RAP C33  C N N 347 
RAP C34  C N S 348 
RAP C35  C N R 349 
RAP C36  C N N 350 
RAP C37  C N S 351 
RAP C38  C N N 352 
RAP C39  C N R 353 
RAP O12  O N N 354 
RAP C40  C N R 355 
RAP O13  O N N 356 
RAP C41  C N N 357 
RAP C42  C N N 358 
RAP C43  C N N 359 
RAP C44  C N N 360 
RAP C45  C N N 361 
RAP C46  C N N 362 
RAP C47  C N N 363 
RAP C48  C N N 364 
RAP C49  C N N 365 
RAP C50  C N N 366 
RAP C51  C N N 367 
RAP C52  C N N 368 
RAP H2   H N N 369 
RAP H31A H N N 370 
RAP H32  H N N 371 
RAP H41  H N N 372 
RAP H42  H N N 373 
RAP H51  H N N 374 
RAP H52  H N N 375 
RAP H61  H N N 376 
RAP H62  H N N 377 
RAP HO6  H N N 378 
RAP H11  H N N 379 
RAP H121 H N N 380 
RAP H122 H N N 381 
RAP H131 H N N 382 
RAP H132 H N N 383 
RAP H14  H N N 384 
RAP H151 H N N 385 
RAP H152 H N N 386 
RAP H16  H N N 387 
RAP H18  H N N 388 
RAP H19  H N N 389 
RAP H20  H N N 390 
RAP H21  H N N 391 
RAP H22  H N N 392 
RAP H23  H N N 393 
RAP H241 H N N 394 
RAP H242 H N N 395 
RAP H25  H N N 396 
RAP H27  H N N 397 
RAP H28  H N N 398 
RAP HO1  H N N 399 
RAP H30  H N N 400 
RAP H31  H N N 401 
RAP H331 H N N 402 
RAP H332 H N N 403 
RAP H34  H N N 404 
RAP H35  H N N 405 
RAP H361 H N N 406 
RAP H362 H N N 407 
RAP H37  H N N 408 
RAP H381 H N N 409 
RAP H382 H N N 410 
RAP H39  H N N 411 
RAP H40  H N N 412 
RAP HO3  H N N 413 
RAP H411 H N N 414 
RAP H412 H N N 415 
RAP H421 H N N 416 
RAP H422 H N N 417 
RAP H431 H N N 418 
RAP H432 H N N 419 
RAP H433 H N N 420 
RAP H441 H N N 421 
RAP H442 H N N 422 
RAP H443 H N N 423 
RAP H451 H N N 424 
RAP H452 H N N 425 
RAP H453 H N N 426 
RAP H461 H N N 427 
RAP H462 H N N 428 
RAP H463 H N N 429 
RAP H471 H N N 430 
RAP H472 H N N 431 
RAP H473 H N N 432 
RAP H481 H N N 433 
RAP H482 H N N 434 
RAP H483 H N N 435 
RAP H491 H N N 436 
RAP H492 H N N 437 
RAP H493 H N N 438 
RAP H501 H N N 439 
RAP H502 H N N 440 
RAP H503 H N N 441 
RAP H511 H N N 442 
RAP H512 H N N 443 
RAP H513 H N N 444 
RAP H521 H N N 445 
RAP H522 H N N 446 
RAP H523 H N N 447 
SER N    N N N 448 
SER CA   C N S 449 
SER C    C N N 450 
SER O    O N N 451 
SER CB   C N N 452 
SER OG   O N N 453 
SER OXT  O N N 454 
SER H    H N N 455 
SER H2   H N N 456 
SER HA   H N N 457 
SER HB2  H N N 458 
SER HB3  H N N 459 
SER HG   H N N 460 
SER HXT  H N N 461 
THR N    N N N 462 
THR CA   C N S 463 
THR C    C N N 464 
THR O    O N N 465 
THR CB   C N R 466 
THR OG1  O N N 467 
THR CG2  C N N 468 
THR OXT  O N N 469 
THR H    H N N 470 
THR H2   H N N 471 
THR HA   H N N 472 
THR HB   H N N 473 
THR HG1  H N N 474 
THR HG21 H N N 475 
THR HG22 H N N 476 
THR HG23 H N N 477 
THR HXT  H N N 478 
TRP N    N N N 479 
TRP CA   C N S 480 
TRP C    C N N 481 
TRP O    O N N 482 
TRP CB   C N N 483 
TRP CG   C Y N 484 
TRP CD1  C Y N 485 
TRP CD2  C Y N 486 
TRP NE1  N Y N 487 
TRP CE2  C Y N 488 
TRP CE3  C Y N 489 
TRP CZ2  C Y N 490 
TRP CZ3  C Y N 491 
TRP CH2  C Y N 492 
TRP OXT  O N N 493 
TRP H    H N N 494 
TRP H2   H N N 495 
TRP HA   H N N 496 
TRP HB2  H N N 497 
TRP HB3  H N N 498 
TRP HD1  H N N 499 
TRP HE1  H N N 500 
TRP HE3  H N N 501 
TRP HZ2  H N N 502 
TRP HZ3  H N N 503 
TRP HH2  H N N 504 
TRP HXT  H N N 505 
TYR N    N N N 506 
TYR CA   C N S 507 
TYR C    C N N 508 
TYR O    O N N 509 
TYR CB   C N N 510 
TYR CG   C Y N 511 
TYR CD1  C Y N 512 
TYR CD2  C Y N 513 
TYR CE1  C Y N 514 
TYR CE2  C Y N 515 
TYR CZ   C Y N 516 
TYR OH   O N N 517 
TYR OXT  O N N 518 
TYR H    H N N 519 
TYR H2   H N N 520 
TYR HA   H N N 521 
TYR HB2  H N N 522 
TYR HB3  H N N 523 
TYR HD1  H N N 524 
TYR HD2  H N N 525 
TYR HE1  H N N 526 
TYR HE2  H N N 527 
TYR HH   H N N 528 
TYR HXT  H N N 529 
VAL N    N N N 530 
VAL CA   C N S 531 
VAL C    C N N 532 
VAL O    O N N 533 
VAL CB   C N N 534 
VAL CG1  C N N 535 
VAL CG2  C N N 536 
VAL OXT  O N N 537 
VAL H    H N N 538 
VAL H2   H N N 539 
VAL HA   H N N 540 
VAL HB   H N N 541 
VAL HG11 H N N 542 
VAL HG12 H N N 543 
VAL HG13 H N N 544 
VAL HG21 H N N 545 
VAL HG22 H N N 546 
VAL HG23 H N N 547 
VAL HXT  H N N 548 
# 
loop_
_chem_comp_bond.comp_id 
_chem_comp_bond.atom_id_1 
_chem_comp_bond.atom_id_2 
_chem_comp_bond.value_order 
_chem_comp_bond.pdbx_aromatic_flag 
_chem_comp_bond.pdbx_stereo_config 
_chem_comp_bond.pdbx_ordinal 
ALA N   CA   sing N N 1   
ALA N   H    sing N N 2   
ALA N   H2   sing N N 3   
ALA CA  C    sing N N 4   
ALA CA  CB   sing N N 5   
ALA CA  HA   sing N N 6   
ALA C   O    doub N N 7   
ALA C   OXT  sing N N 8   
ALA CB  HB1  sing N N 9   
ALA CB  HB2  sing N N 10  
ALA CB  HB3  sing N N 11  
ALA OXT HXT  sing N N 12  
ARG N   CA   sing N N 13  
ARG N   H    sing N N 14  
ARG N   H2   sing N N 15  
ARG CA  C    sing N N 16  
ARG CA  CB   sing N N 17  
ARG CA  HA   sing N N 18  
ARG C   O    doub N N 19  
ARG C   OXT  sing N N 20  
ARG CB  CG   sing N N 21  
ARG CB  HB2  sing N N 22  
ARG CB  HB3  sing N N 23  
ARG CG  CD   sing N N 24  
ARG CG  HG2  sing N N 25  
ARG CG  HG3  sing N N 26  
ARG CD  NE   sing N N 27  
ARG CD  HD2  sing N N 28  
ARG CD  HD3  sing N N 29  
ARG NE  CZ   sing N N 30  
ARG NE  HE   sing N N 31  
ARG CZ  NH1  sing N N 32  
ARG CZ  NH2  doub N N 33  
ARG NH1 HH11 sing N N 34  
ARG NH1 HH12 sing N N 35  
ARG NH2 HH21 sing N N 36  
ARG NH2 HH22 sing N N 37  
ARG OXT HXT  sing N N 38  
ASN N   CA   sing N N 39  
ASN N   H    sing N N 40  
ASN N   H2   sing N N 41  
ASN CA  C    sing N N 42  
ASN CA  CB   sing N N 43  
ASN CA  HA   sing N N 44  
ASN C   O    doub N N 45  
ASN C   OXT  sing N N 46  
ASN CB  CG   sing N N 47  
ASN CB  HB2  sing N N 48  
ASN CB  HB3  sing N N 49  
ASN CG  OD1  doub N N 50  
ASN CG  ND2  sing N N 51  
ASN ND2 HD21 sing N N 52  
ASN ND2 HD22 sing N N 53  
ASN OXT HXT  sing N N 54  
ASP N   CA   sing N N 55  
ASP N   H    sing N N 56  
ASP N   H2   sing N N 57  
ASP CA  C    sing N N 58  
ASP CA  CB   sing N N 59  
ASP CA  HA   sing N N 60  
ASP C   O    doub N N 61  
ASP C   OXT  sing N N 62  
ASP CB  CG   sing N N 63  
ASP CB  HB2  sing N N 64  
ASP CB  HB3  sing N N 65  
ASP CG  OD1  doub N N 66  
ASP CG  OD2  sing N N 67  
ASP OD2 HD2  sing N N 68  
ASP OXT HXT  sing N N 69  
CYS N   CA   sing N N 70  
CYS N   H    sing N N 71  
CYS N   H2   sing N N 72  
CYS CA  C    sing N N 73  
CYS CA  CB   sing N N 74  
CYS CA  HA   sing N N 75  
CYS C   O    doub N N 76  
CYS C   OXT  sing N N 77  
CYS CB  SG   sing N N 78  
CYS CB  HB2  sing N N 79  
CYS CB  HB3  sing N N 80  
CYS SG  HG   sing N N 81  
CYS OXT HXT  sing N N 82  
GLN N   CA   sing N N 83  
GLN N   H    sing N N 84  
GLN N   H2   sing N N 85  
GLN CA  C    sing N N 86  
GLN CA  CB   sing N N 87  
GLN CA  HA   sing N N 88  
GLN C   O    doub N N 89  
GLN C   OXT  sing N N 90  
GLN CB  CG   sing N N 91  
GLN CB  HB2  sing N N 92  
GLN CB  HB3  sing N N 93  
GLN CG  CD   sing N N 94  
GLN CG  HG2  sing N N 95  
GLN CG  HG3  sing N N 96  
GLN CD  OE1  doub N N 97  
GLN CD  NE2  sing N N 98  
GLN NE2 HE21 sing N N 99  
GLN NE2 HE22 sing N N 100 
GLN OXT HXT  sing N N 101 
GLU N   CA   sing N N 102 
GLU N   H    sing N N 103 
GLU N   H2   sing N N 104 
GLU CA  C    sing N N 105 
GLU CA  CB   sing N N 106 
GLU CA  HA   sing N N 107 
GLU C   O    doub N N 108 
GLU C   OXT  sing N N 109 
GLU CB  CG   sing N N 110 
GLU CB  HB2  sing N N 111 
GLU CB  HB3  sing N N 112 
GLU CG  CD   sing N N 113 
GLU CG  HG2  sing N N 114 
GLU CG  HG3  sing N N 115 
GLU CD  OE1  doub N N 116 
GLU CD  OE2  sing N N 117 
GLU OE2 HE2  sing N N 118 
GLU OXT HXT  sing N N 119 
GLY N   CA   sing N N 120 
GLY N   H    sing N N 121 
GLY N   H2   sing N N 122 
GLY CA  C    sing N N 123 
GLY CA  HA2  sing N N 124 
GLY CA  HA3  sing N N 125 
GLY C   O    doub N N 126 
GLY C   OXT  sing N N 127 
GLY OXT HXT  sing N N 128 
GOL C1  O1   sing N N 129 
GOL C1  C2   sing N N 130 
GOL C1  H11  sing N N 131 
GOL C1  H12  sing N N 132 
GOL O1  HO1  sing N N 133 
GOL C2  O2   sing N N 134 
GOL C2  C3   sing N N 135 
GOL C2  H2   sing N N 136 
GOL O2  HO2  sing N N 137 
GOL C3  O3   sing N N 138 
GOL C3  H31  sing N N 139 
GOL C3  H32  sing N N 140 
GOL O3  HO3  sing N N 141 
HIS N   CA   sing N N 142 
HIS N   H    sing N N 143 
HIS N   H2   sing N N 144 
HIS CA  C    sing N N 145 
HIS CA  CB   sing N N 146 
HIS CA  HA   sing N N 147 
HIS C   O    doub N N 148 
HIS C   OXT  sing N N 149 
HIS CB  CG   sing N N 150 
HIS CB  HB2  sing N N 151 
HIS CB  HB3  sing N N 152 
HIS CG  ND1  sing Y N 153 
HIS CG  CD2  doub Y N 154 
HIS ND1 CE1  doub Y N 155 
HIS ND1 HD1  sing N N 156 
HIS CD2 NE2  sing Y N 157 
HIS CD2 HD2  sing N N 158 
HIS CE1 NE2  sing Y N 159 
HIS CE1 HE1  sing N N 160 
HIS NE2 HE2  sing N N 161 
HIS OXT HXT  sing N N 162 
HOH O   H1   sing N N 163 
HOH O   H2   sing N N 164 
ILE N   CA   sing N N 165 
ILE N   H    sing N N 166 
ILE N   H2   sing N N 167 
ILE CA  C    sing N N 168 
ILE CA  CB   sing N N 169 
ILE CA  HA   sing N N 170 
ILE C   O    doub N N 171 
ILE C   OXT  sing N N 172 
ILE CB  CG1  sing N N 173 
ILE CB  CG2  sing N N 174 
ILE CB  HB   sing N N 175 
ILE CG1 CD1  sing N N 176 
ILE CG1 HG12 sing N N 177 
ILE CG1 HG13 sing N N 178 
ILE CG2 HG21 sing N N 179 
ILE CG2 HG22 sing N N 180 
ILE CG2 HG23 sing N N 181 
ILE CD1 HD11 sing N N 182 
ILE CD1 HD12 sing N N 183 
ILE CD1 HD13 sing N N 184 
ILE OXT HXT  sing N N 185 
LEU N   CA   sing N N 186 
LEU N   H    sing N N 187 
LEU N   H2   sing N N 188 
LEU CA  C    sing N N 189 
LEU CA  CB   sing N N 190 
LEU CA  HA   sing N N 191 
LEU C   O    doub N N 192 
LEU C   OXT  sing N N 193 
LEU CB  CG   sing N N 194 
LEU CB  HB2  sing N N 195 
LEU CB  HB3  sing N N 196 
LEU CG  CD1  sing N N 197 
LEU CG  CD2  sing N N 198 
LEU CG  HG   sing N N 199 
LEU CD1 HD11 sing N N 200 
LEU CD1 HD12 sing N N 201 
LEU CD1 HD13 sing N N 202 
LEU CD2 HD21 sing N N 203 
LEU CD2 HD22 sing N N 204 
LEU CD2 HD23 sing N N 205 
LEU OXT HXT  sing N N 206 
LYS N   CA   sing N N 207 
LYS N   H    sing N N 208 
LYS N   H2   sing N N 209 
LYS CA  C    sing N N 210 
LYS CA  CB   sing N N 211 
LYS CA  HA   sing N N 212 
LYS C   O    doub N N 213 
LYS C   OXT  sing N N 214 
LYS CB  CG   sing N N 215 
LYS CB  HB2  sing N N 216 
LYS CB  HB3  sing N N 217 
LYS CG  CD   sing N N 218 
LYS CG  HG2  sing N N 219 
LYS CG  HG3  sing N N 220 
LYS CD  CE   sing N N 221 
LYS CD  HD2  sing N N 222 
LYS CD  HD3  sing N N 223 
LYS CE  NZ   sing N N 224 
LYS CE  HE2  sing N N 225 
LYS CE  HE3  sing N N 226 
LYS NZ  HZ1  sing N N 227 
LYS NZ  HZ2  sing N N 228 
LYS NZ  HZ3  sing N N 229 
LYS OXT HXT  sing N N 230 
MET N   CA   sing N N 231 
MET N   H    sing N N 232 
MET N   H2   sing N N 233 
MET CA  C    sing N N 234 
MET CA  CB   sing N N 235 
MET CA  HA   sing N N 236 
MET C   O    doub N N 237 
MET C   OXT  sing N N 238 
MET CB  CG   sing N N 239 
MET CB  HB2  sing N N 240 
MET CB  HB3  sing N N 241 
MET CG  SD   sing N N 242 
MET CG  HG2  sing N N 243 
MET CG  HG3  sing N N 244 
MET SD  CE   sing N N 245 
MET CE  HE1  sing N N 246 
MET CE  HE2  sing N N 247 
MET CE  HE3  sing N N 248 
MET OXT HXT  sing N N 249 
PHE N   CA   sing N N 250 
PHE N   H    sing N N 251 
PHE N   H2   sing N N 252 
PHE CA  C    sing N N 253 
PHE CA  CB   sing N N 254 
PHE CA  HA   sing N N 255 
PHE C   O    doub N N 256 
PHE C   OXT  sing N N 257 
PHE CB  CG   sing N N 258 
PHE CB  HB2  sing N N 259 
PHE CB  HB3  sing N N 260 
PHE CG  CD1  doub Y N 261 
PHE CG  CD2  sing Y N 262 
PHE CD1 CE1  sing Y N 263 
PHE CD1 HD1  sing N N 264 
PHE CD2 CE2  doub Y N 265 
PHE CD2 HD2  sing N N 266 
PHE CE1 CZ   doub Y N 267 
PHE CE1 HE1  sing N N 268 
PHE CE2 CZ   sing Y N 269 
PHE CE2 HE2  sing N N 270 
PHE CZ  HZ   sing N N 271 
PHE OXT HXT  sing N N 272 
PRO N   CA   sing N N 273 
PRO N   CD   sing N N 274 
PRO N   H    sing N N 275 
PRO CA  C    sing N N 276 
PRO CA  CB   sing N N 277 
PRO CA  HA   sing N N 278 
PRO C   O    doub N N 279 
PRO C   OXT  sing N N 280 
PRO CB  CG   sing N N 281 
PRO CB  HB2  sing N N 282 
PRO CB  HB3  sing N N 283 
PRO CG  CD   sing N N 284 
PRO CG  HG2  sing N N 285 
PRO CG  HG3  sing N N 286 
PRO CD  HD2  sing N N 287 
PRO CD  HD3  sing N N 288 
PRO OXT HXT  sing N N 289 
RAP C1  O1   sing N N 290 
RAP C1  O2   doub N N 291 
RAP C1  C2   sing N N 292 
RAP O1  C34  sing N N 293 
RAP C2  C3   sing N N 294 
RAP C2  N7   sing N N 295 
RAP C2  H2   sing N N 296 
RAP C3  C4   sing N N 297 
RAP C3  H31A sing N N 298 
RAP C3  H32  sing N N 299 
RAP C4  C5   sing N N 300 
RAP C4  H41  sing N N 301 
RAP C4  H42  sing N N 302 
RAP C5  C6   sing N N 303 
RAP C5  H51  sing N N 304 
RAP C5  H52  sing N N 305 
RAP C6  N7   sing N N 306 
RAP C6  H61  sing N N 307 
RAP C6  H62  sing N N 308 
RAP N7  C8   sing N N 309 
RAP C8  O3   doub N N 310 
RAP C8  C9   sing N N 311 
RAP C9  O4   doub N N 312 
RAP C9  C10  sing N N 313 
RAP C10 O5   sing N N 314 
RAP C10 O6   sing N N 315 
RAP C10 C11  sing N N 316 
RAP O5  C14  sing N N 317 
RAP O6  HO6  sing N N 318 
RAP C11 C12  sing N N 319 
RAP C11 C43  sing N N 320 
RAP C11 H11  sing N N 321 
RAP C12 C13  sing N N 322 
RAP C12 H121 sing N N 323 
RAP C12 H122 sing N N 324 
RAP C13 C14  sing N N 325 
RAP C13 H131 sing N N 326 
RAP C13 H132 sing N N 327 
RAP C14 C15  sing N N 328 
RAP C14 H14  sing N N 329 
RAP C15 C16  sing N N 330 
RAP C15 H151 sing N N 331 
RAP C15 H152 sing N N 332 
RAP C16 O7   sing N N 333 
RAP C16 C17  sing N N 334 
RAP C16 H16  sing N N 335 
RAP O7  C50  sing N N 336 
RAP C17 C18  doub N E 337 
RAP C17 C44  sing N N 338 
RAP C18 C19  sing N N 339 
RAP C18 H18  sing N N 340 
RAP C19 C20  doub N E 341 
RAP C19 H19  sing N N 342 
RAP C20 C21  sing N N 343 
RAP C20 H20  sing N N 344 
RAP C21 C22  doub N E 345 
RAP C21 H21  sing N N 346 
RAP C22 C23  sing N N 347 
RAP C22 H22  sing N N 348 
RAP C23 C24  sing N N 349 
RAP C23 C45  sing N N 350 
RAP C23 H23  sing N N 351 
RAP C24 C25  sing N N 352 
RAP C24 H241 sing N N 353 
RAP C24 H242 sing N N 354 
RAP C25 C26  sing N N 355 
RAP C25 C46  sing N N 356 
RAP C25 H25  sing N N 357 
RAP C26 O8   doub N N 358 
RAP C26 C27  sing N N 359 
RAP C27 O9   sing N N 360 
RAP C27 C28  sing N N 361 
RAP C27 H27  sing N N 362 
RAP O9  C51  sing N N 363 
RAP C28 O10  sing N N 364 
RAP C28 C29  sing N N 365 
RAP C28 H28  sing N N 366 
RAP O10 HO1  sing N N 367 
RAP C29 C30  doub N E 368 
RAP C29 C47  sing N N 369 
RAP C30 C31  sing N N 370 
RAP C30 H30  sing N N 371 
RAP C31 C32  sing N N 372 
RAP C31 C48  sing N N 373 
RAP C31 H31  sing N N 374 
RAP C32 O11  doub N N 375 
RAP C32 C33  sing N N 376 
RAP C33 C34  sing N N 377 
RAP C33 H331 sing N N 378 
RAP C33 H332 sing N N 379 
RAP C34 C35  sing N N 380 
RAP C34 H34  sing N N 381 
RAP C35 C36  sing N N 382 
RAP C35 C49  sing N N 383 
RAP C35 H35  sing N N 384 
RAP C36 C37  sing N N 385 
RAP C36 H361 sing N N 386 
RAP C36 H362 sing N N 387 
RAP C37 C38  sing N N 388 
RAP C37 C42  sing N N 389 
RAP C37 H37  sing N N 390 
RAP C38 C39  sing N N 391 
RAP C38 H381 sing N N 392 
RAP C38 H382 sing N N 393 
RAP C39 O12  sing N N 394 
RAP C39 C40  sing N N 395 
RAP C39 H39  sing N N 396 
RAP O12 C52  sing N N 397 
RAP C40 O13  sing N N 398 
RAP C40 C41  sing N N 399 
RAP C40 H40  sing N N 400 
RAP O13 HO3  sing N N 401 
RAP C41 C42  sing N N 402 
RAP C41 H411 sing N N 403 
RAP C41 H412 sing N N 404 
RAP C42 H421 sing N N 405 
RAP C42 H422 sing N N 406 
RAP C43 H431 sing N N 407 
RAP C43 H432 sing N N 408 
RAP C43 H433 sing N N 409 
RAP C44 H441 sing N N 410 
RAP C44 H442 sing N N 411 
RAP C44 H443 sing N N 412 
RAP C45 H451 sing N N 413 
RAP C45 H452 sing N N 414 
RAP C45 H453 sing N N 415 
RAP C46 H461 sing N N 416 
RAP C46 H462 sing N N 417 
RAP C46 H463 sing N N 418 
RAP C47 H471 sing N N 419 
RAP C47 H472 sing N N 420 
RAP C47 H473 sing N N 421 
RAP C48 H481 sing N N 422 
RAP C48 H482 sing N N 423 
RAP C48 H483 sing N N 424 
RAP C49 H491 sing N N 425 
RAP C49 H492 sing N N 426 
RAP C49 H493 sing N N 427 
RAP C50 H501 sing N N 428 
RAP C50 H502 sing N N 429 
RAP C50 H503 sing N N 430 
RAP C51 H511 sing N N 431 
RAP C51 H512 sing N N 432 
RAP C51 H513 sing N N 433 
RAP C52 H521 sing N N 434 
RAP C52 H522 sing N N 435 
RAP C52 H523 sing N N 436 
SER N   CA   sing N N 437 
SER N   H    sing N N 438 
SER N   H2   sing N N 439 
SER CA  C    sing N N 440 
SER CA  CB   sing N N 441 
SER CA  HA   sing N N 442 
SER C   O    doub N N 443 
SER C   OXT  sing N N 444 
SER CB  OG   sing N N 445 
SER CB  HB2  sing N N 446 
SER CB  HB3  sing N N 447 
SER OG  HG   sing N N 448 
SER OXT HXT  sing N N 449 
THR N   CA   sing N N 450 
THR N   H    sing N N 451 
THR N   H2   sing N N 452 
THR CA  C    sing N N 453 
THR CA  CB   sing N N 454 
THR CA  HA   sing N N 455 
THR C   O    doub N N 456 
THR C   OXT  sing N N 457 
THR CB  OG1  sing N N 458 
THR CB  CG2  sing N N 459 
THR CB  HB   sing N N 460 
THR OG1 HG1  sing N N 461 
THR CG2 HG21 sing N N 462 
THR CG2 HG22 sing N N 463 
THR CG2 HG23 sing N N 464 
THR OXT HXT  sing N N 465 
TRP N   CA   sing N N 466 
TRP N   H    sing N N 467 
TRP N   H2   sing N N 468 
TRP CA  C    sing N N 469 
TRP CA  CB   sing N N 470 
TRP CA  HA   sing N N 471 
TRP C   O    doub N N 472 
TRP C   OXT  sing N N 473 
TRP CB  CG   sing N N 474 
TRP CB  HB2  sing N N 475 
TRP CB  HB3  sing N N 476 
TRP CG  CD1  doub Y N 477 
TRP CG  CD2  sing Y N 478 
TRP CD1 NE1  sing Y N 479 
TRP CD1 HD1  sing N N 480 
TRP CD2 CE2  doub Y N 481 
TRP CD2 CE3  sing Y N 482 
TRP NE1 CE2  sing Y N 483 
TRP NE1 HE1  sing N N 484 
TRP CE2 CZ2  sing Y N 485 
TRP CE3 CZ3  doub Y N 486 
TRP CE3 HE3  sing N N 487 
TRP CZ2 CH2  doub Y N 488 
TRP CZ2 HZ2  sing N N 489 
TRP CZ3 CH2  sing Y N 490 
TRP CZ3 HZ3  sing N N 491 
TRP CH2 HH2  sing N N 492 
TRP OXT HXT  sing N N 493 
TYR N   CA   sing N N 494 
TYR N   H    sing N N 495 
TYR N   H2   sing N N 496 
TYR CA  C    sing N N 497 
TYR CA  CB   sing N N 498 
TYR CA  HA   sing N N 499 
TYR C   O    doub N N 500 
TYR C   OXT  sing N N 501 
TYR CB  CG   sing N N 502 
TYR CB  HB2  sing N N 503 
TYR CB  HB3  sing N N 504 
TYR CG  CD1  doub Y N 505 
TYR CG  CD2  sing Y N 506 
TYR CD1 CE1  sing Y N 507 
TYR CD1 HD1  sing N N 508 
TYR CD2 CE2  doub Y N 509 
TYR CD2 HD2  sing N N 510 
TYR CE1 CZ   doub Y N 511 
TYR CE1 HE1  sing N N 512 
TYR CE2 CZ   sing Y N 513 
TYR CE2 HE2  sing N N 514 
TYR CZ  OH   sing N N 515 
TYR OH  HH   sing N N 516 
TYR OXT HXT  sing N N 517 
VAL N   CA   sing N N 518 
VAL N   H    sing N N 519 
VAL N   H2   sing N N 520 
VAL CA  C    sing N N 521 
VAL CA  CB   sing N N 522 
VAL CA  HA   sing N N 523 
VAL C   O    doub N N 524 
VAL C   OXT  sing N N 525 
VAL CB  CG1  sing N N 526 
VAL CB  CG2  sing N N 527 
VAL CB  HB   sing N N 528 
VAL CG1 HG11 sing N N 529 
VAL CG1 HG12 sing N N 530 
VAL CG1 HG13 sing N N 531 
VAL CG2 HG21 sing N N 532 
VAL CG2 HG22 sing N N 533 
VAL CG2 HG23 sing N N 534 
VAL OXT HXT  sing N N 535 
# 
_atom_sites.entry_id                    2DG9 
_atom_sites.fract_transf_matrix[1][1]   -0.01317227 
_atom_sites.fract_transf_matrix[1][2]   0.01581459 
_atom_sites.fract_transf_matrix[1][3]   -0.00949408 
_atom_sites.fract_transf_matrix[2][1]   -0.00438931 
_atom_sites.fract_transf_matrix[2][2]   0.00736428 
_atom_sites.fract_transf_matrix[2][3]   0.01835671 
_atom_sites.fract_transf_matrix[3][1]   0.01520070 
_atom_sites.fract_transf_matrix[3][2]   0.01196203 
_atom_sites.fract_transf_matrix[3][3]   -0.00116422 
_atom_sites.fract_transf_vector[1]      0.056447 
_atom_sites.fract_transf_vector[2]      0.024581 
_atom_sites.fract_transf_vector[3]      0.150043 
# 
loop_
_atom_type.symbol 
C 
N 
O 
S 
# 
loop_
_atom_site.group_PDB 
_atom_site.id 
_atom_site.type_symbol 
_atom_site.label_atom_id 
_atom_site.label_alt_id 
_atom_site.label_comp_id 
_atom_site.label_asym_id 
_atom_site.label_entity_id 
_atom_site.label_seq_id 
_atom_site.pdbx_PDB_ins_code 
_atom_site.Cartn_x 
_atom_site.Cartn_y 
_atom_site.Cartn_z 
_atom_site.occupancy 
_atom_site.B_iso_or_equiv 
_atom_site.pdbx_formal_charge 
_atom_site.auth_seq_id 
_atom_site.auth_comp_id 
_atom_site.auth_asym_id 
_atom_site.auth_atom_id 
_atom_site.pdbx_PDB_model_num 
ATOM   1    N N   . GLY A 1 1   ? -8.921  5.660   -8.422  1.00 35.11 ? 1    GLY A N   1 
ATOM   2    C CA  . GLY A 1 1   ? -8.235  6.126   -7.178  1.00 34.63 ? 1    GLY A CA  1 
ATOM   3    C C   . GLY A 1 1   ? -6.951  5.368   -6.896  1.00 34.63 ? 1    GLY A C   1 
ATOM   4    O O   . GLY A 1 1   ? -5.907  5.973   -6.629  1.00 34.48 ? 1    GLY A O   1 
ATOM   5    N N   . VAL A 1 2   ? -7.036  4.041   -6.933  1.00 34.40 ? 2    VAL A N   1 
ATOM   6    C CA  . VAL A 1 2   ? -5.855  3.183   -6.850  1.00 34.08 ? 2    VAL A CA  1 
ATOM   7    C C   . VAL A 1 2   ? -5.880  2.120   -7.952  1.00 33.90 ? 2    VAL A C   1 
ATOM   8    O O   . VAL A 1 2   ? -6.829  1.338   -8.058  1.00 33.63 ? 2    VAL A O   1 
ATOM   9    C CB  . VAL A 1 2   ? -5.658  2.548   -5.434  1.00 34.30 ? 2    VAL A CB  1 
ATOM   10   C CG1 . VAL A 1 2   ? -6.895  1.768   -4.977  1.00 34.22 ? 2    VAL A CG1 1 
ATOM   11   C CG2 . VAL A 1 2   ? -4.408  1.670   -5.396  1.00 34.39 ? 2    VAL A CG2 1 
ATOM   12   N N   . GLN A 1 3   ? -4.844  2.133   -8.786  1.00 33.52 ? 3    GLN A N   1 
ATOM   13   C CA  . GLN A 1 3   ? -4.658  1.120   -9.822  1.00 33.14 ? 3    GLN A CA  1 
ATOM   14   C C   . GLN A 1 3   ? -3.714  0.039   -9.307  1.00 33.04 ? 3    GLN A C   1 
ATOM   15   O O   . GLN A 1 3   ? -2.673  0.344   -8.715  1.00 33.07 ? 3    GLN A O   1 
ATOM   16   C CB  . GLN A 1 3   ? -4.101  1.753   -11.101 1.00 33.31 ? 3    GLN A CB  1 
ATOM   17   N N   . VAL A 1 4   ? -4.088  -1.219  -9.523  1.00 32.82 ? 4    VAL A N   1 
ATOM   18   C CA  . VAL A 1 4   ? -3.315  -2.361  -9.033  1.00 32.41 ? 4    VAL A CA  1 
ATOM   19   C C   . VAL A 1 4   ? -2.799  -3.201  -10.199 1.00 32.56 ? 4    VAL A C   1 
ATOM   20   O O   . VAL A 1 4   ? -3.579  -3.666  -11.034 1.00 32.36 ? 4    VAL A O   1 
ATOM   21   C CB  . VAL A 1 4   ? -4.153  -3.248  -8.071  1.00 32.47 ? 4    VAL A CB  1 
ATOM   22   C CG1 . VAL A 1 4   ? -3.367  -4.483  -7.631  1.00 31.90 ? 4    VAL A CG1 1 
ATOM   23   C CG2 . VAL A 1 4   ? -4.602  -2.447  -6.856  1.00 32.28 ? 4    VAL A CG2 1 
ATOM   24   N N   . GLU A 1 5   ? -1.480  -3.377  -10.253 1.00 32.43 ? 5    GLU A N   1 
ATOM   25   C CA  . GLU A 1 5   ? -0.845  -4.215  -11.265 1.00 32.39 ? 5    GLU A CA  1 
ATOM   26   C C   . GLU A 1 5   ? -0.014  -5.285  -10.575 1.00 32.12 ? 5    GLU A C   1 
ATOM   27   O O   . GLU A 1 5   ? 0.909   -4.982  -9.817  1.00 32.10 ? 5    GLU A O   1 
ATOM   28   C CB  . GLU A 1 5   ? 0.023   -3.379  -12.213 1.00 32.25 ? 5    GLU A CB  1 
ATOM   29   C CG  . GLU A 1 5   ? -0.723  -2.253  -12.908 1.00 32.87 ? 5    GLU A CG  1 
ATOM   30   C CD  . GLU A 1 5   ? 0.196   -1.353  -13.703 1.00 33.08 ? 5    GLU A CD  1 
ATOM   31   O OE1 . GLU A 1 5   ? 0.593   -0.294  -13.175 1.00 34.42 ? 5    GLU A OE1 1 
ATOM   32   O OE2 . GLU A 1 5   ? 0.529   -1.710  -14.850 1.00 34.47 ? 5    GLU A OE2 1 
ATOM   33   N N   . THR A 1 6   ? -0.359  -6.542  -10.833 1.00 31.89 ? 6    THR A N   1 
ATOM   34   C CA  . THR A 1 6   ? 0.251   -7.671  -10.145 1.00 31.91 ? 6    THR A CA  1 
ATOM   35   C C   . THR A 1 6   ? 1.716   -7.894  -10.532 1.00 31.75 ? 6    THR A C   1 
ATOM   36   O O   . THR A 1 6   ? 2.055   -7.986  -11.714 1.00 31.86 ? 6    THR A O   1 
ATOM   37   C CB  . THR A 1 6   ? -0.586  -8.953  -10.358 1.00 32.07 ? 6    THR A CB  1 
ATOM   38   O OG1 . THR A 1 6   ? -1.878  -8.763  -9.770  1.00 32.50 ? 6    THR A OG1 1 
ATOM   39   C CG2 . THR A 1 6   ? 0.081   -10.159 -9.716  1.00 32.35 ? 6    THR A CG2 1 
ATOM   40   N N   . ILE A 1 7   ? 2.569   -7.963  -9.512  1.00 31.68 ? 7    ILE A N   1 
ATOM   41   C CA  . ILE A 1 7   ? 3.982   -8.301  -9.664  1.00 31.69 ? 7    ILE A CA  1 
ATOM   42   C C   . ILE A 1 7   ? 4.165   -9.810  -9.485  1.00 31.65 ? 7    ILE A C   1 
ATOM   43   O O   . ILE A 1 7   ? 4.892   -10.449 -10.243 1.00 31.45 ? 7    ILE A O   1 
ATOM   44   C CB  . ILE A 1 7   ? 4.858   -7.525  -8.645  1.00 31.68 ? 7    ILE A CB  1 
ATOM   45   C CG1 . ILE A 1 7   ? 4.735   -6.012  -8.879  1.00 31.72 ? 7    ILE A CG1 1 
ATOM   46   C CG2 . ILE A 1 7   ? 6.315   -7.989  -8.713  1.00 31.96 ? 7    ILE A CG2 1 
ATOM   47   C CD1 . ILE A 1 7   ? 5.373   -5.143  -7.804  1.00 31.48 ? 7    ILE A CD1 1 
ATOM   48   N N   . SER A 1 8   ? 3.500   -10.359 -8.471  1.00 31.64 ? 8    SER A N   1 
ATOM   49   C CA  . SER A 1 8   ? 3.455   -11.799 -8.219  1.00 31.78 ? 8    SER A CA  1 
ATOM   50   C C   . SER A 1 8   ? 2.053   -12.165 -7.742  1.00 31.86 ? 8    SER A C   1 
ATOM   51   O O   . SER A 1 8   ? 1.507   -11.491 -6.868  1.00 31.97 ? 8    SER A O   1 
ATOM   52   C CB  . SER A 1 8   ? 4.482   -12.200 -7.157  1.00 31.75 ? 8    SER A CB  1 
ATOM   53   O OG  . SER A 1 8   ? 5.781   -12.334 -7.707  1.00 31.90 ? 8    SER A OG  1 
ATOM   54   N N   . PRO A 1 9   ? 1.457   -13.229 -8.315  1.00 31.91 ? 9    PRO A N   1 
ATOM   55   C CA  . PRO A 1 9   ? 0.092   -13.590 -7.912  1.00 32.07 ? 9    PRO A CA  1 
ATOM   56   C C   . PRO A 1 9   ? 0.004   -14.175 -6.503  1.00 32.23 ? 9    PRO A C   1 
ATOM   57   O O   . PRO A 1 9   ? 0.945   -14.821 -6.034  1.00 32.21 ? 9    PRO A O   1 
ATOM   58   C CB  . PRO A 1 9   ? -0.310  -14.647 -8.944  1.00 32.08 ? 9    PRO A CB  1 
ATOM   59   C CG  . PRO A 1 9   ? 0.972   -15.248 -9.388  1.00 32.04 ? 9    PRO A CG  1 
ATOM   60   C CD  . PRO A 1 9   ? 1.987   -14.140 -9.347  1.00 31.97 ? 9    PRO A CD  1 
ATOM   61   N N   . GLY A 1 10  ? -1.126  -13.942 -5.841  1.00 32.44 ? 10   GLY A N   1 
ATOM   62   C CA  . GLY A 1 10  ? -1.434  -14.600 -4.575  1.00 32.70 ? 10   GLY A CA  1 
ATOM   63   C C   . GLY A 1 10  ? -2.111  -15.933 -4.818  1.00 33.02 ? 10   GLY A C   1 
ATOM   64   O O   . GLY A 1 10  ? -2.071  -16.465 -5.931  1.00 32.75 ? 10   GLY A O   1 
ATOM   65   N N   . ASP A 1 11  ? -2.742  -16.477 -3.781  1.00 33.27 ? 11   ASP A N   1 
ATOM   66   C CA  . ASP A 1 11  ? -3.447  -17.751 -3.920  1.00 33.65 ? 11   ASP A CA  1 
ATOM   67   C C   . ASP A 1 11  ? -4.785  -17.598 -4.654  1.00 33.85 ? 11   ASP A C   1 
ATOM   68   O O   . ASP A 1 11  ? -5.386  -18.586 -5.086  1.00 33.89 ? 11   ASP A O   1 
ATOM   69   C CB  . ASP A 1 11  ? -3.596  -18.472 -2.567  1.00 33.79 ? 11   ASP A CB  1 
ATOM   70   C CG  . ASP A 1 11  ? -4.536  -17.761 -1.598  1.00 34.04 ? 11   ASP A CG  1 
ATOM   71   O OD1 . ASP A 1 11  ? -5.133  -16.718 -1.939  1.00 34.52 ? 11   ASP A OD1 1 
ATOM   72   O OD2 . ASP A 1 11  ? -4.681  -18.276 -0.470  1.00 35.27 ? 11   ASP A OD2 1 
ATOM   73   N N   . GLY A 1 12  ? -5.231  -16.350 -4.786  1.00 34.04 ? 12   GLY A N   1 
ATOM   74   C CA  . GLY A 1 12  ? -6.450  -16.013 -5.516  1.00 34.36 ? 12   GLY A CA  1 
ATOM   75   C C   . GLY A 1 12  ? -7.734  -16.278 -4.755  1.00 34.55 ? 12   GLY A C   1 
ATOM   76   O O   . GLY A 1 12  ? -8.824  -16.169 -5.319  1.00 34.77 ? 12   GLY A O   1 
ATOM   77   N N   . ARG A 1 13  ? -7.611  -16.615 -3.471  1.00 34.74 ? 13   ARG A N   1 
ATOM   78   C CA  . ARG A 1 13  ? -8.764  -17.015 -2.660  1.00 34.93 ? 13   ARG A CA  1 
ATOM   79   C C   . ARG A 1 13  ? -8.831  -16.346 -1.286  1.00 34.99 ? 13   ARG A C   1 
ATOM   80   O O   . ARG A 1 13  ? -9.924  -16.049 -0.794  1.00 35.12 ? 13   ARG A O   1 
ATOM   81   C CB  . ARG A 1 13  ? -8.800  -18.537 -2.498  1.00 34.92 ? 13   ARG A CB  1 
ATOM   82   C CG  . ARG A 1 13  ? -9.114  -19.296 -3.776  1.00 35.42 ? 13   ARG A CG  1 
ATOM   83   N N   . THR A 1 14  ? -7.672  -16.120 -0.667  1.00 34.95 ? 14   THR A N   1 
ATOM   84   C CA  . THR A 1 14  ? -7.622  -15.594 0.701   1.00 34.91 ? 14   THR A CA  1 
ATOM   85   C C   . THR A 1 14  ? -7.433  -14.079 0.730   1.00 34.71 ? 14   THR A C   1 
ATOM   86   O O   . THR A 1 14  ? -6.311  -13.581 0.630   1.00 34.71 ? 14   THR A O   1 
ATOM   87   C CB  . THR A 1 14  ? -6.512  -16.270 1.542   1.00 35.03 ? 14   THR A CB  1 
ATOM   88   O OG1 . THR A 1 14  ? -6.507  -17.681 1.291   1.00 35.62 ? 14   THR A OG1 1 
ATOM   89   C CG2 . THR A 1 14  ? -6.741  -16.027 3.028   1.00 35.05 ? 14   THR A CG2 1 
ATOM   90   N N   . PHE A 1 15  ? -8.541  -13.358 0.881   1.00 34.43 ? 15   PHE A N   1 
ATOM   91   C CA  . PHE A 1 15  ? -8.532  -11.899 0.891   1.00 34.22 ? 15   PHE A CA  1 
ATOM   92   C C   . PHE A 1 15  ? -8.778  -11.363 2.303   1.00 34.26 ? 15   PHE A C   1 
ATOM   93   O O   . PHE A 1 15  ? -9.437  -12.031 3.108   1.00 34.07 ? 15   PHE A O   1 
ATOM   94   C CB  . PHE A 1 15  ? -9.590  -11.357 -0.074  1.00 34.18 ? 15   PHE A CB  1 
ATOM   95   C CG  . PHE A 1 15  ? -9.341  -11.714 -1.517  1.00 34.03 ? 15   PHE A CG  1 
ATOM   96   C CD1 . PHE A 1 15  ? -9.829  -12.905 -2.048  1.00 34.13 ? 15   PHE A CD1 1 
ATOM   97   C CD2 . PHE A 1 15  ? -8.629  -10.854 -2.345  1.00 34.03 ? 15   PHE A CD2 1 
ATOM   98   C CE1 . PHE A 1 15  ? -9.603  -13.237 -3.383  1.00 34.00 ? 15   PHE A CE1 1 
ATOM   99   C CE2 . PHE A 1 15  ? -8.400  -11.176 -3.681  1.00 33.81 ? 15   PHE A CE2 1 
ATOM   100  C CZ  . PHE A 1 15  ? -8.887  -12.371 -4.198  1.00 33.88 ? 15   PHE A CZ  1 
ATOM   101  N N   . PRO A 1 16  ? -8.241  -10.162 2.613   1.00 34.35 ? 16   PRO A N   1 
ATOM   102  C CA  . PRO A 1 16  ? -8.463  -9.546  3.922   1.00 34.51 ? 16   PRO A CA  1 
ATOM   103  C C   . PRO A 1 16  ? -9.940  -9.320  4.234   1.00 34.84 ? 16   PRO A C   1 
ATOM   104  O O   . PRO A 1 16  ? -10.709 -8.907  3.360   1.00 34.73 ? 16   PRO A O   1 
ATOM   105  C CB  . PRO A 1 16  ? -7.738  -8.200  3.805   1.00 34.47 ? 16   PRO A CB  1 
ATOM   106  C CG  . PRO A 1 16  ? -6.716  -8.411  2.746   1.00 34.38 ? 16   PRO A CG  1 
ATOM   107  C CD  . PRO A 1 16  ? -7.376  -9.325  1.762   1.00 34.33 ? 16   PRO A CD  1 
ATOM   108  N N   . LYS A 1 17  ? -10.323 -9.614  5.472   1.00 35.28 ? 17   LYS A N   1 
ATOM   109  C CA  . LYS A 1 17  ? -11.658 -9.308  5.967   1.00 35.71 ? 17   LYS A CA  1 
ATOM   110  C C   . LYS A 1 17  ? -11.597 -8.040  6.812   1.00 35.89 ? 17   LYS A C   1 
ATOM   111  O O   . LYS A 1 17  ? -10.530 -7.669  7.304   1.00 36.05 ? 17   LYS A O   1 
ATOM   112  C CB  . LYS A 1 17  ? -12.203 -10.472 6.794   1.00 35.67 ? 17   LYS A CB  1 
ATOM   113  N N   . ARG A 1 18  ? -12.742 -7.378  6.970   1.00 36.18 ? 18   ARG A N   1 
ATOM   114  C CA  . ARG A 1 18  ? -12.843 -6.181  7.804   1.00 36.18 ? 18   ARG A CA  1 
ATOM   115  C C   . ARG A 1 18  ? -12.372 -6.470  9.227   1.00 36.07 ? 18   ARG A C   1 
ATOM   116  O O   . ARG A 1 18  ? -12.780 -7.462  9.834   1.00 35.96 ? 18   ARG A O   1 
ATOM   117  C CB  . ARG A 1 18  ? -14.283 -5.660  7.824   1.00 36.27 ? 18   ARG A CB  1 
ATOM   118  N N   . GLY A 1 19  ? -11.493 -5.611  9.736   1.00 36.05 ? 19   GLY A N   1 
ATOM   119  C CA  . GLY A 1 19  ? -10.960 -5.748  11.089  1.00 36.09 ? 19   GLY A CA  1 
ATOM   120  C C   . GLY A 1 19  ? -9.799  -6.717  11.236  1.00 36.04 ? 19   GLY A C   1 
ATOM   121  O O   . GLY A 1 19  ? -9.354  -6.989  12.353  1.00 36.21 ? 19   GLY A O   1 
ATOM   122  N N   . GLN A 1 20  ? -9.309  -7.243  10.115  1.00 35.99 ? 20   GLN A N   1 
ATOM   123  C CA  . GLN A 1 20  ? -8.169  -8.155  10.129  1.00 35.86 ? 20   GLN A CA  1 
ATOM   124  C C   . GLN A 1 20  ? -6.875  -7.354  10.060  1.00 35.33 ? 20   GLN A C   1 
ATOM   125  O O   . GLN A 1 20  ? -6.841  -6.276  9.466   1.00 35.45 ? 20   GLN A O   1 
ATOM   126  C CB  . GLN A 1 20  ? -8.247  -9.127  8.950   1.00 36.03 ? 20   GLN A CB  1 
ATOM   127  C CG  . GLN A 1 20  ? -7.837  -10.557 9.283   1.00 36.55 ? 20   GLN A CG  1 
ATOM   128  C CD  . GLN A 1 20  ? -8.205  -11.549 8.190   1.00 36.31 ? 20   GLN A CD  1 
ATOM   129  O OE1 . GLN A 1 20  ? -8.525  -11.168 7.063   1.00 37.10 ? 20   GLN A OE1 1 
ATOM   130  N NE2 . GLN A 1 20  ? -8.158  -12.834 8.522   1.00 37.15 ? 20   GLN A NE2 1 
ATOM   131  N N   . THR A 1 21  ? -5.821  -7.874  10.682  1.00 34.91 ? 21   THR A N   1 
ATOM   132  C CA  . THR A 1 21  ? -4.510  -7.229  10.631  1.00 34.50 ? 21   THR A CA  1 
ATOM   133  C C   . THR A 1 21  ? -3.725  -7.755  9.435   1.00 34.18 ? 21   THR A C   1 
ATOM   134  O O   . THR A 1 21  ? -3.437  -8.952  9.341   1.00 34.24 ? 21   THR A O   1 
ATOM   135  C CB  . THR A 1 21  ? -3.707  -7.430  11.938  1.00 34.55 ? 21   THR A CB  1 
ATOM   136  O OG1 . THR A 1 21  ? -4.401  -6.809  13.026  1.00 34.62 ? 21   THR A OG1 1 
ATOM   137  C CG2 . THR A 1 21  ? -2.316  -6.812  11.825  1.00 34.45 ? 21   THR A CG2 1 
ATOM   138  N N   . CYS A 1 22  ? -3.401  -6.845  8.521   1.00 33.70 ? 22   CYS A N   1 
ATOM   139  C CA  . CYS A 1 22  ? -2.635  -7.169  7.326   1.00 33.27 ? 22   CYS A CA  1 
ATOM   140  C C   . CYS A 1 22  ? -1.155  -6.934  7.574   1.00 32.96 ? 22   CYS A C   1 
ATOM   141  O O   . CYS A 1 22  ? -0.757  -5.860  8.030   1.00 32.83 ? 22   CYS A O   1 
ATOM   142  C CB  . CYS A 1 22  ? -3.105  -6.322  6.147   1.00 33.50 ? 22   CYS A CB  1 
ATOM   143  S SG  . CYS A 1 22  ? -4.853  -6.514  5.780   1.00 33.91 ? 22   CYS A SG  1 
ATOM   144  N N   . VAL A 1 23  ? -0.353  -7.952  7.284   1.00 32.40 ? 23   VAL A N   1 
ATOM   145  C CA  . VAL A 1 23  ? 1.094   -7.864  7.422   1.00 31.78 ? 23   VAL A CA  1 
ATOM   146  C C   . VAL A 1 23  ? 1.677   -7.781  6.016   1.00 31.56 ? 23   VAL A C   1 
ATOM   147  O O   . VAL A 1 23  ? 1.495   -8.690  5.201   1.00 31.18 ? 23   VAL A O   1 
ATOM   148  C CB  . VAL A 1 23  ? 1.678   -9.073  8.193   1.00 31.87 ? 23   VAL A CB  1 
ATOM   149  C CG1 . VAL A 1 23  ? 3.176   -8.904  8.406   1.00 31.63 ? 23   VAL A CG1 1 
ATOM   150  C CG2 . VAL A 1 23  ? 0.975   -9.251  9.536   1.00 31.87 ? 23   VAL A CG2 1 
ATOM   151  N N   . VAL A 1 24  ? 2.357   -6.673  5.734   1.00 31.22 ? 24   VAL A N   1 
ATOM   152  C CA  . VAL A 1 24  ? 2.842   -6.393  4.386   1.00 31.04 ? 24   VAL A CA  1 
ATOM   153  C C   . VAL A 1 24  ? 4.302   -5.948  4.372   1.00 31.12 ? 24   VAL A C   1 
ATOM   154  O O   . VAL A 1 24  ? 4.816   -5.438  5.368   1.00 31.14 ? 24   VAL A O   1 
ATOM   155  C CB  . VAL A 1 24  ? 1.989   -5.300  3.664   1.00 31.02 ? 24   VAL A CB  1 
ATOM   156  C CG1 . VAL A 1 24  ? 0.530   -5.743  3.502   1.00 30.81 ? 24   VAL A CG1 1 
ATOM   157  C CG2 . VAL A 1 24  ? 2.081   -3.944  4.384   1.00 30.71 ? 24   VAL A CG2 1 
ATOM   158  N N   . HIS A 1 25  ? 4.963   -6.171  3.241   1.00 31.27 ? 25   HIS A N   1 
ATOM   159  C CA  . HIS A 1 25  ? 6.179   -5.440  2.914   1.00 31.43 ? 25   HIS A CA  1 
ATOM   160  C C   . HIS A 1 25  ? 5.816   -4.384  1.880   1.00 31.44 ? 25   HIS A C   1 
ATOM   161  O O   . HIS A 1 25  ? 5.021   -4.643  0.974   1.00 31.58 ? 25   HIS A O   1 
ATOM   162  C CB  . HIS A 1 25  ? 7.270   -6.364  2.365   1.00 31.55 ? 25   HIS A CB  1 
ATOM   163  C CG  . HIS A 1 25  ? 8.255   -6.819  3.397   1.00 31.44 ? 25   HIS A CG  1 
ATOM   164  N ND1 . HIS A 1 25  ? 8.959   -5.939  4.192   1.00 31.53 ? 25   HIS A ND1 1 
ATOM   165  C CD2 . HIS A 1 25  ? 8.666   -8.058  3.752   1.00 31.36 ? 25   HIS A CD2 1 
ATOM   166  C CE1 . HIS A 1 25  ? 9.754   -6.620  4.999   1.00 31.58 ? 25   HIS A CE1 1 
ATOM   167  N NE2 . HIS A 1 25  ? 9.595   -7.907  4.753   1.00 31.81 ? 25   HIS A NE2 1 
ATOM   168  N N   . TYR A 1 26  ? 6.382   -3.190  2.026   1.00 31.40 ? 26   TYR A N   1 
ATOM   169  C CA  . TYR A 1 26  ? 6.152   -2.124  1.059   1.00 31.29 ? 26   TYR A CA  1 
ATOM   170  C C   . TYR A 1 26  ? 7.398   -1.292  0.757   1.00 31.39 ? 26   TYR A C   1 
ATOM   171  O O   . TYR A 1 26  ? 8.285   -1.136  1.604   1.00 31.12 ? 26   TYR A O   1 
ATOM   172  C CB  . TYR A 1 26  ? 5.003   -1.210  1.505   1.00 31.26 ? 26   TYR A CB  1 
ATOM   173  C CG  . TYR A 1 26  ? 5.367   -0.242  2.607   1.00 30.89 ? 26   TYR A CG  1 
ATOM   174  C CD1 . TYR A 1 26  ? 5.215   -0.597  3.945   1.00 30.95 ? 26   TYR A CD1 1 
ATOM   175  C CD2 . TYR A 1 26  ? 5.859   1.032   2.311   1.00 30.81 ? 26   TYR A CD2 1 
ATOM   176  C CE1 . TYR A 1 26  ? 5.549   0.284   4.964   1.00 31.21 ? 26   TYR A CE1 1 
ATOM   177  C CE2 . TYR A 1 26  ? 6.200   1.924   3.327   1.00 30.49 ? 26   TYR A CE2 1 
ATOM   178  C CZ  . TYR A 1 26  ? 6.039   1.540   4.649   1.00 30.99 ? 26   TYR A CZ  1 
ATOM   179  O OH  . TYR A 1 26  ? 6.363   2.403   5.666   1.00 30.40 ? 26   TYR A OH  1 
ATOM   180  N N   . THR A 1 27  ? 7.440   -0.777  -0.467  1.00 31.46 ? 27   THR A N   1 
ATOM   181  C CA  . THR A 1 27  ? 8.373   0.266   -0.867  1.00 31.53 ? 27   THR A CA  1 
ATOM   182  C C   . THR A 1 27  ? 7.538   1.376   -1.488  1.00 31.58 ? 27   THR A C   1 
ATOM   183  O O   . THR A 1 27  ? 6.690   1.118   -2.347  1.00 31.69 ? 27   THR A O   1 
ATOM   184  C CB  . THR A 1 27  ? 9.413   -0.248  -1.887  1.00 31.33 ? 27   THR A CB  1 
ATOM   185  O OG1 . THR A 1 27  ? 10.096  -1.386  -1.348  1.00 31.95 ? 27   THR A OG1 1 
ATOM   186  C CG2 . THR A 1 27  ? 10.431  0.840   -2.221  1.00 31.67 ? 27   THR A CG2 1 
ATOM   187  N N   . GLY A 1 28  ? 7.766   2.607   -1.041  1.00 31.65 ? 28   GLY A N   1 
ATOM   188  C CA  . GLY A 1 28  ? 7.000   3.745   -1.522  1.00 31.98 ? 28   GLY A CA  1 
ATOM   189  C C   . GLY A 1 28  ? 7.863   4.770   -2.223  1.00 32.40 ? 28   GLY A C   1 
ATOM   190  O O   . GLY A 1 28  ? 8.957   5.099   -1.754  1.00 32.48 ? 28   GLY A O   1 
ATOM   191  N N   . MET A 1 29  ? 7.368   5.272   -3.352  1.00 32.84 ? 29   MET A N   1 
ATOM   192  C CA  . MET A 1 29  ? 8.061   6.316   -4.110  1.00 33.20 ? 29   MET A CA  1 
ATOM   193  C C   . MET A 1 29  ? 7.087   7.305   -4.742  1.00 33.40 ? 29   MET A C   1 
ATOM   194  O O   . MET A 1 29  ? 5.921   6.982   -4.981  1.00 33.41 ? 29   MET A O   1 
ATOM   195  C CB  . MET A 1 29  ? 8.977   5.711   -5.185  1.00 33.22 ? 29   MET A CB  1 
ATOM   196  C CG  . MET A 1 29  ? 8.270   4.927   -6.286  1.00 33.45 ? 29   MET A CG  1 
ATOM   197  S SD  A MET A 1 29  ? 9.122   4.887   -7.881  0.50 33.72 ? 29   MET A SD  1 
ATOM   198  S SD  B MET A 1 29  ? 9.458   4.289   -7.480  0.50 33.15 ? 29   MET A SD  1 
ATOM   199  C CE  A MET A 1 29  ? 10.815  4.562   -7.396  0.50 33.61 ? 29   MET A CE  1 
ATOM   200  C CE  B MET A 1 29  ? 8.406   4.047   -8.907  0.50 33.23 ? 29   MET A CE  1 
ATOM   201  N N   . LEU A 1 30  ? 7.566   8.520   -4.994  1.00 33.58 ? 30   LEU A N   1 
ATOM   202  C CA  . LEU A 1 30  ? 6.823   9.471   -5.810  1.00 34.12 ? 30   LEU A CA  1 
ATOM   203  C C   . LEU A 1 30  ? 6.857   8.952   -7.241  1.00 34.86 ? 30   LEU A C   1 
ATOM   204  O O   . LEU A 1 30  ? 7.844   8.332   -7.646  1.00 34.87 ? 30   LEU A O   1 
ATOM   205  C CB  . LEU A 1 30  ? 7.445   10.868  -5.724  1.00 33.80 ? 30   LEU A CB  1 
ATOM   206  C CG  . LEU A 1 30  ? 7.588   11.485  -4.329  1.00 33.45 ? 30   LEU A CG  1 
ATOM   207  C CD1 . LEU A 1 30  ? 8.379   12.788  -4.383  1.00 33.11 ? 30   LEU A CD1 1 
ATOM   208  C CD2 . LEU A 1 30  ? 6.226   11.717  -3.686  1.00 32.79 ? 30   LEU A CD2 1 
ATOM   209  N N   . GLU A 1 31  ? 5.780   9.176   -7.991  1.00 35.93 ? 31   GLU A N   1 
ATOM   210  C CA  . GLU A 1 31  ? 5.677   8.645   -9.354  1.00 37.12 ? 31   GLU A CA  1 
ATOM   211  C C   . GLU A 1 31  ? 6.843   9.118   -10.220 1.00 37.41 ? 31   GLU A C   1 
ATOM   212  O O   . GLU A 1 31  ? 7.131   10.316  -10.289 1.00 37.79 ? 31   GLU A O   1 
ATOM   213  C CB  . GLU A 1 31  ? 4.329   8.993   -10.000 1.00 37.14 ? 31   GLU A CB  1 
ATOM   214  C CG  . GLU A 1 31  ? 4.057   8.235   -11.308 1.00 37.94 ? 31   GLU A CG  1 
ATOM   215  C CD  . GLU A 1 31  ? 2.639   8.417   -11.831 1.00 38.16 ? 31   GLU A CD  1 
ATOM   216  O OE1 . GLU A 1 31  ? 2.148   9.566   -11.868 1.00 39.61 ? 31   GLU A OE1 1 
ATOM   217  O OE2 . GLU A 1 31  ? 2.016   7.407   -12.221 1.00 39.99 ? 31   GLU A OE2 1 
ATOM   218  N N   . ASP A 1 32  ? 7.512   8.151   -10.852 1.00 37.89 ? 32   ASP A N   1 
ATOM   219  C CA  . ASP A 1 32  ? 8.715   8.368   -11.671 1.00 38.26 ? 32   ASP A CA  1 
ATOM   220  C C   . ASP A 1 32  ? 9.823   9.146   -10.954 1.00 38.30 ? 32   ASP A C   1 
ATOM   221  O O   . ASP A 1 32  ? 10.571  9.903   -11.582 1.00 38.58 ? 32   ASP A O   1 
ATOM   222  C CB  . ASP A 1 32  ? 8.360   9.026   -13.015 1.00 38.40 ? 32   ASP A CB  1 
ATOM   223  N N   . GLY A 1 33  ? 9.935   8.944   -9.641  1.00 38.25 ? 33   GLY A N   1 
ATOM   224  C CA  . GLY A 1 33  ? 10.876  9.721   -8.842  1.00 38.11 ? 33   GLY A CA  1 
ATOM   225  C C   . GLY A 1 33  ? 11.470  9.076   -7.605  1.00 37.76 ? 33   GLY A C   1 
ATOM   226  O O   . GLY A 1 33  ? 11.874  7.909   -7.623  1.00 37.89 ? 33   GLY A O   1 
ATOM   227  N N   . LYS A 1 34  ? 11.523  9.858   -6.530  1.00 37.43 ? 34   LYS A N   1 
ATOM   228  C CA  . LYS A 1 34  ? 12.279  9.512   -5.330  1.00 37.02 ? 34   LYS A CA  1 
ATOM   229  C C   . LYS A 1 34  ? 11.565  8.487   -4.455  1.00 36.48 ? 34   LYS A C   1 
ATOM   230  O O   . LYS A 1 34  ? 10.369  8.613   -4.183  1.00 36.27 ? 34   LYS A O   1 
ATOM   231  C CB  . LYS A 1 34  ? 12.573  10.775  -4.512  1.00 37.20 ? 34   LYS A CB  1 
ATOM   232  C CG  . LYS A 1 34  ? 13.581  10.575  -3.387  1.00 37.81 ? 34   LYS A CG  1 
ATOM   233  C CD  . LYS A 1 34  ? 13.613  11.764  -2.441  1.00 39.16 ? 34   LYS A CD  1 
ATOM   234  C CE  . LYS A 1 34  ? 14.622  11.555  -1.317  1.00 39.82 ? 34   LYS A CE  1 
ATOM   235  N NZ  . LYS A 1 34  ? 14.249  10.415  -0.425  1.00 40.87 ? 34   LYS A NZ  1 
ATOM   236  N N   . LYS A 1 35  ? 12.316  7.480   -4.018  1.00 36.04 ? 35   LYS A N   1 
ATOM   237  C CA  . LYS A 1 35  ? 11.843  6.537   -3.006  1.00 35.77 ? 35   LYS A CA  1 
ATOM   238  C C   . LYS A 1 35  ? 11.855  7.220   -1.644  1.00 35.32 ? 35   LYS A C   1 
ATOM   239  O O   . LYS A 1 35  ? 12.851  7.839   -1.269  1.00 35.28 ? 35   LYS A O   1 
ATOM   240  C CB  . LYS A 1 35  ? 12.730  5.293   -2.969  1.00 35.75 ? 35   LYS A CB  1 
ATOM   241  C CG  . LYS A 1 35  ? 12.523  4.337   -4.135  1.00 36.17 ? 35   LYS A CG  1 
ATOM   242  C CD  . LYS A 1 35  ? 13.375  3.083   -3.993  1.00 36.44 ? 35   LYS A CD  1 
ATOM   243  C CE  . LYS A 1 35  ? 14.787  3.283   -4.531  1.00 37.70 ? 35   LYS A CE  1 
ATOM   244  N NZ  . LYS A 1 35  ? 14.832  3.267   -6.025  1.00 39.23 ? 35   LYS A NZ  1 
ATOM   245  N N   . PHE A 1 36  ? 10.753  7.117   -0.905  1.00 34.81 ? 36   PHE A N   1 
ATOM   246  C CA  . PHE A 1 36  ? 10.683  7.769   0.409   1.00 34.52 ? 36   PHE A CA  1 
ATOM   247  C C   . PHE A 1 36  ? 10.673  6.809   1.602   1.00 34.48 ? 36   PHE A C   1 
ATOM   248  O O   . PHE A 1 36  ? 10.981  7.217   2.724   1.00 34.32 ? 36   PHE A O   1 
ATOM   249  C CB  . PHE A 1 36  ? 9.523   8.773   0.491   1.00 34.48 ? 36   PHE A CB  1 
ATOM   250  C CG  . PHE A 1 36  ? 8.184   8.206   0.102   1.00 34.32 ? 36   PHE A CG  1 
ATOM   251  C CD1 . PHE A 1 36  ? 7.434   7.456   1.006   1.00 33.94 ? 36   PHE A CD1 1 
ATOM   252  C CD2 . PHE A 1 36  ? 7.663   8.439   -1.167  1.00 33.87 ? 36   PHE A CD2 1 
ATOM   253  C CE1 . PHE A 1 36  ? 6.194   6.935   0.642   1.00 34.19 ? 36   PHE A CE1 1 
ATOM   254  C CE2 . PHE A 1 36  ? 6.420   7.922   -1.535  1.00 33.81 ? 36   PHE A CE2 1 
ATOM   255  C CZ  . PHE A 1 36  ? 5.689   7.168   -0.631  1.00 34.06 ? 36   PHE A CZ  1 
ATOM   256  N N   . ASP A 1 37  ? 10.330  5.545   1.362   1.00 34.28 ? 37   ASP A N   1 
ATOM   257  C CA  . ASP A 1 37  ? 10.256  4.562   2.443   1.00 34.44 ? 37   ASP A CA  1 
ATOM   258  C C   . ASP A 1 37  ? 10.290  3.126   1.930   1.00 34.61 ? 37   ASP A C   1 
ATOM   259  O O   . ASP A 1 37  ? 9.843   2.844   0.818   1.00 34.53 ? 37   ASP A O   1 
ATOM   260  C CB  . ASP A 1 37  ? 8.984   4.784   3.271   1.00 34.14 ? 37   ASP A CB  1 
ATOM   261  C CG  . ASP A 1 37  ? 9.076   4.196   4.672   1.00 34.04 ? 37   ASP A CG  1 
ATOM   262  O OD1 . ASP A 1 37  ? 8.081   4.306   5.416   1.00 32.94 ? 37   ASP A OD1 1 
ATOM   263  O OD2 . ASP A 1 37  ? 10.131  3.630   5.037   1.00 34.19 ? 37   ASP A OD2 1 
ATOM   264  N N   . SER A 1 38  ? 10.823  2.231   2.761   1.00 35.04 ? 38   SER A N   1 
ATOM   265  C CA  . SER A 1 38  ? 10.881  0.801   2.462   1.00 35.39 ? 38   SER A CA  1 
ATOM   266  C C   . SER A 1 38  ? 10.934  -0.024  3.745   1.00 35.74 ? 38   SER A C   1 
ATOM   267  O O   . SER A 1 38  ? 11.822  0.166   4.581   1.00 35.76 ? 38   SER A O   1 
ATOM   268  C CB  . SER A 1 38  ? 12.095  0.482   1.583   1.00 35.34 ? 38   SER A CB  1 
ATOM   269  O OG  A SER A 1 38  ? 13.296  0.886   2.215   0.50 35.37 ? 38   SER A OG  1 
ATOM   270  O OG  B SER A 1 38  ? 12.234  -0.915  1.387   0.50 35.15 ? 38   SER A OG  1 
ATOM   271  N N   . SER A 1 39  ? 9.977   -0.935  3.893   1.00 36.08 ? 39   SER A N   1 
ATOM   272  C CA  . SER A 1 39  ? 9.965   -1.874  5.010   1.00 36.46 ? 39   SER A CA  1 
ATOM   273  C C   . SER A 1 39  ? 10.891  -3.061  4.739   1.00 36.83 ? 39   SER A C   1 
ATOM   274  O O   . SER A 1 39  ? 11.301  -3.760  5.667   1.00 37.01 ? 39   SER A O   1 
ATOM   275  C CB  . SER A 1 39  ? 8.541   -2.362  5.284   1.00 36.43 ? 39   SER A CB  1 
ATOM   276  O OG  . SER A 1 39  ? 8.000   -3.007  4.146   1.00 36.03 ? 39   SER A OG  1 
ATOM   277  N N   . ARG A 1 40  ? 11.219  -3.274  3.464   1.00 37.27 ? 40   ARG A N   1 
ATOM   278  C CA  . ARG A 1 40  ? 12.079  -4.382  3.037   1.00 37.71 ? 40   ARG A CA  1 
ATOM   279  C C   . ARG A 1 40  ? 13.540  -4.174  3.439   1.00 37.77 ? 40   ARG A C   1 
ATOM   280  O O   . ARG A 1 40  ? 14.206  -5.114  3.878   1.00 37.79 ? 40   ARG A O   1 
ATOM   281  C CB  . ARG A 1 40  ? 11.985  -4.596  1.520   1.00 37.66 ? 40   ARG A CB  1 
ATOM   282  C CG  . ARG A 1 40  ? 10.588  -4.918  0.996   1.00 37.93 ? 40   ARG A CG  1 
ATOM   283  C CD  . ARG A 1 40  ? 10.607  -5.185  -0.508  1.00 38.29 ? 40   ARG A CD  1 
ATOM   284  N NE  . ARG A 1 40  ? 9.283   -5.029  -1.114  1.00 39.42 ? 40   ARG A NE  1 
ATOM   285  C CZ  . ARG A 1 40  ? 8.437   -6.026  -1.369  1.00 40.08 ? 40   ARG A CZ  1 
ATOM   286  N NH1 . ARG A 1 40  ? 8.759   -7.281  -1.079  1.00 40.97 ? 40   ARG A NH1 1 
ATOM   287  N NH2 . ARG A 1 40  ? 7.260   -5.764  -1.920  1.00 39.51 ? 40   ARG A NH2 1 
ATOM   288  N N   . ASP A 1 41  ? 14.027  -2.944  3.284   1.00 37.99 ? 41   ASP A N   1 
ATOM   289  C CA  . ASP A 1 41  ? 15.420  -2.604  3.584   1.00 38.10 ? 41   ASP A CA  1 
ATOM   290  C C   . ASP A 1 41  ? 15.744  -2.663  5.079   1.00 38.14 ? 41   ASP A C   1 
ATOM   291  O O   . ASP A 1 41  ? 16.898  -2.879  5.458   1.00 38.20 ? 41   ASP A O   1 
ATOM   292  C CB  . ASP A 1 41  ? 15.778  -1.224  3.015   1.00 38.19 ? 41   ASP A CB  1 
ATOM   293  C CG  . ASP A 1 41  ? 15.877  -1.216  1.490   1.00 38.33 ? 41   ASP A CG  1 
ATOM   294  O OD1 . ASP A 1 41  ? 16.030  -2.297  0.879   1.00 38.43 ? 41   ASP A OD1 1 
ATOM   295  O OD2 . ASP A 1 41  ? 15.807  -0.117  0.901   1.00 38.10 ? 41   ASP A OD2 1 
ATOM   296  N N   . ARG A 1 42  ? 14.729  -2.467  5.919   1.00 38.10 ? 42   ARG A N   1 
ATOM   297  C CA  . ARG A 1 42  ? 14.894  -2.571  7.373   1.00 38.13 ? 42   ARG A CA  1 
ATOM   298  C C   . ARG A 1 42  ? 14.479  -3.945  7.913   1.00 37.78 ? 42   ARG A C   1 
ATOM   299  O O   . ARG A 1 42  ? 14.513  -4.178  9.126   1.00 37.68 ? 42   ARG A O   1 
ATOM   300  C CB  . ARG A 1 42  ? 14.151  -1.440  8.101   1.00 38.14 ? 42   ARG A CB  1 
ATOM   301  C CG  . ARG A 1 42  ? 12.665  -1.323  7.783   1.00 38.54 ? 42   ARG A CG  1 
ATOM   302  C CD  . ARG A 1 42  ? 11.995  -0.292  8.678   1.00 38.68 ? 42   ARG A CD  1 
ATOM   303  N NE  . ARG A 1 42  ? 10.614  -0.037  8.273   1.00 39.59 ? 42   ARG A NE  1 
ATOM   304  C CZ  . ARG A 1 42  ? 10.216  1.009   7.552   1.00 40.24 ? 42   ARG A CZ  1 
ATOM   305  N NH1 . ARG A 1 42  ? 11.089  1.925   7.150   1.00 40.31 ? 42   ARG A NH1 1 
ATOM   306  N NH2 . ARG A 1 42  ? 8.934   1.142   7.235   1.00 40.89 ? 42   ARG A NH2 1 
ATOM   307  N N   . ASN A 1 43  ? 14.095  -4.843  7.003   1.00 37.41 ? 43   ASN A N   1 
ATOM   308  C CA  . ASN A 1 43  ? 13.721  -6.225  7.331   1.00 37.05 ? 43   ASN A CA  1 
ATOM   309  C C   . ASN A 1 43  ? 12.654  -6.310  8.430   1.00 36.67 ? 43   ASN A C   1 
ATOM   310  O O   . ASN A 1 43  ? 12.754  -7.115  9.361   1.00 36.66 ? 43   ASN A O   1 
ATOM   311  C CB  . ASN A 1 43  ? 14.973  -7.042  7.693   1.00 37.09 ? 43   ASN A CB  1 
ATOM   312  C CG  . ASN A 1 43  ? 14.732  -8.542  7.690   1.00 37.37 ? 43   ASN A CG  1 
ATOM   313  O OD1 . ASN A 1 43  ? 13.775  -9.035  7.094   1.00 37.50 ? 43   ASN A OD1 1 
ATOM   314  N ND2 . ASN A 1 43  ? 15.613  -9.276  8.360   1.00 37.81 ? 43   ASN A ND2 1 
ATOM   315  N N   . LYS A 1 44  ? 11.632  -5.465  8.308   1.00 36.17 ? 44   LYS A N   1 
ATOM   316  C CA  . LYS A 1 44  ? 10.569  -5.386  9.303   1.00 35.70 ? 44   LYS A CA  1 
ATOM   317  C C   . LYS A 1 44  ? 9.221   -5.138  8.627   1.00 35.30 ? 44   LYS A C   1 
ATOM   318  O O   . LYS A 1 44  ? 8.935   -4.017  8.198   1.00 35.31 ? 44   LYS A O   1 
ATOM   319  C CB  . LYS A 1 44  ? 10.872  -4.293  10.334  1.00 35.69 ? 44   LYS A CB  1 
ATOM   320  C CG  . LYS A 1 44  ? 9.946   -4.294  11.546  1.00 35.95 ? 44   LYS A CG  1 
ATOM   321  N N   . PRO A 1 45  ? 8.391   -6.193  8.524   1.00 34.87 ? 45   PRO A N   1 
ATOM   322  C CA  . PRO A 1 45  ? 7.054   -6.090  7.938   1.00 34.54 ? 45   PRO A CA  1 
ATOM   323  C C   . PRO A 1 45  ? 6.186   -5.034  8.625   1.00 34.15 ? 45   PRO A C   1 
ATOM   324  O O   . PRO A 1 45  ? 6.326   -4.796  9.832   1.00 34.27 ? 45   PRO A O   1 
ATOM   325  C CB  . PRO A 1 45  ? 6.469   -7.487  8.155   1.00 34.57 ? 45   PRO A CB  1 
ATOM   326  C CG  . PRO A 1 45  ? 7.651   -8.381  8.254   1.00 34.74 ? 45   PRO A CG  1 
ATOM   327  C CD  . PRO A 1 45  ? 8.693   -7.570  8.956   1.00 34.91 ? 45   PRO A CD  1 
ATOM   328  N N   . PHE A 1 46  ? 5.317   -4.404  7.841   1.00 33.89 ? 46   PHE A N   1 
ATOM   329  C CA  . PHE A 1 46  ? 4.414   -3.365  8.319   1.00 33.38 ? 46   PHE A CA  1 
ATOM   330  C C   . PHE A 1 46  ? 3.042   -3.964  8.593   1.00 33.18 ? 46   PHE A C   1 
ATOM   331  O O   . PHE A 1 46  ? 2.490   -4.686  7.756   1.00 32.94 ? 46   PHE A O   1 
ATOM   332  C CB  . PHE A 1 46  ? 4.312   -2.246  7.278   1.00 33.42 ? 46   PHE A CB  1 
ATOM   333  C CG  . PHE A 1 46  ? 3.413   -1.107  7.679   1.00 33.23 ? 46   PHE A CG  1 
ATOM   334  C CD1 . PHE A 1 46  ? 3.868   -0.109  8.540   1.00 33.19 ? 46   PHE A CD1 1 
ATOM   335  C CD2 . PHE A 1 46  ? 2.119   -1.015  7.176   1.00 33.49 ? 46   PHE A CD2 1 
ATOM   336  C CE1 . PHE A 1 46  ? 3.039   0.950   8.903   1.00 33.36 ? 46   PHE A CE1 1 
ATOM   337  C CE2 . PHE A 1 46  ? 1.283   0.040   7.531   1.00 33.54 ? 46   PHE A CE2 1 
ATOM   338  C CZ  . PHE A 1 46  ? 1.745   1.026   8.397   1.00 33.37 ? 46   PHE A CZ  1 
ATOM   339  N N   . LYS A 1 47  ? 2.495   -3.659  9.765   1.00 33.02 ? 47   LYS A N   1 
ATOM   340  C CA  . LYS A 1 47  ? 1.197   -4.189  10.166  1.00 33.05 ? 47   LYS A CA  1 
ATOM   341  C C   . LYS A 1 47  ? 0.161   -3.079  10.309  1.00 32.90 ? 47   LYS A C   1 
ATOM   342  O O   . LYS A 1 47  ? 0.437   -2.034  10.907  1.00 32.72 ? 47   LYS A O   1 
ATOM   343  C CB  . LYS A 1 47  ? 1.308   -4.980  11.475  1.00 33.11 ? 47   LYS A CB  1 
ATOM   344  C CG  . LYS A 1 47  ? 2.262   -6.167  11.421  1.00 33.53 ? 47   LYS A CG  1 
ATOM   345  C CD  . LYS A 1 47  ? 2.068   -7.081  12.620  1.00 34.40 ? 47   LYS A CD  1 
ATOM   346  C CE  . LYS A 1 47  ? 3.154   -8.142  12.693  1.00 34.61 ? 47   LYS A CE  1 
ATOM   347  N NZ  . LYS A 1 47  ? 2.910   -9.099  13.808  1.00 34.61 ? 47   LYS A NZ  1 
ATOM   348  N N   . PHE A 1 48  ? -1.024  -3.311  9.749   1.00 32.64 ? 48   PHE A N   1 
ATOM   349  C CA  . PHE A 1 48  ? -2.162  -2.412  9.936   1.00 32.57 ? 48   PHE A CA  1 
ATOM   350  C C   . PHE A 1 48  ? -3.482  -3.178  9.915   1.00 32.78 ? 48   PHE A C   1 
ATOM   351  O O   . PHE A 1 48  ? -3.590  -4.226  9.272   1.00 32.82 ? 48   PHE A O   1 
ATOM   352  C CB  . PHE A 1 48  ? -2.156  -1.268  8.905   1.00 32.35 ? 48   PHE A CB  1 
ATOM   353  C CG  . PHE A 1 48  ? -2.617  -1.669  7.525   1.00 31.86 ? 48   PHE A CG  1 
ATOM   354  C CD1 . PHE A 1 48  ? -1.736  -2.261  6.625   1.00 31.46 ? 48   PHE A CD1 1 
ATOM   355  C CD2 . PHE A 1 48  ? -3.926  -1.420  7.117   1.00 31.32 ? 48   PHE A CD2 1 
ATOM   356  C CE1 . PHE A 1 48  ? -2.156  -2.619  5.345   1.00 31.18 ? 48   PHE A CE1 1 
ATOM   357  C CE2 . PHE A 1 48  ? -4.357  -1.775  5.842   1.00 31.22 ? 48   PHE A CE2 1 
ATOM   358  C CZ  . PHE A 1 48  ? -3.467  -2.374  4.953   1.00 31.60 ? 48   PHE A CZ  1 
ATOM   359  N N   . MET A 1 49  ? -4.474  -2.654  10.628  1.00 32.98 ? 49   MET A N   1 
ATOM   360  C CA  . MET A 1 49  ? -5.801  -3.258  10.680  1.00 33.45 ? 49   MET A CA  1 
ATOM   361  C C   . MET A 1 49  ? -6.734  -2.585  9.679   1.00 33.41 ? 49   MET A C   1 
ATOM   362  O O   . MET A 1 49  ? -6.868  -1.361  9.673   1.00 33.40 ? 49   MET A O   1 
ATOM   363  C CB  . MET A 1 49  ? -6.370  -3.156  12.098  1.00 33.26 ? 49   MET A CB  1 
ATOM   364  C CG  . MET A 1 49  ? -7.754  -3.764  12.266  1.00 33.72 ? 49   MET A CG  1 
ATOM   365  S SD  . MET A 1 49  ? -8.313  -3.730  13.973  1.00 34.33 ? 49   MET A SD  1 
ATOM   366  C CE  . MET A 1 49  ? -7.489  -5.179  14.633  1.00 34.60 ? 49   MET A CE  1 
ATOM   367  N N   . LEU A 1 50  ? -7.370  -3.390  8.829   1.00 33.63 ? 50   LEU A N   1 
ATOM   368  C CA  . LEU A 1 50  ? -8.305  -2.871  7.827   1.00 33.97 ? 50   LEU A CA  1 
ATOM   369  C C   . LEU A 1 50  ? -9.608  -2.383  8.452   1.00 34.18 ? 50   LEU A C   1 
ATOM   370  O O   . LEU A 1 50  ? -10.080 -2.944  9.442   1.00 34.48 ? 50   LEU A O   1 
ATOM   371  C CB  . LEU A 1 50  ? -8.589  -3.917  6.746   1.00 33.87 ? 50   LEU A CB  1 
ATOM   372  C CG  . LEU A 1 50  ? -7.599  -3.935  5.577   1.00 34.41 ? 50   LEU A CG  1 
ATOM   373  N N   . GLY A 1 51  ? -10.173 -1.328  7.869   1.00 34.41 ? 51   GLY A N   1 
ATOM   374  C CA  . GLY A 1 51  ? -11.456 -0.776  8.304   1.00 34.50 ? 51   GLY A CA  1 
ATOM   375  C C   . GLY A 1 51  ? -11.362 0.173   9.485   1.00 34.64 ? 51   GLY A C   1 
ATOM   376  O O   . GLY A 1 51  ? -12.374 0.489   10.114  1.00 34.65 ? 51   GLY A O   1 
ATOM   377  N N   . LYS A 1 52  ? -10.148 0.630   9.781   1.00 34.75 ? 52   LYS A N   1 
ATOM   378  C CA  . LYS A 1 52  ? -9.898  1.522   10.918  1.00 34.60 ? 52   LYS A CA  1 
ATOM   379  C C   . LYS A 1 52  ? -9.286  2.860   10.492  1.00 34.53 ? 52   LYS A C   1 
ATOM   380  O O   . LYS A 1 52  ? -8.808  3.622   11.336  1.00 34.62 ? 52   LYS A O   1 
ATOM   381  C CB  . LYS A 1 52  ? -8.991  0.837   11.948  1.00 34.60 ? 52   LYS A CB  1 
ATOM   382  C CG  . LYS A 1 52  ? -9.583  -0.413  12.584  1.00 34.53 ? 52   LYS A CG  1 
ATOM   383  N N   . GLN A 1 53  ? -9.310  3.137   9.188   1.00 34.40 ? 53   GLN A N   1 
ATOM   384  C CA  . GLN A 1 53  ? -8.735  4.364   8.607   1.00 34.24 ? 53   GLN A CA  1 
ATOM   385  C C   . GLN A 1 53  ? -7.281  4.607   9.046   1.00 33.87 ? 53   GLN A C   1 
ATOM   386  O O   . GLN A 1 53  ? -6.870  5.751   9.270   1.00 33.94 ? 53   GLN A O   1 
ATOM   387  C CB  . GLN A 1 53  ? -9.603  5.595   8.921   1.00 34.44 ? 53   GLN A CB  1 
ATOM   388  C CG  . GLN A 1 53  ? -11.042 5.531   8.405   1.00 35.13 ? 53   GLN A CG  1 
ATOM   389  C CD  . GLN A 1 53  ? -11.977 4.766   9.328   1.00 35.89 ? 53   GLN A CD  1 
ATOM   390  O OE1 . GLN A 1 53  ? -12.781 3.951   8.876   1.00 37.01 ? 53   GLN A OE1 1 
ATOM   391  N NE2 . GLN A 1 53  ? -11.872 5.023   10.627  1.00 36.14 ? 53   GLN A NE2 1 
ATOM   392  N N   . GLU A 1 54  ? -6.513  3.526   9.174   1.00 33.26 ? 54   GLU A N   1 
ATOM   393  C CA  . GLU A 1 54  ? -5.142  3.615   9.680   1.00 32.87 ? 54   GLU A CA  1 
ATOM   394  C C   . GLU A 1 54  ? -4.162  4.104   8.619   1.00 32.68 ? 54   GLU A C   1 
ATOM   395  O O   . GLU A 1 54  ? -3.188  4.790   8.932   1.00 32.69 ? 54   GLU A O   1 
ATOM   396  C CB  . GLU A 1 54  ? -4.682  2.274   10.269  0.50 32.81 ? 54   GLU A CB  1 
ATOM   397  C CG  A GLU A 1 54  ? -3.388  2.351   11.074  0.50 32.95 ? 54   GLU A CG  1 
ATOM   398  C CG  B GLU A 1 54  ? -5.271  1.976   11.641  0.50 32.67 ? 54   GLU A CG  1 
ATOM   399  C CD  A GLU A 1 54  ? -2.929  1.001   11.588  0.50 32.94 ? 54   GLU A CD  1 
ATOM   400  C CD  B GLU A 1 54  ? -4.656  0.753   12.290  0.50 32.85 ? 54   GLU A CD  1 
ATOM   401  O OE1 A GLU A 1 54  ? -3.774  0.088   11.708  0.50 32.79 ? 54   GLU A OE1 1 
ATOM   402  O OE1 B GLU A 1 54  ? -3.793  0.109   11.655  0.50 32.70 ? 54   GLU A OE1 1 
ATOM   403  O OE2 A GLU A 1 54  ? -1.721  0.854   11.873  0.50 32.83 ? 54   GLU A OE2 1 
ATOM   404  O OE2 B GLU A 1 54  ? -5.037  0.435   13.436  0.50 32.91 ? 54   GLU A OE2 1 
ATOM   405  N N   . VAL A 1 55  ? -4.426  3.743   7.369   1.00 32.35 ? 55   VAL A N   1 
ATOM   406  C CA  . VAL A 1 55  ? -3.529  4.073   6.259   1.00 32.22 ? 55   VAL A CA  1 
ATOM   407  C C   . VAL A 1 55  ? -4.263  4.838   5.156   1.00 32.13 ? 55   VAL A C   1 
ATOM   408  O O   . VAL A 1 55  ? -5.495  4.890   5.147   1.00 31.82 ? 55   VAL A O   1 
ATOM   409  C CB  . VAL A 1 55  ? -2.850  2.804   5.673   1.00 32.24 ? 55   VAL A CB  1 
ATOM   410  C CG1 . VAL A 1 55  ? -1.988  2.119   6.728   1.00 32.59 ? 55   VAL A CG1 1 
ATOM   411  C CG2 . VAL A 1 55  ? -3.890  1.835   5.103   1.00 32.32 ? 55   VAL A CG2 1 
ATOM   412  N N   . ILE A 1 56  ? -3.509  5.428   4.226   1.00 32.00 ? 56   ILE A N   1 
ATOM   413  C CA  . ILE A 1 56  ? -4.115  6.159   3.109   1.00 31.83 ? 56   ILE A CA  1 
ATOM   414  C C   . ILE A 1 56  ? -5.088  5.261   2.340   1.00 31.73 ? 56   ILE A C   1 
ATOM   415  O O   . ILE A 1 56  ? -4.868  4.051   2.230   1.00 31.80 ? 56   ILE A O   1 
ATOM   416  C CB  . ILE A 1 56  ? -3.060  6.804   2.154   1.00 31.85 ? 56   ILE A CB  1 
ATOM   417  C CG1 . ILE A 1 56  ? -1.983  5.790   1.738   1.00 31.92 ? 56   ILE A CG1 1 
ATOM   418  C CG2 . ILE A 1 56  ? -2.435  8.034   2.815   1.00 32.00 ? 56   ILE A CG2 1 
ATOM   419  C CD1 . ILE A 1 56  ? -1.073  6.263   0.596   1.00 31.77 ? 56   ILE A CD1 1 
ATOM   420  N N   . ARG A 1 57  ? -6.164  5.861   1.838   1.00 31.80 ? 57   ARG A N   1 
ATOM   421  C CA  . ARG A 1 57  ? -7.255  5.125   1.188   1.00 31.64 ? 57   ARG A CA  1 
ATOM   422  C C   . ARG A 1 57  ? -6.769  4.203   0.068   1.00 31.82 ? 57   ARG A C   1 
ATOM   423  O O   . ARG A 1 57  ? -7.257  3.081   -0.078  1.00 31.51 ? 57   ARG A O   1 
ATOM   424  C CB  . ARG A 1 57  ? -8.312  6.102   0.659   1.00 31.67 ? 57   ARG A CB  1 
ATOM   425  C CG  . ARG A 1 57  ? -9.572  5.438   0.127   1.00 31.92 ? 57   ARG A CG  1 
ATOM   426  C CD  . ARG A 1 57  ? -10.561 6.470   -0.380  1.00 32.81 ? 57   ARG A CD  1 
ATOM   427  N NE  . ARG A 1 57  ? -11.798 5.858   -0.865  1.00 33.20 ? 57   ARG A NE  1 
ATOM   428  C CZ  . ARG A 1 57  ? -12.872 6.537   -1.261  1.00 33.44 ? 57   ARG A CZ  1 
ATOM   429  N NH1 . ARG A 1 57  ? -12.878 7.865   -1.236  1.00 33.45 ? 57   ARG A NH1 1 
ATOM   430  N NH2 . ARG A 1 57  ? -13.947 5.885   -1.683  1.00 33.46 ? 57   ARG A NH2 1 
ATOM   431  N N   . GLY A 1 58  ? -5.803  4.683   -0.711  1.00 32.03 ? 58   GLY A N   1 
ATOM   432  C CA  . GLY A 1 58  ? -5.224  3.904   -1.807  1.00 32.33 ? 58   GLY A CA  1 
ATOM   433  C C   . GLY A 1 58  ? -4.556  2.613   -1.367  1.00 32.56 ? 58   GLY A C   1 
ATOM   434  O O   . GLY A 1 58  ? -4.685  1.588   -2.037  1.00 32.52 ? 58   GLY A O   1 
ATOM   435  N N   . LEU A 1 59  ? -3.841  2.661   -0.243  1.00 32.80 ? 59   LEU A N   1 
ATOM   436  C CA  . LEU A 1 59  ? -3.185  1.468   0.291   1.00 33.14 ? 59   LEU A CA  1 
ATOM   437  C C   . LEU A 1 59  ? -4.204  0.504   0.889   1.00 33.22 ? 59   LEU A C   1 
ATOM   438  O O   . LEU A 1 59  ? -4.137  -0.701  0.648   1.00 33.39 ? 59   LEU A O   1 
ATOM   439  C CB  . LEU A 1 59  ? -2.115  1.818   1.332   1.00 33.67 ? 59   LEU A CB  1 
ATOM   440  C CG  . LEU A 1 59  ? -1.175  0.639   1.609   1.00 34.39 ? 59   LEU A CG  1 
ATOM   441  C CD1 . LEU A 1 59  ? 0.131   0.794   0.845   1.00 35.70 ? 59   LEU A CD1 1 
ATOM   442  C CD2 . LEU A 1 59  ? -0.918  0.464   3.096   1.00 36.12 ? 59   LEU A CD2 1 
ATOM   443  N N   . GLU A 1 60  ? -5.135  1.043   1.674   1.00 32.94 ? 60   GLU A N   1 
ATOM   444  C CA  . GLU A 1 60  ? -6.218  0.255   2.263   1.00 32.98 ? 60   GLU A CA  1 
ATOM   445  C C   . GLU A 1 60  ? -6.939  -0.545  1.181   1.00 32.79 ? 60   GLU A C   1 
ATOM   446  O O   . GLU A 1 60  ? -7.047  -1.773  1.264   1.00 32.59 ? 60   GLU A O   1 
ATOM   447  C CB  . GLU A 1 60  ? -7.210  1.174   2.985   1.00 32.95 ? 60   GLU A CB  1 
ATOM   448  C CG  . GLU A 1 60  ? -8.472  0.480   3.505   1.00 33.88 ? 60   GLU A CG  1 
ATOM   449  C CD  . GLU A 1 60  ? -8.428  0.165   4.992   1.00 34.83 ? 60   GLU A CD  1 
ATOM   450  O OE1 . GLU A 1 60  ? -9.327  -0.561  5.464   1.00 34.78 ? 60   GLU A OE1 1 
ATOM   451  O OE2 . GLU A 1 60  ? -7.511  0.650   5.691   1.00 35.82 ? 60   GLU A OE2 1 
ATOM   452  N N   . GLU A 1 61  ? -7.412  0.164   0.161   1.00 32.54 ? 61   GLU A N   1 
ATOM   453  C CA  . GLU A 1 61  ? -8.208  -0.442  -0.904  1.00 32.75 ? 61   GLU A CA  1 
ATOM   454  C C   . GLU A 1 61  ? -7.362  -1.316  -1.825  1.00 32.55 ? 61   GLU A C   1 
ATOM   455  O O   . GLU A 1 61  ? -7.866  -2.275  -2.418  1.00 32.27 ? 61   GLU A O   1 
ATOM   456  C CB  . GLU A 1 61  ? -8.959  0.635   -1.683  1.00 32.68 ? 61   GLU A CB  1 
ATOM   457  C CG  . GLU A 1 61  ? -10.070 1.300   -0.873  1.00 33.58 ? 61   GLU A CG  1 
ATOM   458  C CD  . GLU A 1 61  ? -10.882 2.298   -1.674  1.00 33.49 ? 61   GLU A CD  1 
ATOM   459  O OE1 . GLU A 1 61  ? -10.854 2.245   -2.926  1.00 34.63 ? 61   GLU A OE1 1 
ATOM   460  O OE2 . GLU A 1 61  ? -11.558 3.138   -1.044  1.00 35.36 ? 61   GLU A OE2 1 
ATOM   461  N N   . GLY A 1 62  ? -6.077  -0.990  -1.930  1.00 32.39 ? 62   GLY A N   1 
ATOM   462  C CA  . GLY A 1 62  ? -5.135  -1.818  -2.679  1.00 32.52 ? 62   GLY A CA  1 
ATOM   463  C C   . GLY A 1 62  ? -4.920  -3.167  -2.015  1.00 32.47 ? 62   GLY A C   1 
ATOM   464  O O   . GLY A 1 62  ? -4.992  -4.208  -2.667  1.00 32.70 ? 62   GLY A O   1 
ATOM   465  N N   . VAL A 1 63  ? -4.676  -3.147  -0.708  1.00 32.53 ? 63   VAL A N   1 
ATOM   466  C CA  . VAL A 1 63  ? -4.420  -4.372  0.052   1.00 32.38 ? 63   VAL A CA  1 
ATOM   467  C C   . VAL A 1 63  ? -5.694  -5.219  0.162   1.00 32.20 ? 63   VAL A C   1 
ATOM   468  O O   . VAL A 1 63  ? -5.634  -6.451  0.107   1.00 32.22 ? 63   VAL A O   1 
ATOM   469  C CB  . VAL A 1 63  ? -3.802  -4.054  1.447   1.00 32.51 ? 63   VAL A CB  1 
ATOM   470  C CG1 . VAL A 1 63  ? -3.765  -5.294  2.336   1.00 32.56 ? 63   VAL A CG1 1 
ATOM   471  C CG2 . VAL A 1 63  ? -2.394  -3.483  1.274   1.00 32.28 ? 63   VAL A CG2 1 
ATOM   472  N N   . ALA A 1 64  ? -6.838  -4.546  0.288   1.00 32.15 ? 64   ALA A N   1 
ATOM   473  C CA  . ALA A 1 64  ? -8.138  -5.214  0.424   1.00 31.78 ? 64   ALA A CA  1 
ATOM   474  C C   . ALA A 1 64  ? -8.503  -6.079  -0.784  1.00 31.74 ? 64   ALA A C   1 
ATOM   475  O O   . ALA A 1 64  ? -9.232  -7.063  -0.641  1.00 31.77 ? 64   ALA A O   1 
ATOM   476  C CB  . ALA A 1 64  ? -9.238  -4.194  0.699   1.00 31.84 ? 64   ALA A CB  1 
ATOM   477  N N   . GLN A 1 65  ? -8.000  -5.713  -1.964  1.00 31.50 ? 65   GLN A N   1 
ATOM   478  C CA  . GLN A 1 65  ? -8.266  -6.477  -3.193  1.00 31.53 ? 65   GLN A CA  1 
ATOM   479  C C   . GLN A 1 65  ? -7.154  -7.474  -3.533  1.00 31.44 ? 65   GLN A C   1 
ATOM   480  O O   . GLN A 1 65  ? -7.157  -8.075  -4.610  1.00 31.45 ? 65   GLN A O   1 
ATOM   481  C CB  . GLN A 1 65  ? -8.547  -5.541  -4.379  1.00 31.34 ? 65   GLN A CB  1 
ATOM   482  C CG  . GLN A 1 65  ? -7.370  -4.674  -4.815  1.00 31.64 ? 65   GLN A CG  1 
ATOM   483  C CD  . GLN A 1 65  ? -7.756  -3.665  -5.874  1.00 31.61 ? 65   GLN A CD  1 
ATOM   484  O OE1 . GLN A 1 65  ? -7.816  -3.984  -7.061  1.00 31.87 ? 65   GLN A OE1 1 
ATOM   485  N NE2 . GLN A 1 65  ? -8.013  -2.435  -5.450  1.00 31.84 ? 65   GLN A NE2 1 
ATOM   486  N N   . MET A 1 66  ? -6.201  -7.641  -2.618  1.00 31.53 ? 66   MET A N   1 
ATOM   487  C CA  . MET A 1 66  ? -5.108  -8.592  -2.808  1.00 31.60 ? 66   MET A CA  1 
ATOM   488  C C   . MET A 1 66  ? -5.304  -9.863  -1.988  1.00 31.48 ? 66   MET A C   1 
ATOM   489  O O   . MET A 1 66  ? -5.816  -9.812  -0.874  1.00 31.27 ? 66   MET A O   1 
ATOM   490  C CB  . MET A 1 66  ? -3.770  -7.948  -2.443  1.00 31.66 ? 66   MET A CB  1 
ATOM   491  C CG  . MET A 1 66  ? -3.311  -6.889  -3.426  1.00 31.87 ? 66   MET A CG  1 
ATOM   492  S SD  . MET A 1 66  ? -1.967  -5.878  -2.782  1.00 32.43 ? 66   MET A SD  1 
ATOM   493  C CE  . MET A 1 66  ? -0.643  -7.072  -2.662  1.00 33.00 ? 66   MET A CE  1 
ATOM   494  N N   . SER A 1 67  ? -4.895  -10.997 -2.550  1.00 31.50 ? 67   SER A N   1 
ATOM   495  C CA  . SER A 1 67  ? -4.925  -12.263 -1.821  1.00 31.50 ? 67   SER A CA  1 
ATOM   496  C C   . SER A 1 67  ? -3.570  -12.540 -1.170  1.00 31.73 ? 67   SER A C   1 
ATOM   497  O O   . SER A 1 67  ? -2.561  -11.944 -1.557  1.00 31.57 ? 67   SER A O   1 
ATOM   498  C CB  . SER A 1 67  ? -5.355  -13.416 -2.735  1.00 31.51 ? 67   SER A CB  1 
ATOM   499  O OG  . SER A 1 67  ? -4.488  -13.546 -3.845  1.00 31.31 ? 67   SER A OG  1 
ATOM   500  N N   . VAL A 1 68  ? -3.557  -13.427 -0.175  1.00 31.77 ? 68   VAL A N   1 
ATOM   501  C CA  . VAL A 1 68  ? -2.335  -13.772 0.563   1.00 32.03 ? 68   VAL A CA  1 
ATOM   502  C C   . VAL A 1 68  ? -1.236  -14.281 -0.371  1.00 31.99 ? 68   VAL A C   1 
ATOM   503  O O   . VAL A 1 68  ? -1.463  -15.178 -1.188  1.00 31.91 ? 68   VAL A O   1 
ATOM   504  C CB  . VAL A 1 68  ? -2.610  -14.804 1.693   1.00 32.12 ? 68   VAL A CB  1 
ATOM   505  C CG1 . VAL A 1 68  ? -1.308  -15.297 2.324   1.00 32.43 ? 68   VAL A CG1 1 
ATOM   506  C CG2 . VAL A 1 68  ? -3.500  -14.193 2.759   1.00 32.44 ? 68   VAL A CG2 1 
ATOM   507  N N   . GLY A 1 69  ? -0.054  -13.681 -0.247  1.00 32.01 ? 69   GLY A N   1 
ATOM   508  C CA  . GLY A 1 69  ? 1.087   -14.024 -1.089  1.00 32.16 ? 69   GLY A CA  1 
ATOM   509  C C   . GLY A 1 69  ? 1.257   -13.104 -2.284  1.00 32.20 ? 69   GLY A C   1 
ATOM   510  O O   . GLY A 1 69  ? 2.323   -13.082 -2.906  1.00 32.39 ? 69   GLY A O   1 
ATOM   511  N N   . GLN A 1 70  ? 0.210   -12.345 -2.609  1.00 32.02 ? 70   GLN A N   1 
ATOM   512  C CA  . GLN A 1 70  ? 0.236   -11.444 -3.761  1.00 32.05 ? 70   GLN A CA  1 
ATOM   513  C C   . GLN A 1 70  ? 1.178   -10.269 -3.530  1.00 31.96 ? 70   GLN A C   1 
ATOM   514  O O   . GLN A 1 70  ? 1.254   -9.726  -2.427  1.00 31.71 ? 70   GLN A O   1 
ATOM   515  C CB  . GLN A 1 70  ? -1.169  -10.932 -4.103  1.00 32.03 ? 70   GLN A CB  1 
ATOM   516  C CG  . GLN A 1 70  ? -1.287  -10.231 -5.462  1.00 31.86 ? 70   GLN A CG  1 
ATOM   517  C CD  . GLN A 1 70  ? -2.704  -9.788  -5.788  1.00 32.12 ? 70   GLN A CD  1 
ATOM   518  O OE1 . GLN A 1 70  ? -3.664  -10.191 -5.130  1.00 31.89 ? 70   GLN A OE1 1 
ATOM   519  N NE2 . GLN A 1 70  ? -2.840  -8.958  -6.816  1.00 31.62 ? 70   GLN A NE2 1 
ATOM   520  N N   . ARG A 1 71  ? 1.906   -9.911  -4.582  1.00 31.96 ? 71   ARG A N   1 
ATOM   521  C CA  . ARG A 1 71  ? 2.710   -8.699  -4.612  1.00 32.19 ? 71   ARG A CA  1 
ATOM   522  C C   . ARG A 1 71  ? 2.233   -7.854  -5.786  1.00 32.16 ? 71   ARG A C   1 
ATOM   523  O O   . ARG A 1 71  ? 2.025   -8.374  -6.887  1.00 31.93 ? 71   ARG A O   1 
ATOM   524  C CB  . ARG A 1 71  ? 4.189   -9.045  -4.760  1.00 32.17 ? 71   ARG A CB  1 
ATOM   525  C CG  . ARG A 1 71  ? 5.137   -7.867  -4.626  1.00 32.68 ? 71   ARG A CG  1 
ATOM   526  C CD  . ARG A 1 71  ? 6.562   -8.330  -4.843  1.00 33.45 ? 71   ARG A CD  1 
ATOM   527  N NE  . ARG A 1 71  ? 7.482   -7.224  -5.098  1.00 34.03 ? 71   ARG A NE  1 
ATOM   528  C CZ  . ARG A 1 71  ? 8.736   -7.381  -5.518  1.00 34.20 ? 71   ARG A CZ  1 
ATOM   529  N NH1 . ARG A 1 71  ? 9.224   -8.598  -5.732  1.00 34.23 ? 71   ARG A NH1 1 
ATOM   530  N NH2 . ARG A 1 71  ? 9.504   -6.320  -5.727  1.00 34.30 ? 71   ARG A NH2 1 
ATOM   531  N N   . ALA A 1 72  ? 2.057   -6.556  -5.554  1.00 32.23 ? 72   ALA A N   1 
ATOM   532  C CA  . ALA A 1 72  ? 1.510   -5.675  -6.581  1.00 32.32 ? 72   ALA A CA  1 
ATOM   533  C C   . ALA A 1 72  ? 2.083   -4.266  -6.551  1.00 32.38 ? 72   ALA A C   1 
ATOM   534  O O   . ALA A 1 72  ? 2.493   -3.769  -5.496  1.00 32.51 ? 72   ALA A O   1 
ATOM   535  C CB  . ALA A 1 72  ? -0.013  -5.626  -6.483  1.00 32.34 ? 72   ALA A CB  1 
ATOM   536  N N   . LYS A 1 73  ? 2.113   -3.646  -7.727  1.00 32.46 ? 73   LYS A N   1 
ATOM   537  C CA  . LYS A 1 73  ? 2.401   -2.225  -7.879  1.00 32.39 ? 73   LYS A CA  1 
ATOM   538  C C   . LYS A 1 73  ? 1.096   -1.441  -7.742  1.00 32.43 ? 73   LYS A C   1 
ATOM   539  O O   . LYS A 1 73  ? 0.175   -1.600  -8.548  1.00 32.38 ? 73   LYS A O   1 
ATOM   540  C CB  . LYS A 1 73  ? 3.044   -1.955  -9.243  1.00 32.38 ? 73   LYS A CB  1 
ATOM   541  C CG  . LYS A 1 73  ? 3.292   -0.482  -9.552  1.00 32.61 ? 73   LYS A CG  1 
ATOM   542  C CD  . LYS A 1 73  ? 3.751   -0.296  -10.991 1.00 32.44 ? 73   LYS A CD  1 
ATOM   543  C CE  . LYS A 1 73  ? 3.814   1.178   -11.363 1.00 32.72 ? 73   LYS A CE  1 
ATOM   544  N NZ  . LYS A 1 73  ? 4.331   1.367   -12.751 1.00 33.44 ? 73   LYS A NZ  1 
ATOM   545  N N   . LEU A 1 74  ? 1.019   -0.608  -6.709  1.00 32.52 ? 74   LEU A N   1 
ATOM   546  C CA  . LEU A 1 74  ? -0.150  0.232   -6.482  1.00 32.65 ? 74   LEU A CA  1 
ATOM   547  C C   . LEU A 1 74  ? 0.148   1.661   -6.918  1.00 32.95 ? 74   LEU A C   1 
ATOM   548  O O   . LEU A 1 74  ? 1.046   2.309   -6.373  1.00 32.90 ? 74   LEU A O   1 
ATOM   549  C CB  A LEU A 1 74  ? -0.565  0.216   -5.003  0.50 32.66 ? 74   LEU A CB  1 
ATOM   550  C CB  B LEU A 1 74  ? -0.551  0.207   -5.003  0.50 32.68 ? 74   LEU A CB  1 
ATOM   551  C CG  A LEU A 1 74  ? -0.663  -1.097  -4.214  0.50 32.69 ? 74   LEU A CG  1 
ATOM   552  C CG  B LEU A 1 74  ? -1.379  -0.955  -4.442  0.50 32.63 ? 74   LEU A CG  1 
ATOM   553  C CD1 A LEU A 1 74  ? -1.125  -0.808  -2.795  0.50 31.98 ? 74   LEU A CD1 1 
ATOM   554  C CD1 B LEU A 1 74  ? -0.647  -2.295  -4.516  0.50 32.41 ? 74   LEU A CD1 1 
ATOM   555  C CD2 A LEU A 1 74  ? -1.593  -2.104  -4.871  0.50 32.37 ? 74   LEU A CD2 1 
ATOM   556  C CD2 B LEU A 1 74  ? -1.756  -0.640  -3.005  0.50 32.45 ? 74   LEU A CD2 1 
ATOM   557  N N   . THR A 1 75  ? -0.588  2.141   -7.914  1.00 33.18 ? 75   THR A N   1 
ATOM   558  C CA  . THR A 1 75  ? -0.479  3.538   -8.326  1.00 33.31 ? 75   THR A CA  1 
ATOM   559  C C   . THR A 1 75  ? -1.643  4.307   -7.715  1.00 33.38 ? 75   THR A C   1 
ATOM   560  O O   . THR A 1 75  ? -2.803  4.097   -8.072  1.00 33.44 ? 75   THR A O   1 
ATOM   561  C CB  . THR A 1 75  ? -0.425  3.687   -9.859  1.00 33.41 ? 75   THR A CB  1 
ATOM   562  O OG1 . THR A 1 75  ? 0.724   2.989   -10.359 1.00 33.48 ? 75   THR A OG1 1 
ATOM   563  C CG2 . THR A 1 75  ? -0.332  5.156   -10.263 1.00 33.52 ? 75   THR A CG2 1 
ATOM   564  N N   . ILE A 1 76  ? -1.316  5.184   -6.772  1.00 33.35 ? 76   ILE A N   1 
ATOM   565  C CA  . ILE A 1 76  ? -2.320  5.862   -5.965  1.00 33.50 ? 76   ILE A CA  1 
ATOM   566  C C   . ILE A 1 76  ? -2.414  7.340   -6.335  1.00 33.71 ? 76   ILE A C   1 
ATOM   567  O O   . ILE A 1 76  ? -1.446  8.092   -6.179  1.00 33.51 ? 76   ILE A O   1 
ATOM   568  C CB  . ILE A 1 76  ? -2.024  5.707   -4.451  1.00 33.60 ? 76   ILE A CB  1 
ATOM   569  C CG1 . ILE A 1 76  ? -1.900  4.221   -4.073  1.00 33.53 ? 76   ILE A CG1 1 
ATOM   570  C CG2 . ILE A 1 76  ? -3.104  6.395   -3.629  1.00 33.40 ? 76   ILE A CG2 1 
ATOM   571  C CD1 . ILE A 1 76  ? -1.342  3.971   -2.686  1.00 33.63 ? 76   ILE A CD1 1 
ATOM   572  N N   . SER A 1 77  ? -3.585  7.740   -6.831  1.00 33.72 ? 77   SER A N   1 
ATOM   573  C CA  . SER A 1 77  ? -3.873  9.136   -7.150  1.00 33.78 ? 77   SER A CA  1 
ATOM   574  C C   . SER A 1 77  ? -3.857  9.994   -5.878  1.00 33.44 ? 77   SER A C   1 
ATOM   575  O O   . SER A 1 77  ? -4.083  9.473   -4.785  1.00 33.09 ? 77   SER A O   1 
ATOM   576  C CB  . SER A 1 77  ? -5.228  9.246   -7.849  1.00 34.09 ? 77   SER A CB  1 
ATOM   577  O OG  . SER A 1 77  ? -6.269  8.756   -7.022  1.00 35.91 ? 77   SER A OG  1 
ATOM   578  N N   . PRO A 1 78  ? -3.580  11.309  -6.016  1.00 33.31 ? 78   PRO A N   1 
ATOM   579  C CA  . PRO A 1 78  ? -3.484  12.196  -4.849  1.00 33.29 ? 78   PRO A CA  1 
ATOM   580  C C   . PRO A 1 78  ? -4.692  12.148  -3.909  1.00 33.26 ? 78   PRO A C   1 
ATOM   581  O O   . PRO A 1 78  ? -4.513  12.199  -2.691  1.00 33.32 ? 78   PRO A O   1 
ATOM   582  C CB  . PRO A 1 78  ? -3.372  13.590  -5.476  1.00 33.31 ? 78   PRO A CB  1 
ATOM   583  C CG  . PRO A 1 78  ? -2.789  13.354  -6.813  1.00 33.26 ? 78   PRO A CG  1 
ATOM   584  C CD  . PRO A 1 78  ? -3.317  12.033  -7.274  1.00 33.38 ? 78   PRO A CD  1 
ATOM   585  N N   . ASP A 1 79  ? -5.903  12.052  -4.461  1.00 33.29 ? 79   ASP A N   1 
ATOM   586  C CA  . ASP A 1 79  ? -7.117  12.062  -3.635  1.00 33.45 ? 79   ASP A CA  1 
ATOM   587  C C   . ASP A 1 79  ? -7.262  10.807  -2.765  1.00 33.04 ? 79   ASP A C   1 
ATOM   588  O O   . ASP A 1 79  ? -7.959  10.825  -1.744  1.00 33.10 ? 79   ASP A O   1 
ATOM   589  C CB  . ASP A 1 79  ? -8.380  12.310  -4.480  1.00 33.77 ? 79   ASP A CB  1 
ATOM   590  C CG  . ASP A 1 79  ? -8.623  11.230  -5.520  1.00 35.31 ? 79   ASP A CG  1 
ATOM   591  O OD1 . ASP A 1 79  ? -9.802  10.993  -5.868  1.00 37.71 ? 79   ASP A OD1 1 
ATOM   592  O OD2 . ASP A 1 79  ? -7.645  10.623  -5.999  1.00 37.26 ? 79   ASP A OD2 1 
ATOM   593  N N   . TYR A 1 80  ? -6.597  9.730   -3.176  1.00 32.64 ? 80   TYR A N   1 
ATOM   594  C CA  . TYR A 1 80  ? -6.534  8.493   -2.393  1.00 32.22 ? 80   TYR A CA  1 
ATOM   595  C C   . TYR A 1 80  ? -5.232  8.413   -1.599  1.00 32.05 ? 80   TYR A C   1 
ATOM   596  O O   . TYR A 1 80  ? -4.920  7.387   -0.991  1.00 31.96 ? 80   TYR A O   1 
ATOM   597  C CB  . TYR A 1 80  ? -6.682  7.279   -3.312  1.00 32.33 ? 80   TYR A CB  1 
ATOM   598  C CG  . TYR A 1 80  ? -8.114  6.933   -3.649  1.00 32.35 ? 80   TYR A CG  1 
ATOM   599  C CD1 . TYR A 1 80  ? -8.991  7.894   -4.154  1.00 32.73 ? 80   TYR A CD1 1 
ATOM   600  C CD2 . TYR A 1 80  ? -8.589  5.636   -3.476  1.00 32.77 ? 80   TYR A CD2 1 
ATOM   601  C CE1 . TYR A 1 80  ? -10.307 7.574   -4.467  1.00 32.64 ? 80   TYR A CE1 1 
ATOM   602  C CE2 . TYR A 1 80  ? -9.901  5.306   -3.788  1.00 32.45 ? 80   TYR A CE2 1 
ATOM   603  C CZ  . TYR A 1 80  ? -10.753 6.281   -4.281  1.00 32.54 ? 80   TYR A CZ  1 
ATOM   604  O OH  . TYR A 1 80  ? -12.054 5.959   -4.590  1.00 32.80 ? 80   TYR A OH  1 
ATOM   605  N N   . ALA A 1 81  ? -4.472  9.503   -1.610  1.00 31.93 ? 81   ALA A N   1 
ATOM   606  C CA  . ALA A 1 81  ? -3.229  9.566   -0.863  1.00 31.60 ? 81   ALA A CA  1 
ATOM   607  C C   . ALA A 1 81  ? -3.252  10.768  0.085   1.00 31.61 ? 81   ALA A C   1 
ATOM   608  O O   . ALA A 1 81  ? -4.077  10.808  1.002   1.00 31.34 ? 81   ALA A O   1 
ATOM   609  C CB  . ALA A 1 81  ? -2.033  9.599   -1.811  1.00 31.83 ? 81   ALA A CB  1 
ATOM   610  N N   . TYR A 1 82  ? -2.379  11.750  -0.141  1.00 31.48 ? 82   TYR A N   1 
ATOM   611  C CA  . TYR A 1 82  ? -2.280  12.901  0.764   1.00 31.27 ? 82   TYR A CA  1 
ATOM   612  C C   . TYR A 1 82  ? -2.875  14.200  0.205   1.00 31.24 ? 82   TYR A C   1 
ATOM   613  O O   . TYR A 1 82  ? -2.770  15.260  0.830   1.00 31.22 ? 82   TYR A O   1 
ATOM   614  C CB  . TYR A 1 82  ? -0.831  13.095  1.230   1.00 31.28 ? 82   TYR A CB  1 
ATOM   615  C CG  . TYR A 1 82  ? -0.305  11.905  1.994   1.00 30.99 ? 82   TYR A CG  1 
ATOM   616  C CD1 . TYR A 1 82  ? -0.612  11.729  3.345   1.00 31.15 ? 82   TYR A CD1 1 
ATOM   617  C CD2 . TYR A 1 82  ? 0.472   10.939  1.361   1.00 30.84 ? 82   TYR A CD2 1 
ATOM   618  C CE1 . TYR A 1 82  ? -0.139  10.624  4.047   1.00 31.52 ? 82   TYR A CE1 1 
ATOM   619  C CE2 . TYR A 1 82  ? 0.949   9.835   2.053   1.00 30.93 ? 82   TYR A CE2 1 
ATOM   620  C CZ  . TYR A 1 82  ? 0.638   9.683   3.391   1.00 30.96 ? 82   TYR A CZ  1 
ATOM   621  O OH  . TYR A 1 82  ? 1.110   8.586   4.068   1.00 31.29 ? 82   TYR A OH  1 
ATOM   622  N N   . GLY A 1 83  ? -3.495  14.102  -0.970  1.00 31.23 ? 83   GLY A N   1 
ATOM   623  C CA  . GLY A 1 83  ? -4.298  15.183  -1.545  1.00 31.23 ? 83   GLY A CA  1 
ATOM   624  C C   . GLY A 1 83  ? -3.562  16.486  -1.792  1.00 31.56 ? 83   GLY A C   1 
ATOM   625  O O   . GLY A 1 83  ? -2.352  16.494  -2.039  1.00 31.53 ? 83   GLY A O   1 
ATOM   626  N N   . ALA A 1 84  ? -4.306  17.587  -1.715  1.00 31.77 ? 84   ALA A N   1 
ATOM   627  C CA  . ALA A 1 84  ? -3.761  18.926  -1.948  1.00 31.87 ? 84   ALA A CA  1 
ATOM   628  C C   . ALA A 1 84  ? -2.865  19.418  -0.811  1.00 32.13 ? 84   ALA A C   1 
ATOM   629  O O   . ALA A 1 84  ? -2.081  20.354  -0.996  1.00 32.43 ? 84   ALA A O   1 
ATOM   630  C CB  . ALA A 1 84  ? -4.887  19.920  -2.206  1.00 31.87 ? 84   ALA A CB  1 
ATOM   631  N N   . THR A 1 85  ? -2.985  18.794  0.358   1.00 32.31 ? 85   THR A N   1 
ATOM   632  C CA  . THR A 1 85  ? -2.187  19.174  1.523   1.00 32.55 ? 85   THR A CA  1 
ATOM   633  C C   . THR A 1 85  ? -0.791  18.557  1.457   1.00 32.42 ? 85   THR A C   1 
ATOM   634  O O   . THR A 1 85  ? 0.199   19.210  1.794   1.00 32.48 ? 85   THR A O   1 
ATOM   635  C CB  . THR A 1 85  ? -2.884  18.765  2.845   1.00 32.51 ? 85   THR A CB  1 
ATOM   636  O OG1 . THR A 1 85  ? -4.220  19.284  2.862   1.00 33.13 ? 85   THR A OG1 1 
ATOM   637  C CG2 . THR A 1 85  ? -2.124  19.297  4.056   1.00 33.06 ? 85   THR A CG2 1 
ATOM   638  N N   . GLY A 1 86  ? -0.723  17.304  1.008   1.00 32.23 ? 86   GLY A N   1 
ATOM   639  C CA  . GLY A 1 86  ? 0.509   16.521  1.053   1.00 32.02 ? 86   GLY A CA  1 
ATOM   640  C C   . GLY A 1 86  ? 0.820   16.021  2.452   1.00 31.89 ? 86   GLY A C   1 
ATOM   641  O O   . GLY A 1 86  ? 0.031   16.223  3.384   1.00 31.91 ? 86   GLY A O   1 
ATOM   642  N N   . HIS A 1 87  ? 1.963   15.354  2.601   1.00 31.63 ? 87   HIS A N   1 
ATOM   643  C CA  . HIS A 1 87  ? 2.465   14.978  3.920   1.00 31.53 ? 87   HIS A CA  1 
ATOM   644  C C   . HIS A 1 87  ? 3.675   15.847  4.246   1.00 31.19 ? 87   HIS A C   1 
ATOM   645  O O   . HIS A 1 87  ? 4.694   15.773  3.551   1.00 30.94 ? 87   HIS A O   1 
ATOM   646  C CB  . HIS A 1 87  ? 2.831   13.490  3.988   1.00 31.46 ? 87   HIS A CB  1 
ATOM   647  C CG  . HIS A 1 87  ? 3.299   13.051  5.341   1.00 32.00 ? 87   HIS A CG  1 
ATOM   648  N ND1 . HIS A 1 87  ? 2.434   12.848  6.396   1.00 32.40 ? 87   HIS A ND1 1 
ATOM   649  C CD2 . HIS A 1 87  ? 4.540   12.794  5.817   1.00 32.13 ? 87   HIS A CD2 1 
ATOM   650  C CE1 . HIS A 1 87  ? 3.122   12.478  7.461   1.00 32.49 ? 87   HIS A CE1 1 
ATOM   651  N NE2 . HIS A 1 87  ? 4.403   12.440  7.139   1.00 32.59 ? 87   HIS A NE2 1 
ATOM   652  N N   . PRO A 1 88  ? 3.567   16.675  5.301   1.00 31.16 ? 88   PRO A N   1 
ATOM   653  C CA  . PRO A 1 88  ? 4.588   17.672  5.616   1.00 31.03 ? 88   PRO A CA  1 
ATOM   654  C C   . PRO A 1 88  ? 6.012   17.117  5.571   1.00 31.05 ? 88   PRO A C   1 
ATOM   655  O O   . PRO A 1 88  ? 6.323   16.134  6.246   1.00 30.71 ? 88   PRO A O   1 
ATOM   656  C CB  . PRO A 1 88  ? 4.216   18.113  7.034   1.00 31.10 ? 88   PRO A CB  1 
ATOM   657  C CG  . PRO A 1 88  ? 2.739   17.954  7.078   1.00 31.04 ? 88   PRO A CG  1 
ATOM   658  C CD  . PRO A 1 88  ? 2.448   16.719  6.264   1.00 31.18 ? 88   PRO A CD  1 
ATOM   659  N N   . GLY A 1 89  ? 6.851   17.731  4.740   1.00 31.16 ? 89   GLY A N   1 
ATOM   660  C CA  . GLY A 1 89  ? 8.275   17.412  4.687   1.00 31.22 ? 89   GLY A CA  1 
ATOM   661  C C   . GLY A 1 89  ? 8.690   16.259  3.788   1.00 31.35 ? 89   GLY A C   1 
ATOM   662  O O   . GLY A 1 89  ? 9.871   16.131  3.464   1.00 31.28 ? 89   GLY A O   1 
ATOM   663  N N   . ILE A 1 90  ? 7.733   15.420  3.389   1.00 31.34 ? 90   ILE A N   1 
ATOM   664  C CA  . ILE A 1 90  ? 8.035   14.209  2.613   1.00 31.39 ? 90   ILE A CA  1 
ATOM   665  C C   . ILE A 1 90  ? 7.252   14.104  1.294   1.00 31.31 ? 90   ILE A C   1 
ATOM   666  O O   . ILE A 1 90  ? 7.846   13.884  0.231   1.00 31.34 ? 90   ILE A O   1 
ATOM   667  C CB  . ILE A 1 90  ? 7.844   12.909  3.461   1.00 31.37 ? 90   ILE A CB  1 
ATOM   668  C CG1 . ILE A 1 90  ? 8.627   12.990  4.781   1.00 31.68 ? 90   ILE A CG1 1 
ATOM   669  C CG2 . ILE A 1 90  ? 8.252   11.671  2.655   1.00 31.45 ? 90   ILE A CG2 1 
ATOM   670  C CD1 . ILE A 1 90  ? 8.477   11.772  5.681   1.00 31.62 ? 90   ILE A CD1 1 
ATOM   671  N N   . ILE A 1 91  ? 5.930   14.254  1.367   1.00 31.19 ? 91   ILE A N   1 
ATOM   672  C CA  . ILE A 1 91  ? 5.063   14.117  0.193   1.00 31.08 ? 91   ILE A CA  1 
ATOM   673  C C   . ILE A 1 91  ? 4.487   15.471  -0.219  1.00 30.96 ? 91   ILE A C   1 
ATOM   674  O O   . ILE A 1 91  ? 3.752   16.090  0.553   1.00 30.88 ? 91   ILE A O   1 
ATOM   675  C CB  . ILE A 1 91  ? 3.898   13.108  0.433   1.00 30.98 ? 91   ILE A CB  1 
ATOM   676  C CG1 . ILE A 1 91  ? 4.417   11.760  0.964   1.00 31.42 ? 91   ILE A CG1 1 
ATOM   677  C CG2 . ILE A 1 91  ? 3.045   12.939  -0.833  1.00 31.38 ? 91   ILE A CG2 1 
ATOM   678  C CD1 . ILE A 1 91  ? 5.382   11.021  0.032   1.00 31.21 ? 91   ILE A CD1 1 
ATOM   679  N N   . PRO A 1 92  ? 4.815   15.931  -1.443  1.00 30.74 ? 92   PRO A N   1 
ATOM   680  C CA  . PRO A 1 92  ? 4.312   17.205  -1.958  1.00 30.69 ? 92   PRO A CA  1 
ATOM   681  C C   . PRO A 1 92  ? 2.803   17.163  -2.208  1.00 30.49 ? 92   PRO A C   1 
ATOM   682  O O   . PRO A 1 92  ? 2.247   16.074  -2.394  1.00 30.69 ? 92   PRO A O   1 
ATOM   683  C CB  . PRO A 1 92  ? 5.041   17.362  -3.300  1.00 30.73 ? 92   PRO A CB  1 
ATOM   684  C CG  . PRO A 1 92  ? 6.137   16.362  -3.290  1.00 30.91 ? 92   PRO A CG  1 
ATOM   685  C CD  . PRO A 1 92  ? 5.684   15.252  -2.419  1.00 30.94 ? 92   PRO A CD  1 
ATOM   686  N N   . PRO A 1 93  ? 2.137   18.335  -2.188  1.00 30.36 ? 93   PRO A N   1 
ATOM   687  C CA  . PRO A 1 93  ? 0.767   18.469  -2.681  1.00 30.18 ? 93   PRO A CA  1 
ATOM   688  C C   . PRO A 1 93  ? 0.562   17.820  -4.051  1.00 30.34 ? 93   PRO A C   1 
ATOM   689  O O   . PRO A 1 93  ? 1.438   17.913  -4.922  1.00 29.80 ? 93   PRO A O   1 
ATOM   690  C CB  . PRO A 1 93  ? 0.599   19.980  -2.805  1.00 30.28 ? 93   PRO A CB  1 
ATOM   691  C CG  . PRO A 1 93  ? 1.437   20.522  -1.706  1.00 30.22 ? 93   PRO A CG  1 
ATOM   692  C CD  . PRO A 1 93  ? 2.638   19.612  -1.636  1.00 30.32 ? 93   PRO A CD  1 
ATOM   693  N N   . HIS A 1 94  ? -0.587  17.163  -4.220  1.00 30.60 ? 94   HIS A N   1 
ATOM   694  C CA  . HIS A 1 94  ? -0.998  16.566  -5.503  1.00 31.18 ? 94   HIS A CA  1 
ATOM   695  C C   . HIS A 1 94  ? -0.034  15.487  -6.024  1.00 31.44 ? 94   HIS A C   1 
ATOM   696  O O   . HIS A 1 94  ? 0.136   15.318  -7.239  1.00 32.07 ? 94   HIS A O   1 
ATOM   697  C CB  . HIS A 1 94  ? -1.238  17.661  -6.558  1.00 31.36 ? 94   HIS A CB  1 
ATOM   698  C CG  . HIS A 1 94  ? -2.080  17.217  -7.716  1.00 31.78 ? 94   HIS A CG  1 
ATOM   699  N ND1 . HIS A 1 94  ? -1.555  16.969  -8.966  1.00 32.66 ? 94   HIS A ND1 1 
ATOM   700  C CD2 . HIS A 1 94  ? -3.409  16.975  -7.812  1.00 32.18 ? 94   HIS A CD2 1 
ATOM   701  C CE1 . HIS A 1 94  ? -2.524  16.593  -9.782  1.00 32.69 ? 94   HIS A CE1 1 
ATOM   702  N NE2 . HIS A 1 94  ? -3.658  16.589  -9.107  1.00 32.63 ? 94   HIS A NE2 1 
ATOM   703  N N   . ALA A 1 95  ? 0.573   14.740  -5.106  1.00 31.48 ? 95   ALA A N   1 
ATOM   704  C CA  . ALA A 1 95  ? 1.514   13.690  -5.485  1.00 31.61 ? 95   ALA A CA  1 
ATOM   705  C C   . ALA A 1 95  ? 0.829   12.354  -5.751  1.00 31.52 ? 95   ALA A C   1 
ATOM   706  O O   . ALA A 1 95  ? 0.117   11.825  -4.893  1.00 31.52 ? 95   ALA A O   1 
ATOM   707  C CB  . ALA A 1 95  ? 2.597   13.530  -4.430  1.00 31.56 ? 95   ALA A CB  1 
ATOM   708  N N   . THR A 1 96  ? 1.043   11.824  -6.954  1.00 31.52 ? 96   THR A N   1 
ATOM   709  C CA  . THR A 1 96  ? 0.700   10.440  -7.253  1.00 31.63 ? 96   THR A CA  1 
ATOM   710  C C   . THR A 1 96  ? 1.795   9.552   -6.667  1.00 31.74 ? 96   THR A C   1 
ATOM   711  O O   . THR A 1 96  ? 2.987   9.788   -6.897  1.00 31.91 ? 96   THR A O   1 
ATOM   712  C CB  . THR A 1 96  ? 0.548   10.195  -8.778  1.00 31.45 ? 96   THR A CB  1 
ATOM   713  O OG1 . THR A 1 96  ? -0.552  10.964  -9.280  1.00 31.37 ? 96   THR A OG1 1 
ATOM   714  C CG2 . THR A 1 96  ? 0.294   8.719   -9.081  1.00 32.05 ? 96   THR A CG2 1 
ATOM   715  N N   . LEU A 1 97  ? 1.386   8.552   -5.892  1.00 31.66 ? 97   LEU A N   1 
ATOM   716  C CA  . LEU A 1 97  ? 2.323   7.668   -5.204  1.00 31.96 ? 97   LEU A CA  1 
ATOM   717  C C   . LEU A 1 97  ? 2.334   6.266   -5.796  1.00 32.19 ? 97   LEU A C   1 
ATOM   718  O O   . LEU A 1 97  ? 1.305   5.770   -6.258  1.00 32.42 ? 97   LEU A O   1 
ATOM   719  C CB  . LEU A 1 97  ? 1.999   7.590   -3.704  1.00 31.95 ? 97   LEU A CB  1 
ATOM   720  C CG  . LEU A 1 97  ? 1.951   8.897   -2.908  1.00 32.03 ? 97   LEU A CG  1 
ATOM   721  C CD1 . LEU A 1 97  ? 1.703   8.626   -1.430  1.00 32.22 ? 97   LEU A CD1 1 
ATOM   722  C CD2 . LEU A 1 97  ? 3.234   9.705   -3.098  1.00 32.34 ? 97   LEU A CD2 1 
ATOM   723  N N   . VAL A 1 98  ? 3.506   5.636   -5.770  1.00 32.36 ? 98   VAL A N   1 
ATOM   724  C CA  . VAL A 1 98  ? 3.652   4.248   -6.194  1.00 32.37 ? 98   VAL A CA  1 
ATOM   725  C C   . VAL A 1 98  ? 4.158   3.411   -5.022  1.00 32.49 ? 98   VAL A C   1 
ATOM   726  O O   . VAL A 1 98  ? 5.230   3.677   -4.466  1.00 32.67 ? 98   VAL A O   1 
ATOM   727  C CB  . VAL A 1 98  ? 4.603   4.100   -7.417  1.00 32.46 ? 98   VAL A CB  1 
ATOM   728  C CG1 . VAL A 1 98  ? 4.708   2.635   -7.850  1.00 32.29 ? 98   VAL A CG1 1 
ATOM   729  C CG2 . VAL A 1 98  ? 4.129   4.960   -8.581  1.00 32.44 ? 98   VAL A CG2 1 
ATOM   730  N N   . PHE A 1 99  ? 3.359   2.419   -4.635  1.00 32.41 ? 99   PHE A N   1 
ATOM   731  C CA  . PHE A 1 99  ? 3.748   1.461   -3.612  1.00 32.50 ? 99   PHE A CA  1 
ATOM   732  C C   . PHE A 1 99  ? 3.879   0.064   -4.208  1.00 32.60 ? 99   PHE A C   1 
ATOM   733  O O   . PHE A 1 99  ? 2.971   -0.414  -4.890  1.00 32.81 ? 99   PHE A O   1 
ATOM   734  C CB  . PHE A 1 99  ? 2.731   1.440   -2.464  1.00 32.45 ? 99   PHE A CB  1 
ATOM   735  C CG  . PHE A 1 99  ? 2.827   2.619   -1.534  1.00 32.56 ? 99   PHE A CG  1 
ATOM   736  C CD1 . PHE A 1 99  ? 2.207   3.823   -1.850  1.00 32.33 ? 99   PHE A CD1 1 
ATOM   737  C CD2 . PHE A 1 99  ? 3.523   2.517   -0.331  1.00 33.02 ? 99   PHE A CD2 1 
ATOM   738  C CE1 . PHE A 1 99  ? 2.285   4.919   -0.988  1.00 32.88 ? 99   PHE A CE1 1 
ATOM   739  C CE2 . PHE A 1 99  ? 3.610   3.610   0.539   1.00 32.71 ? 99   PHE A CE2 1 
ATOM   740  C CZ  . PHE A 1 99  ? 2.990   4.808   0.208   1.00 32.92 ? 99   PHE A CZ  1 
ATOM   741  N N   . ASP A 1 100 ? 5.021   -0.569  -3.957  1.00 32.70 ? 100  ASP A N   1 
ATOM   742  C CA  . ASP A 1 100 ? 5.238   -1.981  -4.250  1.00 32.90 ? 100  ASP A CA  1 
ATOM   743  C C   . ASP A 1 100 ? 4.907   -2.722  -2.960  1.00 32.78 ? 100  ASP A C   1 
ATOM   744  O O   . ASP A 1 100 ? 5.661   -2.653  -1.988  1.00 32.92 ? 100  ASP A O   1 
ATOM   745  C CB  . ASP A 1 100 ? 6.701   -2.202  -4.658  1.00 33.00 ? 100  ASP A CB  1 
ATOM   746  C CG  . ASP A 1 100 ? 7.047   -3.669  -4.925  1.00 33.21 ? 100  ASP A CG  1 
ATOM   747  O OD1 . ASP A 1 100 ? 6.274   -4.580  -4.558  1.00 32.47 ? 100  ASP A OD1 1 
ATOM   748  O OD2 . ASP A 1 100 ? 8.130   -3.905  -5.502  1.00 33.81 ? 100  ASP A OD2 1 
ATOM   749  N N   . VAL A 1 101 ? 3.768   -3.411  -2.949  1.00 32.65 ? 101  VAL A N   1 
ATOM   750  C CA  . VAL A 1 101 ? 3.244   -4.029  -1.731  1.00 32.55 ? 101  VAL A CA  1 
ATOM   751  C C   . VAL A 1 101 ? 3.120   -5.541  -1.883  1.00 32.49 ? 101  VAL A C   1 
ATOM   752  O O   . VAL A 1 101 ? 2.599   -6.029  -2.890  1.00 32.50 ? 101  VAL A O   1 
ATOM   753  C CB  . VAL A 1 101 ? 1.864   -3.421  -1.329  1.00 32.47 ? 101  VAL A CB  1 
ATOM   754  C CG1 . VAL A 1 101 ? 1.317   -4.068  -0.050  1.00 32.47 ? 101  VAL A CG1 1 
ATOM   755  C CG2 . VAL A 1 101 ? 1.968   -1.915  -1.150  1.00 32.78 ? 101  VAL A CG2 1 
ATOM   756  N N   . GLU A 1 102 ? 3.614   -6.272  -0.886  1.00 32.60 ? 102  GLU A N   1 
ATOM   757  C CA  . GLU A 1 102 ? 3.399   -7.716  -0.796  1.00 32.90 ? 102  GLU A CA  1 
ATOM   758  C C   . GLU A 1 102 ? 2.563   -8.046  0.438   1.00 32.64 ? 102  GLU A C   1 
ATOM   759  O O   . GLU A 1 102 ? 2.924   -7.664  1.551   1.00 32.44 ? 102  GLU A O   1 
ATOM   760  C CB  . GLU A 1 102 ? 4.733   -8.467  -0.750  1.00 32.91 ? 102  GLU A CB  1 
ATOM   761  C CG  . GLU A 1 102 ? 4.587   -9.990  -0.748  1.00 33.55 ? 102  GLU A CG  1 
ATOM   762  C CD  . GLU A 1 102 ? 5.907   -10.732 -0.598  1.00 33.81 ? 102  GLU A CD  1 
ATOM   763  O OE1 . GLU A 1 102 ? 5.919   -11.959 -0.833  1.00 35.01 ? 102  GLU A OE1 1 
ATOM   764  O OE2 . GLU A 1 102 ? 6.929   -10.102 -0.241  1.00 35.80 ? 102  GLU A OE2 1 
ATOM   765  N N   . LEU A 1 103 ? 1.448   -8.747  0.239   1.00 32.50 ? 103  LEU A N   1 
ATOM   766  C CA  . LEU A 1 103 ? 0.627   -9.197  1.360   1.00 32.52 ? 103  LEU A CA  1 
ATOM   767  C C   . LEU A 1 103 ? 1.178   -10.522 1.885   1.00 32.69 ? 103  LEU A C   1 
ATOM   768  O O   . LEU A 1 103 ? 0.968   -11.578 1.282   1.00 32.62 ? 103  LEU A O   1 
ATOM   769  C CB  . LEU A 1 103 ? -0.853  -9.316  0.960   1.00 32.43 ? 103  LEU A CB  1 
ATOM   770  C CG  . LEU A 1 103 ? -1.869  -9.776  2.015   1.00 32.32 ? 103  LEU A CG  1 
ATOM   771  C CD1 . LEU A 1 103 ? -1.859  -8.870  3.247   1.00 32.07 ? 103  LEU A CD1 1 
ATOM   772  C CD2 . LEU A 1 103 ? -3.270  -9.841  1.424   1.00 32.45 ? 103  LEU A CD2 1 
ATOM   773  N N   . LEU A 1 104 ? 1.896   -10.443 3.004   1.00 33.01 ? 104  LEU A N   1 
ATOM   774  C CA  . LEU A 1 104 ? 2.605   -11.592 3.569   1.00 33.30 ? 104  LEU A CA  1 
ATOM   775  C C   . LEU A 1 104 ? 1.673   -12.556 4.290   1.00 33.60 ? 104  LEU A C   1 
ATOM   776  O O   . LEU A 1 104 ? 1.684   -13.757 4.016   1.00 33.86 ? 104  LEU A O   1 
ATOM   777  C CB  . LEU A 1 104 ? 3.724   -11.133 4.513   1.00 33.25 ? 104  LEU A CB  1 
ATOM   778  C CG  . LEU A 1 104 ? 4.884   -10.314 3.934   1.00 33.08 ? 104  LEU A CG  1 
ATOM   779  C CD1 . LEU A 1 104 ? 5.712   -9.714  5.064   1.00 32.78 ? 104  LEU A CD1 1 
ATOM   780  C CD2 . LEU A 1 104 ? 5.760   -11.150 3.005   1.00 32.70 ? 104  LEU A CD2 1 
ATOM   781  N N   . LYS A 1 105 ? 0.874   -12.025 5.213   1.00 33.97 ? 105  LYS A N   1 
ATOM   782  C CA  . LYS A 1 105 ? -0.065  -12.839 5.983   1.00 34.38 ? 105  LYS A CA  1 
ATOM   783  C C   . LYS A 1 105 ? -1.198  -12.013 6.586   1.00 34.56 ? 105  LYS A C   1 
ATOM   784  O O   . LYS A 1 105 ? -1.132  -10.781 6.632   1.00 34.57 ? 105  LYS A O   1 
ATOM   785  C CB  . LYS A 1 105 ? 0.665   -13.651 7.065   1.00 34.49 ? 105  LYS A CB  1 
ATOM   786  C CG  . LYS A 1 105 ? 1.482   -12.835 8.060   1.00 34.56 ? 105  LYS A CG  1 
ATOM   787  C CD  . LYS A 1 105 ? 2.255   -13.730 9.027   1.00 34.59 ? 105  LYS A CD  1 
ATOM   788  C CE  . LYS A 1 105 ? 1.343   -14.386 10.057  1.00 34.76 ? 105  LYS A CE  1 
ATOM   789  N NZ  . LYS A 1 105 ? 2.112   -15.136 11.089  1.00 35.36 ? 105  LYS A NZ  1 
ATOM   790  N N   . LEU A 1 106 ? -2.241  -12.708 7.029   1.00 34.77 ? 106  LEU A N   1 
ATOM   791  C CA  . LEU A 1 106 ? -3.361  -12.083 7.720   1.00 35.13 ? 106  LEU A CA  1 
ATOM   792  C C   . LEU A 1 106 ? -3.466  -12.639 9.134   1.00 35.36 ? 106  LEU A C   1 
ATOM   793  O O   . LEU A 1 106 ? -3.379  -13.853 9.340   1.00 35.27 ? 106  LEU A O   1 
ATOM   794  C CB  . LEU A 1 106 ? -4.668  -12.312 6.952   1.00 35.18 ? 106  LEU A CB  1 
ATOM   795  C CG  . LEU A 1 106 ? -4.758  -11.768 5.521   1.00 35.29 ? 106  LEU A CG  1 
ATOM   796  C CD1 . LEU A 1 106 ? -6.000  -12.303 4.824   1.00 35.31 ? 106  LEU A CD1 1 
ATOM   797  C CD2 . LEU A 1 106 ? -4.741  -10.240 5.498   1.00 35.31 ? 106  LEU A CD2 1 
ATOM   798  N N   . GLU A 1 107 ? -3.644  -11.745 10.102  1.00 35.64 ? 107  GLU A N   1 
ATOM   799  C CA  . GLU A 1 107 ? -3.741  -12.130 11.512  1.00 36.11 ? 107  GLU A CA  1 
ATOM   800  C C   . GLU A 1 107 ? -4.722  -11.249 12.286  1.00 36.17 ? 107  GLU A C   1 
ATOM   801  O O   . GLU A 1 107 ? -5.609  -10.628 11.700  1.00 36.30 ? 107  GLU A O   1 
ATOM   802  C CB  . GLU A 1 107 ? -2.357  -12.109 12.177  1.00 36.07 ? 107  GLU A CB  1 
ATOM   803  C CG  . GLU A 1 107 ? -1.649  -10.759 12.144  1.00 36.32 ? 107  GLU A CG  1 
ATOM   804  C CD  . GLU A 1 107 ? -0.244  -10.814 12.720  1.00 36.49 ? 107  GLU A CD  1 
ATOM   805  O OE1 . GLU A 1 107 ? 0.547   -11.688 12.303  1.00 37.42 ? 107  GLU A OE1 1 
ATOM   806  O OE2 . GLU A 1 107 ? 0.073   -9.969  13.582  1.00 36.63 ? 107  GLU A OE2 1 
HETATM 807  C C1  . RAP B 2 .   ? 0.375   5.688   5.355   1.00 33.50 ? 501  RAP A C1  1 
HETATM 808  O O1  . RAP B 2 .   ? 1.077   6.281   6.478   1.00 33.62 ? 501  RAP A O1  1 
HETATM 809  O O2  . RAP B 2 .   ? -0.849  5.630   5.332   1.00 33.56 ? 501  RAP A O2  1 
HETATM 810  C C2  . RAP B 2 .   ? 1.208   5.161   4.218   1.00 32.94 ? 501  RAP A C2  1 
HETATM 811  C C3  . RAP B 2 .   ? 0.766   3.743   3.831   1.00 33.00 ? 501  RAP A C3  1 
HETATM 812  C C4  . RAP B 2 .   ? 1.228   2.699   4.841   1.00 33.06 ? 501  RAP A C4  1 
HETATM 813  C C5  . RAP B 2 .   ? 2.740   2.770   4.978   1.00 33.30 ? 501  RAP A C5  1 
HETATM 814  C C6  . RAP B 2 .   ? 3.119   4.159   5.480   1.00 32.58 ? 501  RAP A C6  1 
HETATM 815  N N7  . RAP B 2 .   ? 2.661   5.163   4.506   1.00 32.64 ? 501  RAP A N7  1 
HETATM 816  C C8  . RAP B 2 .   ? 3.443   6.062   3.890   1.00 32.67 ? 501  RAP A C8  1 
HETATM 817  O O3  . RAP B 2 .   ? 3.005   6.936   3.156   1.00 32.87 ? 501  RAP A O3  1 
HETATM 818  C C9  . RAP B 2 .   ? 4.892   5.971   4.105   1.00 32.80 ? 501  RAP A C9  1 
HETATM 819  O O4  . RAP B 2 .   ? 5.545   5.201   3.420   1.00 33.74 ? 501  RAP A O4  1 
HETATM 820  C C10 . RAP B 2 .   ? 5.576   6.792   5.174   1.00 32.83 ? 501  RAP A C10 1 
HETATM 821  O O5  . RAP B 2 .   ? 5.232   6.168   6.413   1.00 32.92 ? 501  RAP A O5  1 
HETATM 822  O O6  . RAP B 2 .   ? 6.998   6.729   5.001   1.00 33.03 ? 501  RAP A O6  1 
HETATM 823  C C11 . RAP B 2 .   ? 5.113   8.262   5.132   1.00 32.70 ? 501  RAP A C11 1 
HETATM 824  C C12 . RAP B 2 .   ? 5.509   9.021   6.400   1.00 32.80 ? 501  RAP A C12 1 
HETATM 825  C C13 . RAP B 2 .   ? 5.099   8.241   7.647   1.00 32.43 ? 501  RAP A C13 1 
HETATM 826  C C14 . RAP B 2 .   ? 5.666   6.822   7.608   1.00 32.29 ? 501  RAP A C14 1 
HETATM 827  C C15 . RAP B 2 .   ? 5.147   5.994   8.779   1.00 32.15 ? 501  RAP A C15 1 
HETATM 828  C C16 . RAP B 2 .   ? 5.881   6.221   10.106  1.00 32.11 ? 501  RAP A C16 1 
HETATM 829  O O7  . RAP B 2 .   ? 7.266   5.873   9.989   1.00 31.51 ? 501  RAP A O7  1 
HETATM 830  C C17 . RAP B 2 .   ? 5.192   5.396   11.166  1.00 32.35 ? 501  RAP A C17 1 
HETATM 831  C C18 . RAP B 2 .   ? 4.421   6.032   12.072  1.00 32.00 ? 501  RAP A C18 1 
HETATM 832  C C19 . RAP B 2 .   ? 3.685   5.342   13.137  1.00 32.46 ? 501  RAP A C19 1 
HETATM 833  C C20 . RAP B 2 .   ? 2.785   6.013   13.853  1.00 32.49 ? 501  RAP A C20 1 
HETATM 834  C C21 . RAP B 2 .   ? 2.015   5.358   14.909  1.00 32.41 ? 501  RAP A C21 1 
HETATM 835  C C22 . RAP B 2 .   ? 0.999   6.008   15.483  1.00 32.28 ? 501  RAP A C22 1 
HETATM 836  C C23 . RAP B 2 .   ? 0.168   5.344   16.562  1.00 31.81 ? 501  RAP A C23 1 
HETATM 837  C C24 . RAP B 2 .   ? -1.306  5.314   16.157  1.00 32.14 ? 501  RAP A C24 1 
HETATM 838  C C25 . RAP B 2 .   ? -1.534  4.857   14.710  1.00 33.14 ? 501  RAP A C25 1 
HETATM 839  C C26 . RAP B 2 .   ? -2.891  5.316   14.241  1.00 33.44 ? 501  RAP A C26 1 
HETATM 840  O O8  . RAP B 2 .   ? -3.872  4.601   14.394  1.00 33.46 ? 501  RAP A O8  1 
HETATM 841  C C27 . RAP B 2 .   ? -3.043  6.675   13.599  1.00 33.78 ? 501  RAP A C27 1 
HETATM 842  O O9  . RAP B 2 .   ? -4.396  7.110   13.721  1.00 34.00 ? 501  RAP A O9  1 
HETATM 843  C C28 . RAP B 2 .   ? -2.706  6.673   12.104  1.00 33.85 ? 501  RAP A C28 1 
HETATM 844  O O10 . RAP B 2 .   ? -3.523  5.693   11.459  1.00 34.93 ? 501  RAP A O10 1 
HETATM 845  C C29 . RAP B 2 .   ? -1.238  6.466   11.799  1.00 34.21 ? 501  RAP A C29 1 
HETATM 846  C C30 . RAP B 2 .   ? -0.822  5.330   11.197  1.00 33.68 ? 501  RAP A C30 1 
HETATM 847  C C31 . RAP B 2 .   ? 0.620   5.039   10.839  1.00 33.52 ? 501  RAP A C31 1 
HETATM 848  C C32 . RAP B 2 .   ? 0.767   5.200   9.353   1.00 33.80 ? 501  RAP A C32 1 
HETATM 849  O O11 . RAP B 2 .   ? 0.656   4.236   8.600   1.00 33.84 ? 501  RAP A O11 1 
HETATM 850  C C33 . RAP B 2 .   ? 1.038   6.590   8.823   1.00 33.95 ? 501  RAP A C33 1 
HETATM 851  C C34 . RAP B 2 .   ? 0.284   6.849   7.520   1.00 33.83 ? 501  RAP A C34 1 
HETATM 852  C C35 . RAP B 2 .   ? 0.039   8.339   7.227   1.00 33.69 ? 501  RAP A C35 1 
HETATM 853  C C36 . RAP B 2 .   ? -0.995  9.020   8.135   1.00 34.03 ? 501  RAP A C36 1 
HETATM 854  C C37 . RAP B 2 .   ? -2.403  8.414   8.156   1.00 34.59 ? 501  RAP A C37 1 
HETATM 855  C C38 . RAP B 2 .   ? -3.250  9.258   9.111   1.00 34.59 ? 501  RAP A C38 1 
HETATM 856  C C39 . RAP B 2 .   ? -4.725  8.839   9.159   1.00 34.81 ? 501  RAP A C39 1 
HETATM 857  O O12 . RAP B 2 .   ? -5.469  9.786   9.923   1.00 35.09 ? 501  RAP A O12 1 
HETATM 858  C C40 . RAP B 2 .   ? -5.346  8.746   7.764   1.00 34.58 ? 501  RAP A C40 1 
HETATM 859  O O13 . RAP B 2 .   ? -6.665  8.192   7.869   1.00 34.59 ? 501  RAP A O13 1 
HETATM 860  C C41 . RAP B 2 .   ? -4.497  7.890   6.826   1.00 34.58 ? 501  RAP A C41 1 
HETATM 861  C C42 . RAP B 2 .   ? -3.048  8.383   6.765   1.00 34.38 ? 501  RAP A C42 1 
HETATM 862  C C43 . RAP B 2 .   ? 5.614   9.017   3.901   1.00 33.15 ? 501  RAP A C43 1 
HETATM 863  C C44 . RAP B 2 .   ? 5.372   3.901   11.187  1.00 32.89 ? 501  RAP A C44 1 
HETATM 864  C C45 . RAP B 2 .   ? 0.336   6.046   17.908  1.00 31.79 ? 501  RAP A C45 1 
HETATM 865  C C46 . RAP B 2 .   ? -1.373  3.344   14.537  1.00 33.56 ? 501  RAP A C46 1 
HETATM 866  C C47 . RAP B 2 .   ? -0.266  7.557   12.163  1.00 33.94 ? 501  RAP A C47 1 
HETATM 867  C C48 . RAP B 2 .   ? 1.010   3.632   11.284  1.00 33.31 ? 501  RAP A C48 1 
HETATM 868  C C49 . RAP B 2 .   ? 1.335   9.154   7.209   1.00 33.61 ? 501  RAP A C49 1 
HETATM 869  C C50 . RAP B 2 .   ? 8.070   6.472   11.010  1.00 32.14 ? 501  RAP A C50 1 
HETATM 870  C C51 . RAP B 2 .   ? -4.639  7.810   14.944  1.00 33.16 ? 501  RAP A C51 1 
HETATM 871  C C52 . RAP B 2 .   ? -5.638  9.391   11.284  1.00 34.96 ? 501  RAP A C52 1 
HETATM 872  C C1  . GOL C 3 .   ? -8.615  18.754  0.345   1.00 38.23 ? 1001 GOL A C1  1 
HETATM 873  O O1  . GOL C 3 .   ? -8.856  19.772  -0.603  1.00 38.52 ? 1001 GOL A O1  1 
HETATM 874  C C2  . GOL C 3 .   ? -7.196  18.227  0.165   1.00 37.84 ? 1001 GOL A C2  1 
HETATM 875  O O2  . GOL C 3 .   ? -7.113  17.445  -1.006  1.00 37.73 ? 1001 GOL A O2  1 
HETATM 876  C C3  . GOL C 3 .   ? -6.787  17.383  1.360   1.00 37.70 ? 1001 GOL A C3  1 
HETATM 877  O O3  . GOL C 3 .   ? -5.385  17.230  1.346   1.00 37.22 ? 1001 GOL A O3  1 
HETATM 878  O O   . HOH D 4 .   ? -5.512  -11.922 -6.056  1.00 24.51 ? 1002 HOH A O   1 
HETATM 879  O O   . HOH D 4 .   ? 0.015   0.329   -10.649 1.00 21.26 ? 1003 HOH A O   1 
HETATM 880  O O   . HOH D 4 .   ? -0.252  12.127  -2.143  1.00 21.12 ? 1004 HOH A O   1 
HETATM 881  O O   . HOH D 4 .   ? -8.837  -0.312  -7.222  1.00 29.24 ? 1005 HOH A O   1 
HETATM 882  O O   . HOH D 4 .   ? -6.445  -5.991  -8.465  1.00 26.73 ? 1006 HOH A O   1 
HETATM 883  O O   . HOH D 4 .   ? -11.169 -7.534  1.121   1.00 27.78 ? 1007 HOH A O   1 
HETATM 884  O O   . HOH D 4 .   ? 3.417   16.763  -6.660  1.00 23.32 ? 1008 HOH A O   1 
HETATM 885  O O   . HOH D 4 .   ? 8.591   4.285   8.120   1.00 29.97 ? 1009 HOH A O   1 
HETATM 886  O O   . HOH D 4 .   ? 2.852   12.994  -8.982  1.00 24.93 ? 1010 HOH A O   1 
HETATM 887  O O   . HOH D 4 .   ? -10.477 -2.844  -2.515  1.00 31.01 ? 1011 HOH A O   1 
HETATM 888  O O   . HOH D 4 .   ? -0.551  13.682  -9.409  1.00 26.60 ? 1012 HOH A O   1 
HETATM 889  O O   . HOH D 4 .   ? -1.913  22.879  -1.722  1.00 25.63 ? 1013 HOH A O   1 
HETATM 890  O O   . HOH D 4 .   ? -3.239  13.363  -10.370 1.00 34.49 ? 1014 HOH A O   1 
HETATM 891  O O   . HOH D 4 .   ? -7.255  0.896   8.374   1.00 28.67 ? 1015 HOH A O   1 
HETATM 892  O O   . HOH D 4 .   ? 3.451   -15.593 -6.293  1.00 28.87 ? 1016 HOH A O   1 
HETATM 893  O O   . HOH D 4 .   ? -6.031  8.888   1.676   1.00 28.31 ? 1017 HOH A O   1 
HETATM 894  O O   . HOH D 4 .   ? -6.626  12.522  -7.568  1.00 42.40 ? 1018 HOH A O   1 
HETATM 895  O O   . HOH D 4 .   ? 10.055  -2.384  -4.427  1.00 25.34 ? 1019 HOH A O   1 
HETATM 896  O O   . HOH D 4 .   ? -10.691 9.741   -1.018  1.00 34.26 ? 1020 HOH A O   1 
HETATM 897  O O   . HOH D 4 .   ? -5.794  -8.216  -7.047  1.00 29.66 ? 1021 HOH A O   1 
HETATM 898  O O   . HOH D 4 .   ? 14.445  0.585   -1.430  1.00 36.93 ? 1022 HOH A O   1 
HETATM 899  O O   . HOH D 4 .   ? -3.220  -13.013 -7.463  1.00 28.57 ? 1023 HOH A O   1 
HETATM 900  O O   . HOH D 4 .   ? -3.547  -11.031 -9.886  1.00 40.09 ? 1024 HOH A O   1 
HETATM 901  O O   . HOH D 4 .   ? 2.936   15.652  -9.166  1.00 30.74 ? 1025 HOH A O   1 
HETATM 902  O O   . HOH D 4 .   ? 4.415   -13.903 0.146   1.00 39.90 ? 1026 HOH A O   1 
HETATM 903  O O   . HOH D 4 .   ? -11.261 -14.533 1.229   1.00 32.07 ? 1027 HOH A O   1 
HETATM 904  O O   . HOH D 4 .   ? -0.335  13.156  6.694   1.00 36.64 ? 1028 HOH A O   1 
HETATM 905  O O   . HOH D 4 .   ? -0.059  14.897  -1.918  1.00 22.94 ? 1029 HOH A O   1 
HETATM 906  O O   . HOH D 4 .   ? -2.022  -15.551 6.552   1.00 30.44 ? 1030 HOH A O   1 
HETATM 907  O O   . HOH D 4 .   ? 7.741   -11.609 -5.610  1.00 32.42 ? 1031 HOH A O   1 
HETATM 908  O O   . HOH D 4 .   ? -0.029  -17.526 -1.418  1.00 34.43 ? 1032 HOH A O   1 
HETATM 909  O O   . HOH D 4 .   ? 15.206  7.455   -4.624  1.00 36.24 ? 1033 HOH A O   1 
HETATM 910  O O   . HOH D 4 .   ? -1.590  15.169  5.156   1.00 38.04 ? 1034 HOH A O   1 
HETATM 911  O O   . HOH D 4 .   ? 11.266  -9.459  6.423   1.00 49.48 ? 1035 HOH A O   1 
HETATM 912  O O   . HOH D 4 .   ? -4.337  17.464  -4.870  1.00 32.66 ? 1036 HOH A O   1 
HETATM 913  O O   . HOH D 4 .   ? -6.173  15.394  -4.376  1.00 27.83 ? 1037 HOH A O   1 
HETATM 914  O O   . HOH D 4 .   ? 12.126  -4.604  -4.112  1.00 39.77 ? 1038 HOH A O   1 
HETATM 915  O O   . HOH D 4 .   ? 4.087   -2.652  11.937  1.00 28.89 ? 1039 HOH A O   1 
HETATM 916  O O   . HOH D 4 .   ? 4.416   -14.524 -3.786  1.00 29.34 ? 1040 HOH A O   1 
HETATM 917  O O   . HOH D 4 .   ? -6.622  -1.737  -10.761 1.00 34.40 ? 1041 HOH A O   1 
HETATM 918  O O   . HOH D 4 .   ? -15.060 -8.832  9.218   1.00 42.83 ? 1042 HOH A O   1 
HETATM 919  O O   . HOH D 4 .   ? -10.470 2.019   6.748   1.00 30.42 ? 1043 HOH A O   1 
HETATM 920  O O   . HOH D 4 .   ? -6.652  6.337   12.064  1.00 37.72 ? 1044 HOH A O   1 
HETATM 921  O O   . HOH D 4 .   ? -8.687  -2.582  -9.094  1.00 35.36 ? 1045 HOH A O   1 
HETATM 922  O O   . HOH D 4 .   ? 4.870   4.163   -12.881 1.00 46.22 ? 1046 HOH A O   1 
HETATM 923  O O   . HOH D 4 .   ? -9.076  -13.656 5.283   1.00 45.99 ? 1047 HOH A O   1 
HETATM 924  O O   . HOH D 4 .   ? 5.336   14.246  -6.071  1.00 37.86 ? 1048 HOH A O   1 
HETATM 925  O O   . HOH D 4 .   ? 0.728   -6.835  -14.368 1.00 36.31 ? 1049 HOH A O   1 
HETATM 926  O O   . HOH D 4 .   ? 0.562   23.812  -0.500  1.00 29.78 ? 1050 HOH A O   1 
HETATM 927  O O   . HOH D 4 .   ? -7.185  -14.295 -9.151  1.00 37.23 ? 1051 HOH A O   1 
HETATM 928  O O   . HOH D 4 .   ? 8.662   -9.788  -2.280  1.00 59.16 ? 1052 HOH A O   1 
HETATM 929  O O   . HOH D 4 .   ? 2.672   12.002  -11.392 1.00 27.11 ? 1053 HOH A O   1 
HETATM 930  O O   . HOH D 4 .   ? 11.901  6.546   5.283   1.00 46.25 ? 1054 HOH A O   1 
HETATM 931  O O   . HOH D 4 .   ? -12.139 -0.732  -3.174  1.00 30.23 ? 1055 HOH A O   1 
HETATM 932  O O   . HOH D 4 .   ? 13.991  -3.819  -1.874  1.00 32.91 ? 1056 HOH A O   1 
HETATM 933  O O   . HOH D 4 .   ? 4.560   11.971  -7.143  1.00 35.25 ? 1057 HOH A O   1 
HETATM 934  O O   . HOH D 4 .   ? -4.412  5.701   -9.891  1.00 34.50 ? 1058 HOH A O   1 
HETATM 935  O O   . HOH D 4 .   ? 14.244  -3.081  11.827  1.00 41.32 ? 1059 HOH A O   1 
HETATM 936  O O   . HOH D 4 .   ? 7.974   0.815   -12.931 1.00 53.34 ? 1060 HOH A O   1 
HETATM 937  O O   . HOH D 4 .   ? 6.400   2.026   -14.766 1.00 40.87 ? 1061 HOH A O   1 
HETATM 938  O O   . HOH D 4 .   ? -8.107  15.420  -2.406  1.00 37.75 ? 1062 HOH A O   1 
HETATM 939  O O   . HOH D 4 .   ? 10.350  12.047  -0.286  1.00 40.13 ? 1063 HOH A O   1 
HETATM 940  O O   . HOH D 4 .   ? -1.667  -19.139 0.342   1.00 33.85 ? 1064 HOH A O   1 
HETATM 941  O O   . HOH D 4 .   ? 3.295   -0.310  -14.775 1.00 46.40 ? 1065 HOH A O   1 
HETATM 942  O O   . HOH D 4 .   ? -7.656  3.380   5.579   1.00 43.99 ? 1066 HOH A O   1 
HETATM 943  O O   . HOH D 4 .   ? -12.787 10.823  0.370   1.00 44.44 ? 1067 HOH A O   1 
HETATM 944  O O   . HOH D 4 .   ? 2.258   18.803  3.436   1.00 34.40 ? 1068 HOH A O   1 
HETATM 945  O O   . HOH D 4 .   ? -7.981  7.245   5.631   1.00 41.10 ? 1069 HOH A O   1 
HETATM 946  O O   . HOH D 4 .   ? -12.794 3.460   -4.172  1.00 37.72 ? 1070 HOH A O   1 
HETATM 947  O O   . HOH D 4 .   ? 0.642   14.207  -11.883 1.00 42.33 ? 1071 HOH A O   1 
HETATM 948  O O   . HOH D 4 .   ? 9.263   8.461   5.346   1.00 37.12 ? 1072 HOH A O   1 
HETATM 949  O O   . HOH D 4 .   ? -13.748 2.878   6.236   1.00 47.28 ? 1073 HOH A O   1 
HETATM 950  O O   . HOH D 4 .   ? 1.087   0.181   -16.674 1.00 46.22 ? 1074 HOH A O   1 
HETATM 951  O O   . HOH D 4 .   ? 12.773  -1.511  -1.086  1.00 30.28 ? 1075 HOH A O   1 
HETATM 952  O O   . HOH D 4 .   ? -12.158 2.659   -6.522  1.00 37.51 ? 1076 HOH A O   1 
HETATM 953  O O   . HOH D 4 .   ? 4.365   18.503  1.556   1.00 40.01 ? 1077 HOH A O   1 
HETATM 954  O O   . HOH D 4 .   ? -10.578 0.792   -5.399  1.00 46.73 ? 1078 HOH A O   1 
HETATM 955  O O   . HOH D 4 .   ? -4.360  14.473  3.666   1.00 45.47 ? 1079 HOH A O   1 
HETATM 956  O O   . HOH D 4 .   ? -6.263  9.849   4.431   1.00 44.87 ? 1080 HOH A O   1 
HETATM 957  O O   . HOH D 4 .   ? 6.443   -12.593 -3.431  1.00 39.75 ? 1081 HOH A O   1 
HETATM 958  O O   . HOH D 4 .   ? 14.788  8.855   -9.032  1.00 50.42 ? 1082 HOH A O   1 
HETATM 959  O O   . HOH D 4 .   ? 12.048  10.888  1.395   1.00 45.14 ? 1083 HOH A O   1 
HETATM 960  O O   . HOH D 4 .   ? -15.639 -8.857  5.326   1.00 49.29 ? 1084 HOH A O   1 
HETATM 961  O O   . HOH D 4 .   ? 2.764   -14.936 1.964   1.00 42.91 ? 1085 HOH A O   1 
HETATM 962  O O   . HOH D 4 .   ? -2.583  -7.105  -12.821 1.00 39.77 ? 1086 HOH A O   1 
HETATM 963  O O   . HOH D 4 .   ? -4.665  -8.853  -13.000 1.00 50.56 ? 1087 HOH A O   1 
HETATM 964  O O   . HOH D 4 .   ? -11.273 2.685   2.020   1.00 46.90 ? 1088 HOH A O   1 
HETATM 965  O O   . HOH D 4 .   ? 0.317   -4.286  -15.743 1.00 37.95 ? 1089 HOH A O   1 
HETATM 966  O O   . HOH D 4 .   ? -8.504  9.807   0.979   1.00 34.33 ? 1090 HOH A O   1 
HETATM 967  O O   . HOH D 4 .   ? 4.111   21.472  1.208   1.00 38.56 ? 1091 HOH A O   1 
HETATM 968  O O   . HOH D 4 .   ? -8.375  -16.685 -8.228  1.00 39.60 ? 1092 HOH A O   1 
HETATM 969  O O   . HOH D 4 .   ? 6.621   5.584   -11.365 1.00 46.67 ? 1093 HOH A O   1 
HETATM 970  O O   . HOH D 4 .   ? 15.918  -5.004  1.127   1.00 45.44 ? 1094 HOH A O   1 
HETATM 971  O O   . HOH D 4 .   ? -8.306  7.240   14.035  1.00 49.23 ? 1095 HOH A O   1 
HETATM 972  O O   . HOH D 4 .   ? 13.238  3.023   4.375   1.00 44.62 ? 1096 HOH A O   1 
HETATM 973  O O   . HOH D 4 .   ? 3.995   -18.324 -5.611  1.00 36.37 ? 1097 HOH A O   1 
HETATM 974  O O   . HOH D 4 .   ? 0.000   -19.006 -3.675  1.00 43.42 ? 1098 HOH A O   1 
HETATM 975  O O   . HOH D 4 .   ? 6.603   -7.146  11.636  1.00 60.15 ? 1099 HOH A O   1 
HETATM 976  O O   . HOH D 4 .   ? 10.631  -10.648 8.780   1.00 46.13 ? 1100 HOH A O   1 
HETATM 977  O O   . HOH D 4 .   ? -13.420 -1.794  11.240  1.00 54.78 ? 1101 HOH A O   1 
HETATM 978  O O   . HOH D 4 .   ? -3.750  -17.409 -7.802  1.00 44.74 ? 1102 HOH A O   1 
HETATM 979  O O   . HOH D 4 .   ? -14.733 -0.725  9.085   1.00 46.57 ? 1103 HOH A O   1 
HETATM 980  O O   . HOH D 4 .   ? -4.481  -15.020 -8.830  1.00 44.83 ? 1104 HOH A O   1 
HETATM 981  O O   . HOH D 4 .   ? -5.108  -16.132 9.060   1.00 48.44 ? 1105 HOH A O   1 
HETATM 982  O O   . HOH D 4 .   ? -1.629  -13.284 -11.814 1.00 43.88 ? 1106 HOH A O   1 
HETATM 983  O O   . HOH D 4 .   ? 11.667  18.103  3.748   1.00 41.48 ? 1107 HOH A O   1 
HETATM 984  O O   . HOH D 4 .   ? -6.556  4.458   13.913  1.00 49.00 ? 1108 HOH A O   1 
HETATM 985  O O   . HOH D 4 .   ? 1.773   -16.434 13.545  1.00 48.48 ? 1109 HOH A O   1 
HETATM 986  O O   . HOH D 4 .   ? 10.638  6.049   7.591   1.00 47.55 ? 1110 HOH A O   1 
HETATM 987  O O   . HOH D 4 .   ? 6.280   12.542  -9.027  1.00 52.85 ? 1111 HOH A O   1 
HETATM 988  O O   . HOH D 4 .   ? 11.118  15.877  0.479   1.00 47.15 ? 1112 HOH A O   1 
HETATM 989  O O   . HOH D 4 .   ? -0.944  17.615  7.249   1.00 52.08 ? 1113 HOH A O   1 
HETATM 990  O O   . HOH D 4 .   ? 13.266  -10.313 10.009  1.00 54.62 ? 1114 HOH A O   1 
HETATM 991  O O   . HOH D 4 .   ? 1.612   -16.718 -3.354  1.00 52.58 ? 1115 HOH A O   1 
HETATM 992  O O   . HOH D 4 .   ? -14.329 -11.192 4.212   1.00 52.82 ? 1116 HOH A O   1 
HETATM 993  O O   . HOH D 4 .   ? 11.816  -11.019 3.847   1.00 63.78 ? 1117 HOH A O   1 
HETATM 994  O O   . HOH D 4 .   ? 12.265  -7.269  -3.922  1.00 40.42 ? 1118 HOH A O   1 
HETATM 995  O O   . HOH D 4 .   ? -14.045 8.356   -4.845  1.00 44.20 ? 1119 HOH A O   1 
HETATM 996  O O   . HOH D 4 .   ? 0.760   10.953  -14.993 1.00 50.61 ? 1120 HOH A O   1 
HETATM 997  O O   . HOH D 4 .   ? 14.067  -5.717  11.909  1.00 40.07 ? 1121 HOH A O   1 
HETATM 998  O O   . HOH D 4 .   ? 11.887  -8.469  -6.199  1.00 41.71 ? 1122 HOH A O   1 
HETATM 999  O O   . HOH D 4 .   ? -5.173  -6.118  -10.870 1.00 52.48 ? 1123 HOH A O   1 
HETATM 1000 O O   . HOH D 4 .   ? 9.031   17.560  0.471   1.00 40.36 ? 1124 HOH A O   1 
HETATM 1001 O O   . HOH D 4 .   ? 14.407  -9.283  -4.452  1.00 55.91 ? 1125 HOH A O   1 
HETATM 1002 O O   . HOH D 4 .   ? -6.306  14.201  -10.320 1.00 54.18 ? 1126 HOH A O   1 
HETATM 1003 O O   . HOH D 4 .   ? -5.905  13.189  1.437   1.00 46.50 ? 1127 HOH A O   1 
HETATM 1004 O O   . HOH D 4 .   ? 18.714  -4.284  3.586   1.00 44.78 ? 1128 HOH A O   1 
HETATM 1005 O O   . HOH D 4 .   ? -9.861  9.221   8.332   1.00 55.23 ? 1129 HOH A O   1 
HETATM 1006 O O   . HOH D 4 .   ? -11.370 -1.351  3.907   1.00 48.55 ? 1130 HOH A O   1 
HETATM 1007 O O   . HOH D 4 .   ? -6.645  -9.035  13.937  1.00 56.51 ? 1131 HOH A O   1 
HETATM 1008 O O   . HOH D 4 .   ? 1.070   -13.021 -12.430 1.00 54.44 ? 1132 HOH A O   1 
HETATM 1009 O O   . HOH D 4 .   ? -17.789 -2.756  6.189   1.00 45.68 ? 1133 HOH A O   1 
HETATM 1010 O O   . HOH D 4 .   ? 1.166   -16.553 5.478   1.00 46.93 ? 1134 HOH A O   1 
HETATM 1011 O O   . HOH D 4 .   ? -9.719  3.252   -7.259  1.00 43.14 ? 1135 HOH A O   1 
HETATM 1012 O O   . HOH D 4 .   ? 10.756  12.394  -7.418  1.00 44.50 ? 1136 HOH A O   1 
HETATM 1013 O O   . HOH D 4 .   ? -13.776 0.781   -1.504  1.00 48.37 ? 1137 HOH A O   1 
HETATM 1014 O O   . HOH D 4 .   ? -11.204 5.530   -10.405 1.00 45.90 ? 1138 HOH A O   1 
HETATM 1015 O O   . HOH D 4 .   ? 2.235   4.059   -12.320 1.00 40.56 ? 1139 HOH A O   1 
HETATM 1016 O O   . HOH D 4 .   ? -6.723  21.484  1.051   1.00 50.32 ? 1140 HOH A O   1 
HETATM 1017 O O   . HOH D 4 .   ? -7.539  15.212  -6.852  1.00 45.78 ? 1141 HOH A O   1 
# 
